data_2N01
#
_entry.id   2N01
#
loop_
_entity.id
_entity.type
_entity.pdbx_description
1 polymer 'VirB7 protein'
2 polymer 'VirB9 protein'
#
loop_
_entity_poly.entity_id
_entity_poly.type
_entity_poly.pdbx_seq_one_letter_code
_entity_poly.pdbx_strand_id
1 'polypeptide(L)' (ACE)TKPAPDFGGRWKHVNHFDEAPTE(NH2) A
2 'polypeptide(L)'
;GSHMNAKILKDRRYYYDYDYATRTKKSWLIPSRVYDDGKFTYINMDLTRFPTGNFPAVFAREKEHAEDFLVNTTVEGNTL
IVHGTYPFLVVRHGDNVVGLRRNKQK
;
B
#
loop_
_chem_comp.id
_chem_comp.type
_chem_comp.name
_chem_comp.formula
ACE non-polymer 'ACETYL GROUP' 'C2 H4 O'
NH2 non-polymer 'AMINO GROUP' 'H2 N'
#
# COMPACT_ATOMS: atom_id res chain seq x y z
N THR A 2 -18.57 1.57 8.02
CA THR A 2 -19.50 1.91 6.97
C THR A 2 -18.87 2.94 6.03
N LYS A 3 -18.87 2.66 4.75
CA LYS A 3 -18.45 3.60 3.75
C LYS A 3 -19.47 3.59 2.63
N PRO A 4 -20.43 4.51 2.66
CA PRO A 4 -21.55 4.54 1.71
C PRO A 4 -21.20 5.21 0.38
N ALA A 5 -19.96 5.08 -0.01
CA ALA A 5 -19.46 5.65 -1.22
C ALA A 5 -18.22 4.88 -1.60
N PRO A 6 -17.84 4.85 -2.89
CA PRO A 6 -16.59 4.24 -3.33
C PRO A 6 -15.42 4.94 -2.65
N ASP A 7 -14.59 4.16 -2.01
CA ASP A 7 -13.44 4.67 -1.27
C ASP A 7 -12.41 5.20 -2.22
N PHE A 8 -12.03 4.36 -3.13
CA PHE A 8 -11.00 4.68 -4.06
C PHE A 8 -11.51 4.65 -5.48
N GLY A 9 -10.93 5.49 -6.30
CA GLY A 9 -11.29 5.60 -7.67
C GLY A 9 -10.82 6.92 -8.19
N GLY A 10 -11.39 7.35 -9.28
CA GLY A 10 -11.07 8.63 -9.85
C GLY A 10 -9.88 8.55 -10.77
N ARG A 11 -8.77 8.18 -10.22
CA ARG A 11 -7.56 8.06 -10.97
C ARG A 11 -6.73 6.89 -10.47
N TRP A 12 -6.87 5.78 -11.14
CA TRP A 12 -6.02 4.64 -10.91
C TRP A 12 -4.69 4.88 -11.56
N LYS A 13 -3.72 5.30 -10.81
CA LYS A 13 -2.42 5.50 -11.35
C LYS A 13 -1.45 4.55 -10.70
N HIS A 14 -0.51 4.05 -11.47
CA HIS A 14 0.51 3.19 -10.93
C HIS A 14 1.41 3.95 -9.97
N VAL A 15 1.84 3.27 -8.93
CA VAL A 15 2.72 3.88 -7.96
C VAL A 15 3.90 2.94 -7.70
N ASN A 16 4.04 2.01 -8.63
CA ASN A 16 5.08 0.93 -8.61
C ASN A 16 6.46 1.48 -8.24
N HIS A 17 7.18 0.71 -7.42
CA HIS A 17 8.49 1.10 -6.95
C HIS A 17 9.49 1.34 -8.08
N PHE A 18 9.52 2.54 -8.49
CA PHE A 18 10.49 3.09 -9.33
C PHE A 18 10.66 4.46 -8.75
N ASP A 19 11.31 4.46 -7.62
CA ASP A 19 11.37 5.62 -6.77
C ASP A 19 12.51 6.50 -7.18
N GLU A 20 13.42 5.88 -7.86
CA GLU A 20 14.59 6.51 -8.38
C GLU A 20 15.20 5.52 -9.34
N ALA A 21 15.15 4.28 -8.91
CA ALA A 21 15.56 3.11 -9.65
C ALA A 21 14.50 2.05 -9.38
N PRO A 22 14.47 0.91 -10.12
CA PRO A 22 13.50 -0.19 -9.86
C PRO A 22 13.59 -0.69 -8.40
N THR A 23 14.77 -0.63 -7.85
CA THR A 23 15.02 -0.89 -6.44
C THR A 23 16.27 -0.11 -6.08
N GLU A 24 17.32 -0.47 -6.80
CA GLU A 24 18.64 0.12 -6.74
C GLU A 24 19.52 -0.80 -7.55
N GLY B 1 20.82 -29.30 -6.65
CA GLY B 1 22.22 -29.69 -6.56
C GLY B 1 22.33 -31.17 -6.42
N SER B 2 23.03 -31.60 -5.41
CA SER B 2 23.22 -33.01 -5.15
C SER B 2 21.94 -33.60 -4.59
N HIS B 3 21.22 -34.34 -5.45
CA HIS B 3 19.96 -35.03 -5.13
C HIS B 3 18.79 -34.05 -4.99
N MET B 4 18.95 -33.08 -4.11
CA MET B 4 17.92 -32.12 -3.84
C MET B 4 18.44 -30.69 -3.96
N ASN B 5 17.62 -29.73 -3.63
CA ASN B 5 17.97 -28.32 -3.67
C ASN B 5 17.95 -27.75 -2.28
N ALA B 6 19.10 -27.38 -1.77
CA ALA B 6 19.19 -26.76 -0.47
C ALA B 6 19.03 -25.27 -0.63
N LYS B 7 17.85 -24.80 -0.36
CA LYS B 7 17.54 -23.40 -0.52
C LYS B 7 17.63 -22.63 0.77
N ILE B 8 18.56 -21.72 0.79
CA ILE B 8 18.86 -20.92 1.96
C ILE B 8 17.87 -19.78 2.04
N LEU B 9 17.36 -19.56 3.25
CA LEU B 9 16.39 -18.53 3.56
C LEU B 9 15.12 -18.69 2.73
N LYS B 10 14.30 -17.68 2.75
CA LYS B 10 13.11 -17.69 1.97
C LYS B 10 13.43 -17.10 0.62
N ASP B 11 12.63 -17.41 -0.35
CA ASP B 11 12.74 -16.77 -1.63
C ASP B 11 12.11 -15.42 -1.46
N ARG B 12 12.79 -14.41 -1.91
CA ARG B 12 12.31 -13.08 -1.70
C ARG B 12 11.92 -12.46 -3.00
N ARG B 13 10.82 -11.79 -2.97
CA ARG B 13 10.30 -11.11 -4.09
C ARG B 13 9.48 -9.97 -3.60
N TYR B 14 10.05 -8.81 -3.65
CA TYR B 14 9.36 -7.64 -3.29
C TYR B 14 8.52 -7.25 -4.46
N TYR B 15 7.27 -7.47 -4.31
CA TYR B 15 6.31 -7.32 -5.33
C TYR B 15 6.00 -5.85 -5.51
N TYR B 16 6.39 -5.34 -6.65
CA TYR B 16 6.30 -3.93 -6.89
C TYR B 16 5.13 -3.53 -7.78
N ASP B 17 4.14 -4.39 -8.00
CA ASP B 17 3.03 -3.92 -8.85
C ASP B 17 1.83 -3.67 -8.01
N TYR B 18 1.49 -2.44 -7.88
CA TYR B 18 0.42 -1.97 -7.17
C TYR B 18 0.02 -0.62 -7.75
N ASP B 19 -1.21 -0.30 -7.66
CA ASP B 19 -1.70 0.97 -8.16
C ASP B 19 -2.45 1.64 -7.06
N TYR B 20 -2.62 2.93 -7.13
CA TYR B 20 -3.41 3.62 -6.14
C TYR B 20 -4.49 4.40 -6.80
N ALA B 21 -5.56 4.54 -6.12
CA ALA B 21 -6.62 5.39 -6.50
C ALA B 21 -7.08 6.07 -5.26
N THR B 22 -7.47 7.29 -5.37
CA THR B 22 -7.89 8.00 -4.20
C THR B 22 -8.77 9.16 -4.55
N ARG B 23 -9.64 9.49 -3.63
CA ARG B 23 -10.55 10.57 -3.79
C ARG B 23 -10.11 11.75 -2.94
N THR B 24 -8.92 11.67 -2.36
CA THR B 24 -8.37 12.77 -1.64
C THR B 24 -7.31 13.40 -2.53
N LYS B 25 -6.97 14.64 -2.28
CA LYS B 25 -5.99 15.31 -3.08
C LYS B 25 -4.79 15.74 -2.24
N LYS B 26 -4.73 15.18 -1.05
CA LYS B 26 -3.64 15.45 -0.14
C LYS B 26 -2.50 14.51 -0.43
N SER B 27 -1.38 15.07 -0.78
CA SER B 27 -0.19 14.32 -1.13
C SER B 27 0.43 13.58 0.05
N TRP B 28 0.09 14.02 1.23
CA TRP B 28 0.61 13.45 2.47
C TRP B 28 -0.23 12.28 2.95
N LEU B 29 -1.18 11.91 2.13
CA LEU B 29 -2.05 10.79 2.44
C LEU B 29 -1.83 9.67 1.42
N ILE B 30 -1.20 10.00 0.33
CA ILE B 30 -0.96 9.05 -0.74
C ILE B 30 0.41 8.40 -0.58
N PRO B 31 0.46 7.06 -0.59
CA PRO B 31 1.71 6.30 -0.47
C PRO B 31 2.67 6.61 -1.61
N SER B 32 3.92 6.71 -1.27
CA SER B 32 4.95 6.99 -2.22
C SER B 32 5.57 5.69 -2.73
N ARG B 33 5.52 4.64 -1.92
CA ARG B 33 6.13 3.37 -2.30
C ARG B 33 5.35 2.26 -1.62
N VAL B 34 5.11 1.17 -2.31
CA VAL B 34 4.47 -0.02 -1.73
C VAL B 34 5.26 -1.21 -2.23
N TYR B 35 5.46 -2.20 -1.42
CA TYR B 35 5.93 -3.49 -1.91
C TYR B 35 5.74 -4.56 -0.89
N ASP B 36 5.31 -5.69 -1.30
CA ASP B 36 5.22 -6.81 -0.35
C ASP B 36 6.24 -7.84 -0.65
N ASP B 37 6.50 -8.64 0.33
CA ASP B 37 7.30 -9.82 0.16
C ASP B 37 6.66 -10.90 0.96
N GLY B 38 6.12 -11.87 0.26
CA GLY B 38 5.48 -13.01 0.85
C GLY B 38 4.16 -12.68 1.55
N LYS B 39 4.22 -11.85 2.56
CA LYS B 39 3.10 -11.54 3.40
C LYS B 39 3.15 -10.10 3.84
N PHE B 40 4.31 -9.63 4.18
CA PHE B 40 4.43 -8.32 4.74
C PHE B 40 4.48 -7.29 3.64
N THR B 41 3.53 -6.41 3.69
CA THR B 41 3.42 -5.38 2.70
C THR B 41 3.92 -4.09 3.30
N TYR B 42 4.94 -3.55 2.72
CA TYR B 42 5.60 -2.35 3.18
C TYR B 42 5.06 -1.16 2.42
N ILE B 43 4.43 -0.27 3.13
CA ILE B 43 3.83 0.90 2.52
C ILE B 43 4.51 2.17 3.03
N ASN B 44 5.29 2.80 2.19
CA ASN B 44 5.96 4.05 2.54
C ASN B 44 5.04 5.19 2.28
N MET B 45 4.67 5.88 3.33
CA MET B 45 3.75 7.00 3.22
C MET B 45 4.29 8.18 4.00
N ASP B 46 3.59 9.29 3.93
CA ASP B 46 4.05 10.53 4.58
C ASP B 46 3.57 10.53 6.04
N LEU B 47 3.94 9.47 6.75
CA LEU B 47 3.49 9.25 8.14
C LEU B 47 4.10 10.22 9.12
N THR B 48 5.05 10.95 8.65
CA THR B 48 5.75 11.95 9.43
C THR B 48 4.79 13.13 9.78
N ARG B 49 3.61 13.14 9.19
CA ARG B 49 2.62 14.19 9.46
C ARG B 49 1.77 13.78 10.64
N PHE B 50 1.99 12.59 11.10
CA PHE B 50 1.22 12.04 12.19
C PHE B 50 2.04 11.85 13.45
N PRO B 51 1.96 12.81 14.38
CA PRO B 51 2.65 12.76 15.65
C PRO B 51 1.77 12.16 16.76
N THR B 52 2.35 12.00 17.94
CA THR B 52 1.67 11.47 19.14
C THR B 52 1.34 9.96 18.96
N GLY B 53 1.93 9.36 17.92
CA GLY B 53 1.67 7.99 17.60
C GLY B 53 0.32 7.85 16.95
N ASN B 54 -0.20 8.96 16.46
CA ASN B 54 -1.53 9.02 15.89
C ASN B 54 -1.43 8.71 14.41
N PHE B 55 -0.96 7.53 14.14
CA PHE B 55 -0.79 7.05 12.79
C PHE B 55 -2.13 6.63 12.20
N PRO B 56 -2.26 6.68 10.85
CA PRO B 56 -3.50 6.33 10.15
C PRO B 56 -3.82 4.84 10.23
N ALA B 57 -5.01 4.51 9.83
CA ALA B 57 -5.47 3.16 9.88
C ALA B 57 -5.36 2.54 8.51
N VAL B 58 -5.03 1.30 8.46
CA VAL B 58 -4.90 0.61 7.21
C VAL B 58 -5.68 -0.69 7.28
N PHE B 59 -6.30 -1.02 6.22
CA PHE B 59 -7.14 -2.17 6.10
C PHE B 59 -6.73 -2.93 4.87
N ALA B 60 -7.10 -4.14 4.82
CA ALA B 60 -6.85 -4.99 3.72
C ALA B 60 -8.17 -5.38 3.12
N ARG B 61 -8.18 -5.65 1.85
CA ARG B 61 -9.39 -6.13 1.20
C ARG B 61 -9.11 -7.32 0.33
N GLU B 62 -10.04 -8.24 0.29
CA GLU B 62 -9.90 -9.43 -0.55
C GLU B 62 -10.34 -9.12 -1.97
N LYS B 63 -11.09 -8.07 -2.11
CA LYS B 63 -11.58 -7.62 -3.37
C LYS B 63 -11.76 -6.13 -3.22
N GLU B 64 -11.82 -5.39 -4.30
CA GLU B 64 -11.85 -3.94 -4.26
C GLU B 64 -13.09 -3.40 -3.54
N HIS B 65 -14.18 -4.12 -3.61
CA HIS B 65 -15.42 -3.74 -2.92
C HIS B 65 -15.78 -4.75 -1.84
N ALA B 66 -14.75 -5.37 -1.27
CA ALA B 66 -14.94 -6.29 -0.16
C ALA B 66 -14.92 -5.49 1.14
N GLU B 67 -14.97 -6.18 2.26
CA GLU B 67 -14.93 -5.51 3.52
C GLU B 67 -13.50 -5.13 3.87
N ASP B 68 -13.39 -4.14 4.68
CA ASP B 68 -12.12 -3.63 5.13
C ASP B 68 -11.67 -4.43 6.32
N PHE B 69 -10.61 -5.16 6.15
CA PHE B 69 -10.04 -5.97 7.19
C PHE B 69 -9.04 -5.16 7.95
N LEU B 70 -9.18 -5.13 9.24
CA LEU B 70 -8.36 -4.35 10.10
C LEU B 70 -6.89 -4.81 10.08
N VAL B 71 -6.73 -6.10 9.86
CA VAL B 71 -5.46 -6.85 9.85
C VAL B 71 -4.45 -6.44 10.95
N ASN B 72 -3.24 -6.90 10.81
CA ASN B 72 -2.18 -6.52 11.72
C ASN B 72 -1.19 -5.68 10.98
N THR B 73 -0.81 -4.60 11.56
CA THR B 73 0.09 -3.70 10.92
C THR B 73 1.09 -3.12 11.93
N THR B 74 2.32 -3.05 11.52
CA THR B 74 3.35 -2.43 12.33
C THR B 74 3.83 -1.18 11.59
N VAL B 75 4.18 -0.16 12.32
CA VAL B 75 4.62 1.06 11.73
C VAL B 75 6.09 1.34 12.03
N GLU B 76 6.89 1.22 11.01
CA GLU B 76 8.31 1.46 11.11
C GLU B 76 8.66 2.73 10.38
N GLY B 77 8.82 3.76 11.15
CA GLY B 77 9.17 5.06 10.62
C GLY B 77 8.04 5.64 9.82
N ASN B 78 8.14 5.51 8.53
CA ASN B 78 7.12 6.02 7.63
C ASN B 78 6.54 4.87 6.81
N THR B 79 6.81 3.67 7.23
CA THR B 79 6.41 2.53 6.49
C THR B 79 5.42 1.67 7.30
N LEU B 80 4.28 1.35 6.72
CA LEU B 80 3.34 0.45 7.36
C LEU B 80 3.60 -0.93 6.86
N ILE B 81 3.79 -1.82 7.76
CA ILE B 81 4.00 -3.22 7.46
C ILE B 81 2.70 -3.96 7.71
N VAL B 82 2.01 -4.28 6.66
CA VAL B 82 0.76 -5.00 6.75
C VAL B 82 1.06 -6.48 6.75
N HIS B 83 0.68 -7.13 7.82
CA HIS B 83 0.94 -8.52 7.94
C HIS B 83 -0.10 -9.30 7.17
N GLY B 84 0.28 -9.73 6.01
CA GLY B 84 -0.58 -10.56 5.21
C GLY B 84 -0.80 -9.96 3.84
N THR B 85 -0.68 -10.77 2.82
CA THR B 85 -0.83 -10.30 1.48
C THR B 85 -2.26 -10.42 0.98
N TYR B 86 -2.76 -9.30 0.51
CA TYR B 86 -4.11 -9.21 -0.02
C TYR B 86 -4.03 -8.55 -1.37
N PRO B 87 -4.94 -8.88 -2.29
CA PRO B 87 -4.95 -8.28 -3.63
C PRO B 87 -5.30 -6.79 -3.61
N PHE B 88 -5.94 -6.32 -2.55
CA PHE B 88 -6.33 -4.93 -2.44
C PHE B 88 -6.10 -4.46 -1.02
N LEU B 89 -5.72 -3.23 -0.87
CA LEU B 89 -5.47 -2.64 0.43
C LEU B 89 -6.15 -1.29 0.48
N VAL B 90 -6.55 -0.88 1.64
CA VAL B 90 -7.23 0.39 1.81
C VAL B 90 -6.59 1.14 2.95
N VAL B 91 -6.24 2.35 2.72
CA VAL B 91 -5.59 3.16 3.73
C VAL B 91 -6.52 4.31 4.08
N ARG B 92 -6.65 4.60 5.35
CA ARG B 92 -7.55 5.61 5.78
C ARG B 92 -6.83 6.55 6.72
N HIS B 93 -6.74 7.76 6.30
CA HIS B 93 -6.13 8.79 7.08
C HIS B 93 -7.22 9.69 7.55
N GLY B 94 -7.60 9.53 8.79
CA GLY B 94 -8.70 10.26 9.33
C GLY B 94 -9.97 9.80 8.66
N ASP B 95 -10.57 10.65 7.90
CA ASP B 95 -11.75 10.29 7.14
C ASP B 95 -11.48 10.41 5.66
N ASN B 96 -10.21 10.34 5.31
CA ASN B 96 -9.75 10.37 3.94
C ASN B 96 -9.31 9.00 3.61
N VAL B 97 -9.39 8.62 2.37
CA VAL B 97 -9.11 7.25 2.05
C VAL B 97 -8.39 7.09 0.70
N VAL B 98 -7.46 6.15 0.67
CA VAL B 98 -6.69 5.81 -0.52
C VAL B 98 -6.79 4.30 -0.70
N GLY B 99 -6.88 3.85 -1.92
CA GLY B 99 -6.96 2.45 -2.18
C GLY B 99 -5.80 1.99 -2.99
N LEU B 100 -5.25 0.89 -2.61
CA LEU B 100 -4.13 0.26 -3.28
C LEU B 100 -4.55 -1.07 -3.80
N ARG B 101 -3.97 -1.46 -4.89
CA ARG B 101 -4.26 -2.75 -5.42
C ARG B 101 -2.98 -3.37 -5.81
N ARG B 102 -2.86 -4.59 -5.57
CA ARG B 102 -1.68 -5.34 -5.91
C ARG B 102 -2.04 -6.07 -7.18
N ASN B 103 -1.28 -5.88 -8.20
CA ASN B 103 -1.64 -6.44 -9.49
C ASN B 103 -0.90 -7.68 -9.77
N LYS B 104 -1.63 -8.75 -10.02
CA LYS B 104 -1.02 -10.03 -10.34
C LYS B 104 -0.23 -9.97 -11.65
N GLN B 105 0.57 -10.96 -11.87
CA GLN B 105 1.31 -11.04 -13.09
C GLN B 105 0.67 -12.06 -13.99
N LYS B 106 0.13 -11.57 -15.10
CA LYS B 106 -0.57 -12.37 -16.12
C LYS B 106 -1.56 -13.41 -15.56
N THR A 2 -15.99 1.78 12.75
CA THR A 2 -17.11 0.88 12.59
C THR A 2 -17.76 1.06 11.21
N LYS A 3 -18.00 2.30 10.80
CA LYS A 3 -18.65 2.58 9.53
C LYS A 3 -17.75 3.48 8.71
N PRO A 4 -16.88 2.91 7.88
CA PRO A 4 -15.99 3.70 7.06
C PRO A 4 -16.65 4.05 5.74
N ALA A 5 -16.11 5.04 5.09
CA ALA A 5 -16.62 5.47 3.82
C ALA A 5 -15.59 5.21 2.73
N PRO A 6 -15.82 4.17 1.90
CA PRO A 6 -14.96 3.85 0.77
C PRO A 6 -14.93 5.01 -0.22
N ASP A 7 -13.90 5.82 -0.12
CA ASP A 7 -13.74 6.99 -0.97
C ASP A 7 -12.65 6.75 -2.00
N PHE A 8 -12.12 5.53 -2.00
CA PHE A 8 -11.04 5.18 -2.90
C PHE A 8 -11.58 5.03 -4.30
N GLY A 9 -10.83 5.49 -5.22
CA GLY A 9 -11.21 5.45 -6.59
C GLY A 9 -10.79 6.71 -7.22
N GLY A 10 -11.48 7.12 -8.24
CA GLY A 10 -11.17 8.36 -8.86
C GLY A 10 -10.04 8.22 -9.85
N ARG A 11 -8.84 8.23 -9.35
CA ARG A 11 -7.68 8.12 -10.19
C ARG A 11 -6.85 6.93 -9.77
N TRP A 12 -7.08 5.83 -10.42
CA TRP A 12 -6.27 4.64 -10.25
C TRP A 12 -4.96 4.82 -10.99
N LYS A 13 -3.91 5.09 -10.27
CA LYS A 13 -2.63 5.30 -10.91
C LYS A 13 -1.59 4.39 -10.31
N HIS A 14 -0.71 3.87 -11.16
CA HIS A 14 0.33 2.95 -10.74
C HIS A 14 1.33 3.63 -9.84
N VAL A 15 1.66 2.96 -8.77
CA VAL A 15 2.60 3.42 -7.81
C VAL A 15 3.57 2.27 -7.54
N ASN A 16 3.86 1.55 -8.60
CA ASN A 16 4.71 0.39 -8.56
C ASN A 16 6.13 0.77 -8.15
N HIS A 17 6.47 0.39 -6.93
CA HIS A 17 7.68 0.74 -6.26
C HIS A 17 7.62 2.21 -5.93
N PHE A 18 8.18 3.00 -6.76
CA PHE A 18 8.19 4.45 -6.60
C PHE A 18 8.29 5.06 -7.98
N ASP A 19 8.15 4.23 -8.96
CA ASP A 19 8.45 4.62 -10.26
C ASP A 19 7.16 4.63 -11.05
N GLU A 20 7.29 4.61 -12.33
CA GLU A 20 6.18 4.63 -13.25
C GLU A 20 6.47 3.73 -14.45
N ALA A 21 7.46 2.86 -14.29
CA ALA A 21 7.82 1.91 -15.32
C ALA A 21 6.70 0.90 -15.50
N PRO A 22 6.35 0.53 -16.73
CA PRO A 22 5.20 -0.34 -17.02
C PRO A 22 5.49 -1.85 -16.99
N THR A 23 6.61 -2.23 -16.37
CA THR A 23 7.09 -3.63 -16.29
C THR A 23 6.90 -4.42 -17.62
N GLU A 24 7.72 -4.12 -18.59
CA GLU A 24 7.58 -4.74 -19.86
C GLU A 24 8.52 -5.93 -19.94
N GLY B 1 9.75 -29.74 5.70
CA GLY B 1 10.94 -30.11 4.97
C GLY B 1 11.86 -28.93 4.79
N SER B 2 13.09 -29.19 4.45
CA SER B 2 14.07 -28.15 4.30
C SER B 2 14.14 -27.67 2.85
N HIS B 3 13.80 -28.53 1.90
CA HIS B 3 13.86 -28.15 0.49
C HIS B 3 12.67 -27.27 0.15
N MET B 4 11.50 -27.71 0.62
CA MET B 4 10.21 -27.02 0.42
C MET B 4 9.84 -26.87 -1.04
N ASN B 5 10.20 -25.77 -1.62
CA ASN B 5 9.91 -25.48 -3.01
C ASN B 5 11.04 -24.72 -3.62
N ALA B 6 11.00 -24.58 -4.91
CA ALA B 6 11.99 -23.86 -5.64
C ALA B 6 11.46 -22.47 -5.97
N LYS B 7 12.22 -21.47 -5.60
CA LYS B 7 11.86 -20.12 -5.87
C LYS B 7 12.15 -19.80 -7.34
N ILE B 8 11.14 -19.43 -8.04
CA ILE B 8 11.29 -19.07 -9.44
C ILE B 8 11.78 -17.64 -9.49
N LEU B 9 12.76 -17.38 -10.36
CA LEU B 9 13.46 -16.12 -10.44
C LEU B 9 14.14 -15.83 -9.11
N LYS B 10 15.23 -16.54 -8.93
CA LYS B 10 16.03 -16.54 -7.70
C LYS B 10 16.40 -15.13 -7.23
N ASP B 11 15.83 -14.77 -6.11
CA ASP B 11 16.00 -13.50 -5.43
C ASP B 11 14.96 -13.57 -4.33
N ARG B 12 14.57 -12.46 -3.80
CA ARG B 12 13.49 -12.43 -2.84
C ARG B 12 12.17 -12.42 -3.60
N ARG B 13 11.09 -12.24 -2.92
CA ARG B 13 9.81 -12.34 -3.54
C ARG B 13 9.06 -11.05 -3.40
N TYR B 14 9.82 -9.96 -3.56
CA TYR B 14 9.30 -8.63 -3.51
C TYR B 14 8.44 -8.34 -4.72
N TYR B 15 7.21 -8.00 -4.49
CA TYR B 15 6.34 -7.63 -5.54
C TYR B 15 6.16 -6.13 -5.45
N TYR B 16 6.38 -5.44 -6.53
CA TYR B 16 6.38 -3.98 -6.50
C TYR B 16 5.18 -3.36 -7.18
N ASP B 17 4.43 -4.14 -7.92
CA ASP B 17 3.39 -3.54 -8.76
C ASP B 17 2.07 -3.34 -8.04
N TYR B 18 1.73 -2.08 -7.85
CA TYR B 18 0.55 -1.63 -7.12
C TYR B 18 0.02 -0.35 -7.73
N ASP B 19 -1.23 -0.05 -7.49
CA ASP B 19 -1.82 1.25 -7.87
C ASP B 19 -2.46 1.81 -6.66
N TYR B 20 -2.67 3.09 -6.66
CA TYR B 20 -3.41 3.73 -5.61
C TYR B 20 -4.55 4.50 -6.23
N ALA B 21 -5.62 4.59 -5.53
CA ALA B 21 -6.74 5.37 -5.94
C ALA B 21 -7.28 6.10 -4.76
N THR B 22 -7.54 7.34 -4.94
CA THR B 22 -8.06 8.18 -3.93
C THR B 22 -8.51 9.46 -4.60
N ARG B 23 -9.30 10.24 -3.93
CA ARG B 23 -9.73 11.50 -4.50
C ARG B 23 -8.95 12.62 -3.89
N THR B 24 -8.13 12.30 -2.90
CA THR B 24 -7.32 13.28 -2.28
C THR B 24 -6.05 13.46 -3.12
N LYS B 25 -5.50 14.65 -3.13
CA LYS B 25 -4.29 14.89 -3.86
C LYS B 25 -3.16 15.23 -2.90
N LYS B 26 -3.44 15.08 -1.63
CA LYS B 26 -2.47 15.38 -0.59
C LYS B 26 -1.42 14.29 -0.54
N SER B 27 -0.18 14.66 -0.78
CA SER B 27 0.94 13.72 -0.84
C SER B 27 1.35 13.15 0.52
N TRP B 28 0.68 13.62 1.55
CA TRP B 28 0.89 13.15 2.89
C TRP B 28 -0.22 12.19 3.32
N LEU B 29 -1.08 11.92 2.37
CA LEU B 29 -2.18 10.98 2.57
C LEU B 29 -2.01 9.81 1.62
N ILE B 30 -1.33 10.08 0.53
CA ILE B 30 -1.09 9.12 -0.53
C ILE B 30 0.26 8.41 -0.33
N PRO B 31 0.31 7.09 -0.59
CA PRO B 31 1.55 6.33 -0.53
C PRO B 31 2.46 6.68 -1.69
N SER B 32 3.72 6.79 -1.41
CA SER B 32 4.68 7.10 -2.42
C SER B 32 5.40 5.86 -2.92
N ARG B 33 5.52 4.85 -2.06
CA ARG B 33 6.20 3.63 -2.44
C ARG B 33 5.43 2.47 -1.89
N VAL B 34 5.19 1.47 -2.71
CA VAL B 34 4.45 0.30 -2.24
C VAL B 34 5.06 -0.95 -2.84
N TYR B 35 5.41 -1.89 -1.98
CA TYR B 35 5.90 -3.18 -2.40
C TYR B 35 5.79 -4.18 -1.28
N ASP B 36 5.66 -5.43 -1.58
CA ASP B 36 5.61 -6.46 -0.55
C ASP B 36 6.68 -7.46 -0.79
N ASP B 37 6.90 -8.29 0.17
CA ASP B 37 7.75 -9.46 0.00
C ASP B 37 7.07 -10.58 0.69
N GLY B 38 6.59 -11.51 -0.09
CA GLY B 38 5.95 -12.71 0.42
C GLY B 38 4.59 -12.49 1.08
N LYS B 39 4.58 -11.68 2.12
CA LYS B 39 3.45 -11.46 2.97
C LYS B 39 3.45 -10.03 3.47
N PHE B 40 4.59 -9.55 3.84
CA PHE B 40 4.69 -8.25 4.45
C PHE B 40 4.70 -7.19 3.40
N THR B 41 3.72 -6.34 3.44
CA THR B 41 3.58 -5.31 2.48
C THR B 41 4.07 -4.00 3.09
N TYR B 42 5.03 -3.40 2.45
CA TYR B 42 5.66 -2.19 2.90
C TYR B 42 5.10 -1.02 2.12
N ILE B 43 4.43 -0.15 2.81
CA ILE B 43 3.81 0.99 2.18
C ILE B 43 4.43 2.25 2.74
N ASN B 44 5.21 2.93 1.95
CA ASN B 44 5.83 4.17 2.35
C ASN B 44 4.86 5.27 2.12
N MET B 45 4.46 5.89 3.18
CA MET B 45 3.50 6.97 3.12
C MET B 45 4.04 8.07 3.98
N ASP B 46 3.35 9.17 4.09
CA ASP B 46 3.89 10.25 4.89
C ASP B 46 3.28 10.22 6.26
N LEU B 47 3.61 9.16 6.99
CA LEU B 47 3.07 8.93 8.32
C LEU B 47 3.69 9.88 9.32
N THR B 48 4.71 10.54 8.88
CA THR B 48 5.44 11.50 9.64
C THR B 48 4.62 12.76 9.89
N ARG B 49 3.50 12.86 9.22
CA ARG B 49 2.57 13.98 9.44
C ARG B 49 1.61 13.62 10.54
N PHE B 50 1.74 12.43 11.02
CA PHE B 50 0.89 11.93 12.07
C PHE B 50 1.72 11.54 13.31
N PRO B 51 1.95 12.50 14.20
CA PRO B 51 2.62 12.28 15.45
C PRO B 51 1.59 12.03 16.56
N THR B 52 2.07 11.74 17.75
CA THR B 52 1.24 11.57 18.95
C THR B 52 0.42 10.24 18.89
N GLY B 53 0.79 9.38 17.95
CA GLY B 53 0.10 8.13 17.80
C GLY B 53 -1.07 8.24 16.86
N ASN B 54 -1.15 9.35 16.15
CA ASN B 54 -2.26 9.61 15.21
C ASN B 54 -2.06 8.92 13.87
N PHE B 55 -1.34 7.81 13.90
CA PHE B 55 -1.10 7.00 12.72
C PHE B 55 -2.43 6.53 12.13
N PRO B 56 -2.53 6.46 10.80
CA PRO B 56 -3.75 6.10 10.10
C PRO B 56 -4.16 4.64 10.37
N ALA B 57 -5.38 4.33 10.03
CA ALA B 57 -5.90 3.00 10.20
C ALA B 57 -5.77 2.26 8.89
N VAL B 58 -5.07 1.16 8.93
CA VAL B 58 -4.85 0.34 7.76
C VAL B 58 -5.82 -0.82 7.75
N PHE B 59 -6.38 -1.10 6.62
CA PHE B 59 -7.22 -2.23 6.42
C PHE B 59 -6.82 -2.93 5.14
N ALA B 60 -7.19 -4.16 5.03
CA ALA B 60 -6.89 -4.96 3.89
C ALA B 60 -8.19 -5.43 3.29
N ARG B 61 -8.20 -5.66 2.02
CA ARG B 61 -9.38 -6.20 1.36
C ARG B 61 -9.02 -7.36 0.45
N GLU B 62 -9.87 -8.35 0.39
CA GLU B 62 -9.63 -9.48 -0.49
C GLU B 62 -10.19 -9.18 -1.88
N LYS B 63 -11.05 -8.18 -1.95
CA LYS B 63 -11.63 -7.71 -3.20
C LYS B 63 -11.84 -6.24 -3.04
N GLU B 64 -12.01 -5.54 -4.14
CA GLU B 64 -12.20 -4.11 -4.09
C GLU B 64 -13.49 -3.74 -3.36
N HIS B 65 -14.48 -4.61 -3.46
CA HIS B 65 -15.75 -4.40 -2.77
C HIS B 65 -15.92 -5.38 -1.61
N ALA B 66 -14.81 -5.86 -1.07
CA ALA B 66 -14.86 -6.70 0.10
C ALA B 66 -14.88 -5.82 1.33
N GLU B 67 -15.03 -6.41 2.50
CA GLU B 67 -15.00 -5.64 3.71
C GLU B 67 -13.57 -5.28 4.07
N ASP B 68 -13.43 -4.26 4.85
CA ASP B 68 -12.14 -3.80 5.31
C ASP B 68 -11.71 -4.64 6.48
N PHE B 69 -10.63 -5.33 6.31
CA PHE B 69 -10.06 -6.18 7.33
C PHE B 69 -9.09 -5.38 8.12
N LEU B 70 -9.21 -5.43 9.41
CA LEU B 70 -8.41 -4.62 10.32
C LEU B 70 -6.95 -5.07 10.34
N VAL B 71 -6.76 -6.34 9.94
CA VAL B 71 -5.47 -7.05 9.84
C VAL B 71 -4.42 -6.70 10.91
N ASN B 72 -3.21 -7.05 10.65
CA ASN B 72 -2.11 -6.69 11.52
C ASN B 72 -1.14 -5.85 10.74
N THR B 73 -0.82 -4.70 11.27
CA THR B 73 0.08 -3.80 10.61
C THR B 73 1.04 -3.15 11.62
N THR B 74 2.28 -3.08 11.25
CA THR B 74 3.28 -2.44 12.06
C THR B 74 3.73 -1.16 11.34
N VAL B 75 4.07 -0.16 12.09
CA VAL B 75 4.45 1.14 11.56
C VAL B 75 5.93 1.37 11.84
N GLU B 76 6.72 1.34 10.80
CA GLU B 76 8.15 1.59 10.91
C GLU B 76 8.49 2.90 10.27
N GLY B 77 8.69 3.90 11.10
CA GLY B 77 8.99 5.24 10.63
C GLY B 77 7.81 5.84 9.92
N ASN B 78 7.82 5.71 8.63
CA ASN B 78 6.73 6.15 7.82
C ASN B 78 6.34 5.08 6.80
N THR B 79 6.65 3.84 7.14
CA THR B 79 6.30 2.70 6.32
C THR B 79 5.31 1.81 7.09
N LEU B 80 4.23 1.43 6.43
CA LEU B 80 3.27 0.52 6.99
C LEU B 80 3.60 -0.87 6.53
N ILE B 81 3.78 -1.75 7.47
CA ILE B 81 4.05 -3.14 7.18
C ILE B 81 2.78 -3.94 7.45
N VAL B 82 2.07 -4.26 6.41
CA VAL B 82 0.87 -5.04 6.52
C VAL B 82 1.22 -6.51 6.50
N HIS B 83 0.83 -7.20 7.53
CA HIS B 83 1.14 -8.59 7.64
C HIS B 83 0.14 -9.37 6.83
N GLY B 84 0.57 -9.76 5.68
CA GLY B 84 -0.24 -10.57 4.81
C GLY B 84 -0.52 -9.86 3.52
N THR B 85 -0.32 -10.55 2.43
CA THR B 85 -0.52 -9.97 1.13
C THR B 85 -1.96 -10.13 0.67
N TYR B 86 -2.59 -9.03 0.46
CA TYR B 86 -3.94 -8.99 -0.01
C TYR B 86 -3.96 -8.30 -1.34
N PRO B 87 -4.87 -8.68 -2.24
CA PRO B 87 -4.96 -8.09 -3.57
C PRO B 87 -5.39 -6.62 -3.53
N PHE B 88 -5.95 -6.18 -2.41
CA PHE B 88 -6.36 -4.81 -2.25
C PHE B 88 -6.11 -4.39 -0.82
N LEU B 89 -5.72 -3.16 -0.65
CA LEU B 89 -5.50 -2.60 0.67
C LEU B 89 -6.19 -1.26 0.74
N VAL B 90 -6.54 -0.84 1.91
CA VAL B 90 -7.24 0.42 2.12
C VAL B 90 -6.66 1.11 3.34
N VAL B 91 -6.19 2.28 3.16
CA VAL B 91 -5.62 3.03 4.27
C VAL B 91 -6.49 4.27 4.49
N ARG B 92 -6.75 4.58 5.74
CA ARG B 92 -7.63 5.68 6.07
C ARG B 92 -6.86 6.76 6.79
N HIS B 93 -6.83 7.90 6.18
CA HIS B 93 -6.17 9.06 6.72
C HIS B 93 -7.21 10.15 6.93
N GLY B 94 -7.63 10.33 8.15
CA GLY B 94 -8.62 11.33 8.44
C GLY B 94 -9.97 10.95 7.84
N ASP B 95 -10.38 11.67 6.82
CA ASP B 95 -11.64 11.41 6.12
C ASP B 95 -11.36 10.86 4.74
N ASN B 96 -10.11 10.76 4.39
CA ASN B 96 -9.73 10.30 3.08
C ASN B 96 -9.20 8.92 3.17
N VAL B 97 -9.31 8.20 2.10
CA VAL B 97 -8.87 6.83 2.08
C VAL B 97 -8.18 6.58 0.78
N VAL B 98 -7.21 5.74 0.81
CA VAL B 98 -6.51 5.39 -0.37
C VAL B 98 -6.67 3.90 -0.59
N GLY B 99 -7.10 3.54 -1.76
CA GLY B 99 -7.25 2.16 -2.09
C GLY B 99 -6.11 1.72 -2.94
N LEU B 100 -5.49 0.67 -2.54
CA LEU B 100 -4.33 0.15 -3.22
C LEU B 100 -4.66 -1.19 -3.81
N ARG B 101 -4.24 -1.44 -5.01
CA ARG B 101 -4.46 -2.74 -5.62
C ARG B 101 -3.14 -3.37 -5.91
N ARG B 102 -3.08 -4.63 -5.67
CA ARG B 102 -1.90 -5.40 -5.96
C ARG B 102 -2.09 -5.94 -7.34
N ASN B 103 -1.21 -5.59 -8.20
CA ASN B 103 -1.35 -5.97 -9.58
C ASN B 103 -0.94 -7.37 -9.84
N LYS B 104 -1.53 -7.92 -10.84
CA LYS B 104 -1.06 -9.13 -11.41
C LYS B 104 -0.10 -8.70 -12.50
N GLN B 105 0.85 -9.50 -12.82
CA GLN B 105 1.75 -9.08 -13.85
C GLN B 105 1.21 -9.49 -15.21
N LYS B 106 0.57 -8.50 -15.86
CA LYS B 106 -0.01 -8.55 -17.21
C LYS B 106 -0.54 -9.93 -17.64
N THR A 2 -22.80 -2.77 9.74
CA THR A 2 -22.79 -1.38 9.39
C THR A 2 -21.43 -0.77 9.73
N LYS A 3 -20.72 -0.30 8.74
CA LYS A 3 -19.41 0.26 8.92
C LYS A 3 -19.20 1.30 7.86
N PRO A 4 -19.35 2.58 8.21
CA PRO A 4 -19.20 3.65 7.26
C PRO A 4 -17.73 3.87 6.92
N ALA A 5 -17.43 3.79 5.66
CA ALA A 5 -16.08 3.87 5.19
C ALA A 5 -16.01 4.81 4.02
N PRO A 6 -15.00 5.71 3.98
CA PRO A 6 -14.78 6.61 2.85
C PRO A 6 -14.56 5.84 1.53
N ASP A 7 -14.65 6.56 0.44
CA ASP A 7 -14.59 5.96 -0.89
C ASP A 7 -13.27 6.27 -1.58
N PHE A 8 -12.66 5.26 -2.19
CA PHE A 8 -11.46 5.46 -2.96
C PHE A 8 -11.86 5.91 -4.36
N GLY A 9 -11.02 6.64 -5.03
CA GLY A 9 -11.40 7.20 -6.30
C GLY A 9 -10.73 6.54 -7.41
N GLY A 10 -11.41 6.38 -8.51
CA GLY A 10 -10.88 5.68 -9.66
C GLY A 10 -9.83 6.48 -10.42
N ARG A 11 -8.86 6.97 -9.71
CA ARG A 11 -7.76 7.72 -10.26
C ARG A 11 -6.58 6.79 -10.34
N TRP A 12 -6.90 5.50 -10.48
CA TRP A 12 -5.96 4.38 -10.53
C TRP A 12 -4.67 4.70 -11.25
N LYS A 13 -3.66 4.96 -10.48
CA LYS A 13 -2.34 5.20 -11.02
C LYS A 13 -1.35 4.36 -10.25
N HIS A 14 -0.38 3.80 -10.92
CA HIS A 14 0.61 2.97 -10.27
C HIS A 14 1.48 3.73 -9.30
N VAL A 15 1.64 3.16 -8.13
CA VAL A 15 2.39 3.77 -7.06
C VAL A 15 3.76 3.06 -6.94
N ASN A 16 4.14 2.45 -8.04
CA ASN A 16 5.42 1.78 -8.15
C ASN A 16 6.48 2.88 -8.19
N HIS A 17 7.24 2.99 -7.14
CA HIS A 17 8.21 4.06 -7.06
C HIS A 17 9.60 3.49 -7.23
N PHE A 18 9.67 2.22 -7.56
CA PHE A 18 10.93 1.57 -7.71
C PHE A 18 11.39 1.71 -9.14
N ASP A 19 12.00 2.83 -9.38
CA ASP A 19 12.54 3.18 -10.65
C ASP A 19 13.66 4.11 -10.35
N GLU A 20 13.29 5.29 -9.90
CA GLU A 20 14.17 6.32 -9.40
C GLU A 20 13.36 7.17 -8.46
N ALA A 21 13.98 7.66 -7.44
CA ALA A 21 13.34 8.58 -6.55
C ALA A 21 13.58 9.98 -7.08
N PRO A 22 12.51 10.70 -7.49
CA PRO A 22 12.64 12.08 -8.01
C PRO A 22 13.34 12.98 -7.01
N THR A 23 12.82 13.02 -5.81
CA THR A 23 13.43 13.75 -4.76
C THR A 23 14.36 12.85 -3.98
N GLU A 24 15.54 12.66 -4.54
CA GLU A 24 16.55 11.83 -3.96
C GLU A 24 17.48 12.70 -3.13
N GLY B 1 23.97 -19.72 11.54
CA GLY B 1 22.93 -18.86 10.99
C GLY B 1 21.71 -18.91 11.85
N SER B 2 20.68 -18.23 11.44
CA SER B 2 19.46 -18.19 12.17
C SER B 2 18.29 -18.18 11.20
N HIS B 3 17.10 -18.35 11.72
CA HIS B 3 15.89 -18.36 10.91
C HIS B 3 14.97 -17.24 11.38
N MET B 4 15.48 -16.44 12.28
CA MET B 4 14.77 -15.32 12.88
C MET B 4 15.77 -14.38 13.51
N ASN B 5 15.28 -13.36 14.22
CA ASN B 5 16.11 -12.32 14.87
C ASN B 5 16.60 -11.33 13.86
N ALA B 6 15.88 -10.21 13.79
CA ALA B 6 16.09 -9.13 12.83
C ALA B 6 15.73 -9.61 11.41
N LYS B 7 15.96 -8.79 10.42
CA LYS B 7 15.68 -9.22 9.08
C LYS B 7 16.96 -9.64 8.42
N ILE B 8 16.96 -10.84 7.92
CA ILE B 8 18.09 -11.37 7.23
C ILE B 8 17.86 -11.15 5.75
N LEU B 9 18.90 -10.79 5.01
CA LEU B 9 18.77 -10.60 3.59
C LEU B 9 18.33 -11.90 2.94
N LYS B 10 17.20 -11.87 2.32
CA LYS B 10 16.55 -13.04 1.77
C LYS B 10 16.67 -13.03 0.25
N ASP B 11 15.88 -13.87 -0.39
CA ASP B 11 15.83 -13.93 -1.84
C ASP B 11 15.18 -12.65 -2.34
N ARG B 12 15.70 -12.12 -3.44
CA ARG B 12 15.15 -10.89 -3.96
C ARG B 12 13.82 -11.12 -4.66
N ARG B 13 12.81 -11.06 -3.87
CA ARG B 13 11.47 -11.26 -4.27
C ARG B 13 10.62 -10.21 -3.60
N TYR B 14 10.51 -9.10 -4.25
CA TYR B 14 9.73 -7.99 -3.79
C TYR B 14 8.76 -7.65 -4.89
N TYR B 15 7.55 -7.43 -4.54
CA TYR B 15 6.56 -7.13 -5.52
C TYR B 15 6.28 -5.64 -5.47
N TYR B 16 6.52 -4.96 -6.58
CA TYR B 16 6.43 -3.51 -6.62
C TYR B 16 5.22 -3.03 -7.41
N ASP B 17 4.46 -3.95 -7.99
CA ASP B 17 3.33 -3.51 -8.80
C ASP B 17 2.12 -3.29 -7.94
N TYR B 18 1.74 -2.06 -7.81
CA TYR B 18 0.64 -1.62 -6.99
C TYR B 18 0.08 -0.37 -7.58
N ASP B 19 -1.19 -0.17 -7.43
CA ASP B 19 -1.80 1.05 -7.94
C ASP B 19 -2.56 1.68 -6.82
N TYR B 20 -2.66 2.98 -6.83
CA TYR B 20 -3.38 3.68 -5.81
C TYR B 20 -4.55 4.39 -6.43
N ALA B 21 -5.60 4.45 -5.70
CA ALA B 21 -6.79 5.11 -6.11
C ALA B 21 -7.36 5.87 -4.95
N THR B 22 -7.50 7.15 -5.08
CA THR B 22 -8.02 7.93 -4.00
C THR B 22 -8.72 9.18 -4.51
N ARG B 23 -9.55 9.75 -3.65
CA ARG B 23 -10.29 10.95 -3.95
C ARG B 23 -9.51 12.17 -3.47
N THR B 24 -8.51 11.93 -2.64
CA THR B 24 -7.76 13.00 -2.06
C THR B 24 -6.66 13.47 -3.02
N LYS B 25 -6.25 14.70 -2.86
CA LYS B 25 -5.21 15.29 -3.65
C LYS B 25 -3.98 15.51 -2.77
N LYS B 26 -4.12 15.16 -1.51
CA LYS B 26 -3.08 15.36 -0.54
C LYS B 26 -2.06 14.26 -0.65
N SER B 27 -0.87 14.63 -1.01
CA SER B 27 0.19 13.67 -1.24
C SER B 27 0.79 13.19 0.08
N TRP B 28 0.29 13.69 1.19
CA TRP B 28 0.68 13.22 2.50
C TRP B 28 -0.30 12.16 2.99
N LEU B 29 -1.27 11.88 2.15
CA LEU B 29 -2.26 10.85 2.41
C LEU B 29 -2.06 9.73 1.42
N ILE B 30 -1.38 10.03 0.35
CA ILE B 30 -1.10 9.08 -0.69
C ILE B 30 0.25 8.45 -0.43
N PRO B 31 0.34 7.10 -0.54
CA PRO B 31 1.60 6.40 -0.36
C PRO B 31 2.60 6.79 -1.43
N SER B 32 3.83 6.84 -1.03
CA SER B 32 4.88 7.22 -1.92
C SER B 32 5.47 5.97 -2.57
N ARG B 33 5.48 4.86 -1.85
CA ARG B 33 6.03 3.64 -2.38
C ARG B 33 5.33 2.48 -1.73
N VAL B 34 4.91 1.52 -2.49
CA VAL B 34 4.25 0.36 -1.94
C VAL B 34 4.85 -0.88 -2.58
N TYR B 35 5.29 -1.80 -1.75
CA TYR B 35 5.87 -3.05 -2.21
C TYR B 35 5.84 -4.06 -1.11
N ASP B 36 5.73 -5.29 -1.44
CA ASP B 36 5.75 -6.36 -0.45
C ASP B 36 6.83 -7.31 -0.74
N ASP B 37 7.10 -8.15 0.21
CA ASP B 37 7.93 -9.26 -0.05
C ASP B 37 7.20 -10.43 0.51
N GLY B 38 6.72 -11.26 -0.40
CA GLY B 38 6.03 -12.48 -0.06
C GLY B 38 4.67 -12.29 0.63
N LYS B 39 4.70 -11.69 1.79
CA LYS B 39 3.63 -11.59 2.68
C LYS B 39 3.61 -10.22 3.34
N PHE B 40 4.73 -9.76 3.77
CA PHE B 40 4.81 -8.48 4.46
C PHE B 40 4.80 -7.36 3.46
N THR B 41 3.83 -6.49 3.58
CA THR B 41 3.69 -5.40 2.66
C THR B 41 4.20 -4.13 3.31
N TYR B 42 5.05 -3.42 2.60
CA TYR B 42 5.67 -2.21 3.09
C TYR B 42 5.10 -1.04 2.35
N ILE B 43 4.48 -0.16 3.07
CA ILE B 43 3.86 0.97 2.48
C ILE B 43 4.54 2.22 3.01
N ASN B 44 5.32 2.86 2.17
CA ASN B 44 6.01 4.09 2.53
C ASN B 44 5.04 5.19 2.35
N MET B 45 4.63 5.78 3.42
CA MET B 45 3.66 6.84 3.35
C MET B 45 4.17 8.01 4.11
N ASP B 46 3.50 9.14 4.00
CA ASP B 46 3.95 10.33 4.68
C ASP B 46 3.43 10.31 6.12
N LEU B 47 3.81 9.27 6.84
CA LEU B 47 3.39 9.05 8.22
C LEU B 47 4.10 10.01 9.13
N THR B 48 5.07 10.66 8.57
CA THR B 48 5.84 11.69 9.19
C THR B 48 4.97 12.93 9.48
N ARG B 49 3.79 12.97 8.89
CA ARG B 49 2.83 14.05 9.13
C ARG B 49 1.92 13.70 10.28
N PHE B 50 2.09 12.52 10.79
CA PHE B 50 1.28 12.01 11.86
C PHE B 50 2.12 11.72 13.10
N PRO B 51 2.26 12.72 13.96
CA PRO B 51 3.04 12.60 15.16
C PRO B 51 2.20 12.21 16.38
N THR B 52 2.88 11.96 17.50
CA THR B 52 2.24 11.69 18.79
C THR B 52 1.35 10.40 18.73
N GLY B 53 1.72 9.51 17.84
CA GLY B 53 1.04 8.24 17.72
C GLY B 53 -0.24 8.34 16.93
N ASN B 54 -0.39 9.40 16.17
CA ASN B 54 -1.61 9.63 15.37
C ASN B 54 -1.50 8.98 14.00
N PHE B 55 -0.86 7.83 13.96
CA PHE B 55 -0.70 7.09 12.72
C PHE B 55 -2.05 6.66 12.16
N PRO B 56 -2.18 6.64 10.83
CA PRO B 56 -3.42 6.26 10.15
C PRO B 56 -3.69 4.76 10.26
N ALA B 57 -4.86 4.37 9.89
CA ALA B 57 -5.24 2.99 9.95
C ALA B 57 -5.19 2.41 8.56
N VAL B 58 -4.74 1.19 8.44
CA VAL B 58 -4.69 0.53 7.17
C VAL B 58 -5.46 -0.76 7.26
N PHE B 59 -6.24 -1.01 6.29
CA PHE B 59 -7.10 -2.14 6.25
C PHE B 59 -6.80 -2.92 5.00
N ALA B 60 -7.27 -4.11 4.97
CA ALA B 60 -7.09 -4.98 3.84
C ALA B 60 -8.43 -5.31 3.24
N ARG B 61 -8.44 -5.60 1.97
CA ARG B 61 -9.63 -6.05 1.28
C ARG B 61 -9.34 -7.20 0.35
N GLU B 62 -10.27 -8.10 0.24
CA GLU B 62 -10.11 -9.22 -0.64
C GLU B 62 -10.68 -8.92 -2.03
N LYS B 63 -11.47 -7.86 -2.11
CA LYS B 63 -12.02 -7.34 -3.33
C LYS B 63 -12.15 -5.85 -3.18
N GLU B 64 -12.40 -5.14 -4.25
CA GLU B 64 -12.55 -3.68 -4.21
C GLU B 64 -13.75 -3.32 -3.38
N HIS B 65 -14.78 -4.11 -3.56
CA HIS B 65 -16.05 -3.91 -2.89
C HIS B 65 -16.19 -4.82 -1.70
N ALA B 66 -15.07 -5.33 -1.22
CA ALA B 66 -15.09 -6.12 -0.02
C ALA B 66 -15.15 -5.20 1.17
N GLU B 67 -15.30 -5.76 2.31
CA GLU B 67 -15.25 -4.99 3.50
C GLU B 67 -13.79 -4.89 3.92
N ASP B 68 -13.48 -3.88 4.64
CA ASP B 68 -12.14 -3.60 5.02
C ASP B 68 -11.83 -4.18 6.35
N PHE B 69 -10.83 -4.98 6.35
CA PHE B 69 -10.42 -5.74 7.50
C PHE B 69 -9.29 -5.00 8.16
N LEU B 70 -9.31 -4.95 9.47
CA LEU B 70 -8.34 -4.15 10.24
C LEU B 70 -6.93 -4.76 10.22
N VAL B 71 -6.88 -6.04 9.88
CA VAL B 71 -5.66 -6.88 9.75
C VAL B 71 -4.54 -6.67 10.78
N ASN B 72 -3.42 -7.29 10.51
CA ASN B 72 -2.26 -7.18 11.35
C ASN B 72 -1.27 -6.27 10.65
N THR B 73 -0.95 -5.17 11.27
CA THR B 73 -0.03 -4.22 10.68
C THR B 73 0.93 -3.66 11.73
N THR B 74 2.19 -3.60 11.40
CA THR B 74 3.18 -3.03 12.25
C THR B 74 3.65 -1.72 11.61
N VAL B 75 4.00 -0.76 12.41
CA VAL B 75 4.40 0.54 11.92
C VAL B 75 5.85 0.77 12.24
N GLU B 76 6.66 0.94 11.23
CA GLU B 76 8.03 1.24 11.44
C GLU B 76 8.38 2.59 10.88
N GLY B 77 8.24 3.60 11.73
CA GLY B 77 8.57 4.97 11.40
C GLY B 77 7.63 5.60 10.38
N ASN B 78 7.91 5.34 9.13
CA ASN B 78 7.17 5.93 8.04
C ASN B 78 6.66 4.85 7.09
N THR B 79 6.72 3.62 7.53
CA THR B 79 6.32 2.52 6.71
C THR B 79 5.34 1.61 7.45
N LEU B 80 4.24 1.30 6.81
CA LEU B 80 3.26 0.38 7.34
C LEU B 80 3.58 -1.00 6.82
N ILE B 81 3.75 -1.92 7.70
CA ILE B 81 4.02 -3.30 7.34
C ILE B 81 2.78 -4.13 7.60
N VAL B 82 2.06 -4.42 6.55
CA VAL B 82 0.87 -5.21 6.65
C VAL B 82 1.27 -6.66 6.58
N HIS B 83 0.92 -7.41 7.58
CA HIS B 83 1.31 -8.77 7.62
C HIS B 83 0.31 -9.56 6.84
N GLY B 84 0.69 -9.87 5.64
CA GLY B 84 -0.15 -10.65 4.78
C GLY B 84 -0.45 -9.88 3.52
N THR B 85 -0.26 -10.50 2.40
CA THR B 85 -0.50 -9.88 1.14
C THR B 85 -1.92 -10.15 0.66
N TYR B 86 -2.65 -9.09 0.42
CA TYR B 86 -4.03 -9.15 0.00
C TYR B 86 -4.14 -8.50 -1.35
N PRO B 87 -5.12 -8.90 -2.18
CA PRO B 87 -5.31 -8.32 -3.52
C PRO B 87 -5.60 -6.82 -3.50
N PHE B 88 -6.20 -6.35 -2.41
CA PHE B 88 -6.53 -4.95 -2.27
C PHE B 88 -6.28 -4.51 -0.84
N LEU B 89 -5.87 -3.30 -0.68
CA LEU B 89 -5.63 -2.72 0.62
C LEU B 89 -6.28 -1.37 0.64
N VAL B 90 -6.65 -0.90 1.79
CA VAL B 90 -7.29 0.38 1.93
C VAL B 90 -6.68 1.12 3.09
N VAL B 91 -6.04 2.19 2.82
CA VAL B 91 -5.44 2.99 3.86
C VAL B 91 -6.43 4.09 4.17
N ARG B 92 -6.54 4.48 5.42
CA ARG B 92 -7.57 5.39 5.84
C ARG B 92 -6.98 6.50 6.70
N HIS B 93 -7.10 7.70 6.19
CA HIS B 93 -6.59 8.89 6.83
C HIS B 93 -7.72 9.90 6.98
N GLY B 94 -8.25 9.98 8.16
CA GLY B 94 -9.32 10.92 8.45
C GLY B 94 -10.57 10.68 7.62
N ASP B 95 -10.80 11.56 6.65
CA ASP B 95 -12.00 11.51 5.81
C ASP B 95 -11.72 10.82 4.50
N ASN B 96 -10.46 10.54 4.23
CA ASN B 96 -10.10 9.95 2.96
C ASN B 96 -9.48 8.59 3.12
N VAL B 97 -9.45 7.88 2.02
CA VAL B 97 -8.90 6.55 1.94
C VAL B 97 -8.17 6.38 0.65
N VAL B 98 -7.18 5.57 0.67
CA VAL B 98 -6.46 5.24 -0.51
C VAL B 98 -6.64 3.77 -0.77
N GLY B 99 -7.16 3.45 -1.91
CA GLY B 99 -7.34 2.10 -2.29
C GLY B 99 -6.16 1.64 -3.06
N LEU B 100 -5.54 0.67 -2.55
CA LEU B 100 -4.35 0.09 -3.15
C LEU B 100 -4.69 -1.24 -3.71
N ARG B 101 -4.19 -1.54 -4.84
CA ARG B 101 -4.38 -2.84 -5.38
C ARG B 101 -3.06 -3.48 -5.57
N ARG B 102 -2.98 -4.70 -5.22
CA ARG B 102 -1.81 -5.45 -5.42
C ARG B 102 -2.01 -6.14 -6.71
N ASN B 103 -1.14 -5.92 -7.62
CA ASN B 103 -1.28 -6.57 -8.89
C ASN B 103 -0.81 -7.98 -8.76
N LYS B 104 -1.23 -8.80 -9.65
CA LYS B 104 -0.84 -10.15 -9.66
C LYS B 104 -0.28 -10.46 -11.01
N GLN B 105 0.28 -11.61 -11.14
CA GLN B 105 0.76 -12.03 -12.41
C GLN B 105 -0.43 -12.46 -13.22
N LYS B 106 -0.78 -11.60 -14.15
CA LYS B 106 -1.92 -11.70 -15.05
C LYS B 106 -3.15 -11.16 -14.35
N THR A 2 -28.19 -3.92 0.21
CA THR A 2 -27.14 -3.50 -0.68
C THR A 2 -26.44 -2.27 -0.12
N LYS A 3 -25.14 -2.30 -0.10
CA LYS A 3 -24.31 -1.22 0.35
C LYS A 3 -22.99 -1.31 -0.39
N PRO A 4 -22.94 -0.78 -1.62
CA PRO A 4 -21.76 -0.83 -2.43
C PRO A 4 -20.80 0.28 -2.08
N ALA A 5 -19.65 -0.08 -1.62
CA ALA A 5 -18.69 0.90 -1.24
C ALA A 5 -17.41 0.74 -2.03
N PRO A 6 -17.25 1.50 -3.13
CA PRO A 6 -15.99 1.55 -3.83
C PRO A 6 -14.95 2.13 -2.90
N ASP A 7 -15.38 3.18 -2.19
CA ASP A 7 -14.64 3.90 -1.14
C ASP A 7 -13.47 4.67 -1.76
N PHE A 8 -12.58 3.93 -2.38
CA PHE A 8 -11.44 4.46 -3.09
C PHE A 8 -11.74 4.45 -4.59
N GLY A 9 -10.87 5.03 -5.36
CA GLY A 9 -11.06 5.00 -6.78
C GLY A 9 -10.87 6.34 -7.39
N GLY A 10 -11.49 6.53 -8.54
CA GLY A 10 -11.40 7.78 -9.26
C GLY A 10 -10.10 7.90 -10.00
N ARG A 11 -9.04 8.11 -9.26
CA ARG A 11 -7.75 8.30 -9.81
C ARG A 11 -6.85 7.12 -9.49
N TRP A 12 -6.86 6.18 -10.41
CA TRP A 12 -5.94 5.05 -10.38
C TRP A 12 -4.60 5.44 -10.96
N LYS A 13 -3.59 5.36 -10.16
CA LYS A 13 -2.24 5.66 -10.57
C LYS A 13 -1.31 4.62 -10.01
N HIS A 14 -0.42 4.12 -10.83
CA HIS A 14 0.54 3.12 -10.42
C HIS A 14 1.51 3.67 -9.39
N VAL A 15 1.81 2.85 -8.43
CA VAL A 15 2.75 3.16 -7.42
C VAL A 15 3.71 2.01 -7.25
N ASN A 16 4.76 2.09 -7.99
CA ASN A 16 5.74 1.05 -8.04
C ASN A 16 7.13 1.63 -8.01
N HIS A 17 8.06 0.81 -7.54
CA HIS A 17 9.49 1.12 -7.54
C HIS A 17 9.87 2.15 -6.49
N PHE A 18 9.78 3.39 -6.84
CA PHE A 18 10.15 4.48 -5.97
C PHE A 18 9.21 5.65 -6.10
N ASP A 19 9.36 6.56 -5.18
CA ASP A 19 8.53 7.70 -5.02
C ASP A 19 9.29 8.94 -5.44
N GLU A 20 9.82 9.66 -4.49
CA GLU A 20 10.66 10.77 -4.76
C GLU A 20 12.07 10.25 -4.70
N ALA A 21 12.26 9.28 -3.80
CA ALA A 21 13.53 8.60 -3.55
C ALA A 21 14.58 9.53 -2.99
N PRO A 22 14.77 9.53 -1.66
CA PRO A 22 15.82 10.32 -1.03
C PRO A 22 17.17 9.70 -1.38
N THR A 23 17.83 10.28 -2.34
CA THR A 23 19.05 9.76 -2.84
C THR A 23 20.22 10.06 -1.94
N GLU A 24 21.02 9.07 -1.76
CA GLU A 24 22.18 9.13 -0.96
C GLU A 24 23.21 8.36 -1.74
N GLY B 1 16.73 -34.60 -23.96
CA GLY B 1 17.71 -33.54 -23.78
C GLY B 1 17.06 -32.33 -23.20
N SER B 2 17.77 -31.60 -22.41
CA SER B 2 17.26 -30.40 -21.84
C SER B 2 17.64 -29.24 -22.76
N HIS B 3 16.72 -28.89 -23.64
CA HIS B 3 16.93 -27.76 -24.52
C HIS B 3 16.53 -26.51 -23.80
N MET B 4 15.46 -26.62 -23.07
CA MET B 4 15.00 -25.55 -22.24
C MET B 4 15.47 -25.86 -20.85
N ASN B 5 16.49 -25.16 -20.42
CA ASN B 5 17.03 -25.40 -19.09
C ASN B 5 16.11 -24.82 -18.07
N ALA B 6 15.16 -25.60 -17.68
CA ALA B 6 14.16 -25.20 -16.75
C ALA B 6 14.63 -25.45 -15.35
N LYS B 7 15.15 -24.43 -14.77
CA LYS B 7 15.57 -24.46 -13.42
C LYS B 7 14.74 -23.45 -12.67
N ILE B 8 14.26 -23.81 -11.52
CA ILE B 8 13.47 -22.91 -10.76
C ILE B 8 14.39 -21.90 -10.16
N LEU B 9 14.22 -20.69 -10.57
CA LEU B 9 15.14 -19.65 -10.19
C LEU B 9 14.62 -18.85 -9.06
N LYS B 10 13.35 -19.01 -8.85
CA LYS B 10 12.55 -18.30 -7.83
C LYS B 10 13.04 -16.88 -7.56
N ASP B 11 12.76 -16.02 -8.49
CA ASP B 11 13.28 -14.65 -8.46
C ASP B 11 12.24 -13.73 -7.84
N ARG B 12 11.29 -14.32 -7.17
CA ARG B 12 10.20 -13.56 -6.55
C ARG B 12 10.72 -12.83 -5.34
N ARG B 13 11.04 -11.60 -5.54
CA ARG B 13 11.54 -10.74 -4.53
C ARG B 13 10.47 -9.72 -4.24
N TYR B 14 10.86 -8.51 -4.07
CA TYR B 14 9.92 -7.45 -3.78
C TYR B 14 8.98 -7.21 -4.94
N TYR B 15 7.71 -7.30 -4.63
CA TYR B 15 6.69 -7.16 -5.59
C TYR B 15 6.35 -5.70 -5.66
N TYR B 16 6.66 -5.08 -6.77
CA TYR B 16 6.51 -3.64 -6.89
C TYR B 16 5.24 -3.25 -7.57
N ASP B 17 4.61 -4.15 -8.28
CA ASP B 17 3.45 -3.76 -9.06
C ASP B 17 2.25 -3.53 -8.17
N TYR B 18 1.88 -2.27 -8.07
CA TYR B 18 0.79 -1.79 -7.23
C TYR B 18 0.23 -0.53 -7.81
N ASP B 19 -1.00 -0.26 -7.52
CA ASP B 19 -1.62 0.99 -7.96
C ASP B 19 -2.40 1.51 -6.80
N TYR B 20 -2.56 2.80 -6.73
CA TYR B 20 -3.38 3.38 -5.69
C TYR B 20 -4.48 4.18 -6.32
N ALA B 21 -5.56 4.30 -5.61
CA ALA B 21 -6.66 5.09 -6.02
C ALA B 21 -7.19 5.86 -4.86
N THR B 22 -7.47 7.09 -5.08
CA THR B 22 -7.97 7.96 -4.09
C THR B 22 -8.43 9.22 -4.80
N ARG B 23 -9.16 10.04 -4.10
CA ARG B 23 -9.69 11.24 -4.68
C ARG B 23 -9.06 12.45 -3.99
N THR B 24 -8.01 12.18 -3.23
CA THR B 24 -7.26 13.22 -2.58
C THR B 24 -6.01 13.50 -3.41
N LYS B 25 -5.34 14.59 -3.13
CA LYS B 25 -4.11 14.96 -3.81
C LYS B 25 -3.04 15.32 -2.78
N LYS B 26 -3.27 14.90 -1.57
CA LYS B 26 -2.35 15.14 -0.47
C LYS B 26 -1.27 14.07 -0.47
N SER B 27 -0.03 14.48 -0.55
CA SER B 27 1.10 13.56 -0.62
C SER B 27 1.34 12.88 0.75
N TRP B 28 0.65 13.38 1.76
CA TRP B 28 0.76 12.85 3.10
C TRP B 28 -0.41 11.94 3.43
N LEU B 29 -1.23 11.72 2.45
CA LEU B 29 -2.38 10.83 2.59
C LEU B 29 -2.23 9.67 1.62
N ILE B 30 -1.49 9.92 0.56
CA ILE B 30 -1.22 8.96 -0.46
C ILE B 30 0.09 8.23 -0.17
N PRO B 31 0.14 6.90 -0.38
CA PRO B 31 1.37 6.16 -0.25
C PRO B 31 2.32 6.50 -1.40
N SER B 32 3.52 6.79 -1.06
CA SER B 32 4.47 7.20 -2.01
C SER B 32 5.15 5.99 -2.67
N ARG B 33 5.32 4.92 -1.92
CA ARG B 33 5.98 3.72 -2.41
C ARG B 33 5.26 2.52 -1.83
N VAL B 34 4.95 1.53 -2.63
CA VAL B 34 4.29 0.34 -2.12
C VAL B 34 4.92 -0.88 -2.75
N TYR B 35 5.35 -1.81 -1.93
CA TYR B 35 5.88 -3.07 -2.42
C TYR B 35 5.87 -4.11 -1.31
N ASP B 36 5.57 -5.33 -1.62
CA ASP B 36 5.58 -6.40 -0.63
C ASP B 36 6.63 -7.39 -0.93
N ASP B 37 6.89 -8.21 0.01
CA ASP B 37 7.73 -9.35 -0.20
C ASP B 37 7.03 -10.49 0.44
N GLY B 38 6.54 -11.38 -0.38
CA GLY B 38 5.86 -12.58 0.05
C GLY B 38 4.51 -12.32 0.74
N LYS B 39 4.57 -11.66 1.87
CA LYS B 39 3.45 -11.45 2.75
C LYS B 39 3.48 -10.07 3.35
N PHE B 40 4.64 -9.61 3.71
CA PHE B 40 4.74 -8.33 4.36
C PHE B 40 4.75 -7.24 3.33
N THR B 41 3.76 -6.39 3.39
CA THR B 41 3.60 -5.34 2.44
C THR B 41 4.14 -4.06 3.04
N TYR B 42 5.12 -3.48 2.39
CA TYR B 42 5.76 -2.26 2.85
C TYR B 42 5.17 -1.07 2.14
N ILE B 43 4.45 -0.27 2.86
CA ILE B 43 3.79 0.87 2.31
C ILE B 43 4.43 2.13 2.87
N ASN B 44 5.23 2.79 2.08
CA ASN B 44 5.84 4.04 2.49
C ASN B 44 4.84 5.12 2.30
N MET B 45 4.51 5.77 3.35
CA MET B 45 3.58 6.87 3.31
C MET B 45 4.18 8.01 4.05
N ASP B 46 3.51 9.12 4.13
CA ASP B 46 4.08 10.26 4.81
C ASP B 46 3.54 10.30 6.23
N LEU B 47 3.83 9.26 6.98
CA LEU B 47 3.29 9.06 8.33
C LEU B 47 3.90 10.03 9.34
N THR B 48 4.93 10.70 8.92
CA THR B 48 5.58 11.70 9.73
C THR B 48 4.65 12.91 9.98
N ARG B 49 3.55 13.00 9.21
CA ARG B 49 2.60 14.10 9.36
C ARG B 49 1.56 13.75 10.39
N PHE B 50 1.69 12.57 10.90
CA PHE B 50 0.82 12.09 11.94
C PHE B 50 1.65 11.83 13.18
N PRO B 51 1.69 12.81 14.08
CA PRO B 51 2.44 12.70 15.31
C PRO B 51 1.57 12.19 16.46
N THR B 52 2.19 11.97 17.61
CA THR B 52 1.49 11.63 18.87
C THR B 52 0.93 10.17 18.86
N GLY B 53 1.22 9.47 17.79
CA GLY B 53 0.73 8.12 17.64
C GLY B 53 -0.56 8.10 16.89
N ASN B 54 -0.85 9.20 16.22
CA ASN B 54 -2.10 9.35 15.48
C ASN B 54 -1.97 8.79 14.07
N PHE B 55 -1.29 7.67 13.96
CA PHE B 55 -1.11 6.99 12.70
C PHE B 55 -2.46 6.57 12.12
N PRO B 56 -2.57 6.58 10.79
CA PRO B 56 -3.81 6.25 10.09
C PRO B 56 -4.26 4.82 10.28
N ALA B 57 -5.46 4.57 9.89
CA ALA B 57 -6.04 3.27 9.99
C ALA B 57 -5.76 2.53 8.71
N VAL B 58 -5.14 1.39 8.82
CA VAL B 58 -4.79 0.60 7.67
C VAL B 58 -5.60 -0.68 7.67
N PHE B 59 -6.17 -0.98 6.54
CA PHE B 59 -7.02 -2.12 6.38
C PHE B 59 -6.62 -2.88 5.13
N ALA B 60 -7.15 -4.04 5.01
CA ALA B 60 -6.96 -4.91 3.89
C ALA B 60 -8.31 -5.28 3.32
N ARG B 61 -8.37 -5.59 2.06
CA ARG B 61 -9.62 -6.07 1.46
C ARG B 61 -9.37 -7.25 0.53
N GLU B 62 -10.32 -8.19 0.51
CA GLU B 62 -10.21 -9.34 -0.38
C GLU B 62 -10.66 -8.94 -1.78
N LYS B 63 -11.49 -7.94 -1.85
CA LYS B 63 -12.00 -7.40 -3.07
C LYS B 63 -12.30 -5.95 -2.84
N GLU B 64 -12.58 -5.22 -3.89
CA GLU B 64 -12.76 -3.79 -3.82
C GLU B 64 -13.97 -3.41 -2.98
N HIS B 65 -14.99 -4.24 -3.04
CA HIS B 65 -16.21 -4.03 -2.27
C HIS B 65 -16.26 -4.90 -1.02
N ALA B 66 -15.12 -5.38 -0.58
CA ALA B 66 -15.07 -6.19 0.62
C ALA B 66 -15.03 -5.30 1.83
N GLU B 67 -15.12 -5.89 2.98
CA GLU B 67 -15.02 -5.15 4.19
C GLU B 67 -13.57 -4.78 4.42
N ASP B 68 -13.36 -3.72 5.13
CA ASP B 68 -12.05 -3.31 5.51
C ASP B 68 -11.62 -4.16 6.67
N PHE B 69 -10.63 -4.97 6.45
CA PHE B 69 -10.10 -5.82 7.49
C PHE B 69 -9.03 -5.06 8.18
N LEU B 70 -9.14 -4.98 9.47
CA LEU B 70 -8.23 -4.17 10.28
C LEU B 70 -6.82 -4.76 10.30
N VAL B 71 -6.74 -6.07 9.98
CA VAL B 71 -5.51 -6.88 9.91
C VAL B 71 -4.41 -6.56 10.96
N ASN B 72 -3.24 -7.06 10.70
CA ASN B 72 -2.08 -6.76 11.52
C ASN B 72 -1.09 -5.97 10.70
N THR B 73 -0.72 -4.84 11.19
CA THR B 73 0.22 -3.99 10.51
C THR B 73 1.19 -3.41 11.53
N THR B 74 2.44 -3.34 11.16
CA THR B 74 3.42 -2.74 12.00
C THR B 74 3.89 -1.45 11.36
N VAL B 75 4.11 -0.46 12.16
CA VAL B 75 4.49 0.85 11.68
C VAL B 75 5.95 1.09 11.94
N GLU B 76 6.72 1.13 10.89
CA GLU B 76 8.11 1.41 11.01
C GLU B 76 8.46 2.70 10.34
N GLY B 77 8.50 3.73 11.14
CA GLY B 77 8.84 5.06 10.69
C GLY B 77 7.74 5.65 9.82
N ASN B 78 7.85 5.45 8.55
CA ASN B 78 6.87 5.95 7.61
C ASN B 78 6.30 4.81 6.79
N THR B 79 6.62 3.61 7.18
CA THR B 79 6.26 2.47 6.41
C THR B 79 5.27 1.60 7.18
N LEU B 80 4.16 1.29 6.56
CA LEU B 80 3.19 0.40 7.11
C LEU B 80 3.49 -0.97 6.59
N ILE B 81 3.82 -1.85 7.46
CA ILE B 81 4.11 -3.22 7.12
C ILE B 81 2.87 -4.03 7.39
N VAL B 82 2.12 -4.30 6.36
CA VAL B 82 0.91 -5.07 6.48
C VAL B 82 1.28 -6.54 6.43
N HIS B 83 0.98 -7.24 7.49
CA HIS B 83 1.33 -8.61 7.55
C HIS B 83 0.29 -9.41 6.80
N GLY B 84 0.62 -9.76 5.61
CA GLY B 84 -0.26 -10.53 4.78
C GLY B 84 -0.56 -9.81 3.49
N THR B 85 -0.45 -10.51 2.40
CA THR B 85 -0.65 -9.92 1.11
C THR B 85 -2.06 -10.15 0.58
N TYR B 86 -2.74 -9.08 0.35
CA TYR B 86 -4.10 -9.12 -0.13
C TYR B 86 -4.16 -8.41 -1.46
N PRO B 87 -5.15 -8.73 -2.31
CA PRO B 87 -5.28 -8.10 -3.63
C PRO B 87 -5.59 -6.61 -3.54
N PHE B 88 -6.18 -6.19 -2.43
CA PHE B 88 -6.51 -4.81 -2.22
C PHE B 88 -6.21 -4.45 -0.80
N LEU B 89 -5.67 -3.29 -0.61
CA LEU B 89 -5.43 -2.77 0.71
C LEU B 89 -6.05 -1.41 0.76
N VAL B 90 -6.40 -0.95 1.92
CA VAL B 90 -7.06 0.33 2.05
C VAL B 90 -6.50 1.07 3.22
N VAL B 91 -6.05 2.24 2.99
CA VAL B 91 -5.56 3.05 4.06
C VAL B 91 -6.55 4.20 4.23
N ARG B 92 -6.86 4.53 5.44
CA ARG B 92 -7.86 5.50 5.72
C ARG B 92 -7.31 6.53 6.64
N HIS B 93 -7.27 7.72 6.16
CA HIS B 93 -6.76 8.83 6.91
C HIS B 93 -7.86 9.82 7.08
N GLY B 94 -8.48 9.81 8.23
CA GLY B 94 -9.56 10.75 8.55
C GLY B 94 -10.73 10.72 7.56
N ASP B 95 -10.67 11.59 6.57
CA ASP B 95 -11.75 11.81 5.61
C ASP B 95 -11.34 11.24 4.25
N ASN B 96 -10.14 10.80 4.21
CA ASN B 96 -9.53 10.29 3.04
C ASN B 96 -9.35 8.80 3.10
N VAL B 97 -9.47 8.18 1.98
CA VAL B 97 -9.22 6.78 1.86
C VAL B 97 -8.43 6.53 0.59
N VAL B 98 -7.54 5.59 0.64
CA VAL B 98 -6.73 5.22 -0.49
C VAL B 98 -6.81 3.72 -0.67
N GLY B 99 -7.09 3.29 -1.85
CA GLY B 99 -7.19 1.90 -2.13
C GLY B 99 -6.04 1.47 -2.97
N LEU B 100 -5.40 0.46 -2.55
CA LEU B 100 -4.23 -0.05 -3.20
C LEU B 100 -4.57 -1.38 -3.82
N ARG B 101 -4.14 -1.55 -5.03
CA ARG B 101 -4.39 -2.75 -5.76
C ARG B 101 -3.08 -3.45 -6.02
N ARG B 102 -3.03 -4.69 -5.64
CA ARG B 102 -1.89 -5.51 -5.91
C ARG B 102 -2.08 -6.13 -7.26
N ASN B 103 -1.13 -5.92 -8.13
CA ASN B 103 -1.24 -6.43 -9.48
C ASN B 103 -0.95 -7.91 -9.58
N LYS B 104 -1.49 -8.51 -10.64
CA LYS B 104 -1.31 -9.93 -10.95
C LYS B 104 0.13 -10.20 -11.36
N GLN B 105 0.44 -11.47 -11.59
CA GLN B 105 1.71 -11.84 -12.12
C GLN B 105 1.82 -11.39 -13.55
N LYS B 106 2.55 -10.34 -13.72
CA LYS B 106 2.80 -9.73 -14.98
C LYS B 106 3.83 -10.54 -15.74
N THR A 2 -24.45 14.72 1.46
CA THR A 2 -23.69 15.65 0.64
C THR A 2 -22.18 15.39 0.80
N LYS A 3 -21.81 14.54 1.75
CA LYS A 3 -20.43 14.27 2.00
C LYS A 3 -20.20 12.80 2.31
N PRO A 4 -19.76 12.05 1.33
CA PRO A 4 -19.36 10.68 1.52
C PRO A 4 -17.84 10.58 1.71
N ALA A 5 -17.37 9.40 2.04
CA ALA A 5 -15.95 9.16 2.09
C ALA A 5 -15.46 9.17 0.66
N PRO A 6 -14.29 9.78 0.38
CA PRO A 6 -13.76 9.92 -0.99
C PRO A 6 -13.78 8.63 -1.80
N ASP A 7 -13.54 7.51 -1.11
CA ASP A 7 -13.51 6.17 -1.70
C ASP A 7 -12.32 6.03 -2.67
N PHE A 8 -12.00 4.84 -3.07
CA PHE A 8 -10.86 4.68 -3.93
C PHE A 8 -11.25 4.70 -5.39
N GLY A 9 -10.54 5.49 -6.13
CA GLY A 9 -10.80 5.65 -7.51
C GLY A 9 -10.36 7.00 -7.96
N GLY A 10 -10.99 7.52 -8.99
CA GLY A 10 -10.66 8.82 -9.50
C GLY A 10 -9.48 8.75 -10.43
N ARG A 11 -8.34 8.49 -9.86
CA ARG A 11 -7.11 8.38 -10.57
C ARG A 11 -6.39 7.13 -10.18
N TRP A 12 -6.59 6.10 -10.96
CA TRP A 12 -5.86 4.87 -10.80
C TRP A 12 -4.49 5.01 -11.42
N LYS A 13 -3.48 5.12 -10.60
CA LYS A 13 -2.12 5.26 -11.09
C LYS A 13 -1.20 4.30 -10.34
N HIS A 14 -0.18 3.82 -11.00
CA HIS A 14 0.78 2.89 -10.42
C HIS A 14 1.59 3.56 -9.29
N VAL A 15 1.84 2.84 -8.23
CA VAL A 15 2.54 3.40 -7.06
C VAL A 15 3.92 2.72 -6.88
N ASN A 16 4.31 1.93 -7.84
CA ASN A 16 5.59 1.25 -7.80
C ASN A 16 6.72 2.18 -8.23
N HIS A 17 7.55 2.52 -7.29
CA HIS A 17 8.71 3.34 -7.54
C HIS A 17 9.92 2.43 -7.41
N PHE A 18 10.57 2.16 -8.54
CA PHE A 18 11.71 1.25 -8.64
C PHE A 18 11.29 -0.21 -8.50
N ASP A 19 11.57 -1.01 -9.51
CA ASP A 19 11.14 -2.36 -9.55
C ASP A 19 12.38 -3.20 -9.66
N GLU A 20 12.24 -4.35 -10.22
CA GLU A 20 13.35 -5.21 -10.49
C GLU A 20 13.92 -4.81 -11.84
N ALA A 21 15.20 -4.78 -11.94
CA ALA A 21 15.87 -4.36 -13.14
C ALA A 21 17.05 -5.26 -13.42
N PRO A 22 16.91 -6.17 -14.39
CA PRO A 22 17.99 -7.07 -14.77
C PRO A 22 19.13 -6.30 -15.42
N THR A 23 20.20 -6.17 -14.71
CA THR A 23 21.34 -5.47 -15.21
C THR A 23 22.32 -6.43 -15.86
N GLU A 24 22.11 -6.62 -17.13
CA GLU A 24 22.88 -7.49 -17.96
C GLU A 24 22.74 -6.94 -19.36
N GLY B 1 32.34 -18.39 -2.09
CA GLY B 1 32.13 -18.93 -0.76
C GLY B 1 33.17 -18.43 0.20
N SER B 2 32.75 -17.95 1.33
CA SER B 2 33.65 -17.45 2.33
C SER B 2 33.88 -18.53 3.39
N HIS B 3 32.98 -18.61 4.34
CA HIS B 3 32.94 -19.70 5.31
C HIS B 3 31.67 -20.46 5.05
N MET B 4 30.94 -19.96 4.07
CA MET B 4 29.66 -20.45 3.65
C MET B 4 29.47 -20.04 2.22
N ASN B 5 28.68 -20.79 1.52
CA ASN B 5 28.24 -20.39 0.21
C ASN B 5 26.77 -20.15 0.32
N ALA B 6 26.38 -18.92 0.16
CA ALA B 6 24.99 -18.58 0.25
C ALA B 6 24.36 -18.72 -1.11
N LYS B 7 23.20 -19.30 -1.16
CA LYS B 7 22.52 -19.49 -2.40
C LYS B 7 21.59 -18.33 -2.61
N ILE B 8 22.15 -17.21 -2.95
CA ILE B 8 21.36 -16.03 -3.17
C ILE B 8 21.04 -15.94 -4.62
N LEU B 9 19.81 -16.09 -4.90
CA LEU B 9 19.33 -15.99 -6.24
C LEU B 9 18.91 -14.58 -6.50
N LYS B 10 18.73 -14.26 -7.74
CA LYS B 10 18.36 -12.93 -8.14
C LYS B 10 16.85 -12.71 -8.06
N ASP B 11 16.31 -13.06 -6.93
CA ASP B 11 14.94 -12.81 -6.60
C ASP B 11 14.93 -12.00 -5.35
N ARG B 12 14.41 -10.82 -5.47
CA ARG B 12 14.39 -9.89 -4.36
C ARG B 12 13.25 -10.19 -3.41
N ARG B 13 12.24 -10.89 -3.94
CA ARG B 13 11.04 -11.33 -3.21
C ARG B 13 10.12 -10.15 -2.91
N TYR B 14 10.41 -9.03 -3.53
CA TYR B 14 9.61 -7.84 -3.40
C TYR B 14 8.70 -7.71 -4.60
N TYR B 15 7.45 -7.61 -4.32
CA TYR B 15 6.41 -7.50 -5.30
C TYR B 15 6.02 -6.04 -5.33
N TYR B 16 6.29 -5.36 -6.43
CA TYR B 16 6.09 -3.91 -6.48
C TYR B 16 4.84 -3.53 -7.20
N ASP B 17 4.24 -4.46 -7.92
CA ASP B 17 3.16 -4.07 -8.80
C ASP B 17 1.90 -3.76 -8.00
N TYR B 18 1.59 -2.46 -7.96
CA TYR B 18 0.50 -1.90 -7.18
C TYR B 18 0.04 -0.59 -7.79
N ASP B 19 -1.21 -0.27 -7.64
CA ASP B 19 -1.73 1.03 -8.03
C ASP B 19 -2.35 1.66 -6.83
N TYR B 20 -2.43 2.95 -6.83
CA TYR B 20 -3.07 3.68 -5.79
C TYR B 20 -4.21 4.44 -6.40
N ALA B 21 -5.30 4.52 -5.69
CA ALA B 21 -6.41 5.30 -6.13
C ALA B 21 -6.99 6.04 -4.97
N THR B 22 -7.24 7.29 -5.18
CA THR B 22 -7.87 8.09 -4.18
C THR B 22 -8.32 9.39 -4.82
N ARG B 23 -9.35 9.95 -4.25
CA ARG B 23 -9.95 11.17 -4.75
C ARG B 23 -9.55 12.33 -3.84
N THR B 24 -8.38 12.22 -3.26
CA THR B 24 -7.79 13.27 -2.47
C THR B 24 -6.50 13.68 -3.16
N LYS B 25 -6.04 14.88 -2.89
CA LYS B 25 -4.80 15.35 -3.47
C LYS B 25 -3.79 15.65 -2.39
N LYS B 26 -4.10 15.23 -1.19
CA LYS B 26 -3.20 15.41 -0.07
C LYS B 26 -2.04 14.45 -0.22
N SER B 27 -0.87 15.01 -0.40
CA SER B 27 0.33 14.23 -0.63
C SER B 27 0.75 13.44 0.60
N TRP B 28 0.27 13.88 1.71
CA TRP B 28 0.55 13.28 3.00
C TRP B 28 -0.43 12.15 3.32
N LEU B 29 -1.27 11.87 2.37
CA LEU B 29 -2.26 10.80 2.48
C LEU B 29 -2.04 9.77 1.39
N ILE B 30 -1.37 10.18 0.34
CA ILE B 30 -1.12 9.33 -0.78
C ILE B 30 0.23 8.64 -0.64
N PRO B 31 0.25 7.29 -0.69
CA PRO B 31 1.48 6.50 -0.57
C PRO B 31 2.43 6.80 -1.72
N SER B 32 3.69 6.77 -1.43
CA SER B 32 4.69 7.02 -2.42
C SER B 32 5.22 5.72 -2.99
N ARG B 33 5.21 4.66 -2.19
CA ARG B 33 5.71 3.38 -2.65
C ARG B 33 4.97 2.28 -1.94
N VAL B 34 4.49 1.31 -2.67
CA VAL B 34 3.81 0.18 -2.07
C VAL B 34 4.34 -1.09 -2.69
N TYR B 35 4.80 -1.99 -1.86
CA TYR B 35 5.38 -3.23 -2.32
C TYR B 35 5.37 -4.24 -1.19
N ASP B 36 5.16 -5.49 -1.50
CA ASP B 36 5.20 -6.52 -0.47
C ASP B 36 6.39 -7.39 -0.65
N ASP B 37 6.70 -8.11 0.38
CA ASP B 37 7.72 -9.10 0.33
C ASP B 37 7.27 -10.27 1.14
N GLY B 38 6.99 -11.35 0.43
CA GLY B 38 6.62 -12.60 1.03
C GLY B 38 5.20 -12.62 1.57
N LYS B 39 4.94 -11.74 2.51
CA LYS B 39 3.74 -11.72 3.24
C LYS B 39 3.50 -10.31 3.75
N PHE B 40 4.55 -9.65 4.07
CA PHE B 40 4.49 -8.29 4.60
C PHE B 40 4.35 -7.30 3.47
N THR B 41 3.39 -6.43 3.58
CA THR B 41 3.16 -5.44 2.58
C THR B 41 3.63 -4.09 3.13
N TYR B 42 4.57 -3.49 2.47
CA TYR B 42 5.21 -2.27 2.89
C TYR B 42 4.62 -1.10 2.16
N ILE B 43 4.09 -0.17 2.89
CA ILE B 43 3.48 0.99 2.33
C ILE B 43 4.22 2.23 2.81
N ASN B 44 5.04 2.78 1.96
CA ASN B 44 5.79 3.98 2.27
C ASN B 44 4.92 5.17 2.04
N MET B 45 4.59 5.84 3.10
CA MET B 45 3.67 6.96 3.04
C MET B 45 4.25 8.12 3.80
N ASP B 46 3.53 9.21 3.86
CA ASP B 46 4.02 10.39 4.55
C ASP B 46 3.47 10.39 5.97
N LEU B 47 3.72 9.30 6.67
CA LEU B 47 3.18 9.08 8.02
C LEU B 47 3.84 10.00 9.04
N THR B 48 4.89 10.66 8.62
CA THR B 48 5.63 11.59 9.46
C THR B 48 4.76 12.82 9.81
N ARG B 49 3.62 12.96 9.17
CA ARG B 49 2.74 14.08 9.41
C ARG B 49 1.79 13.76 10.55
N PHE B 50 1.86 12.54 11.00
CA PHE B 50 1.04 12.06 12.08
C PHE B 50 1.90 11.82 13.32
N PRO B 51 1.97 12.81 14.21
CA PRO B 51 2.78 12.74 15.38
C PRO B 51 2.05 12.06 16.54
N THR B 52 2.76 11.87 17.63
CA THR B 52 2.24 11.27 18.88
C THR B 52 1.96 9.75 18.71
N GLY B 53 2.18 9.26 17.51
CA GLY B 53 1.87 7.89 17.22
C GLY B 53 0.46 7.76 16.72
N ASN B 54 -0.11 8.89 16.30
CA ASN B 54 -1.48 8.96 15.79
C ASN B 54 -1.51 8.57 14.33
N PHE B 55 -0.88 7.47 14.03
CA PHE B 55 -0.75 6.94 12.70
C PHE B 55 -2.11 6.46 12.19
N PRO B 56 -2.31 6.48 10.87
CA PRO B 56 -3.57 6.07 10.25
C PRO B 56 -3.85 4.59 10.38
N ALA B 57 -5.04 4.21 10.03
CA ALA B 57 -5.46 2.84 10.11
C ALA B 57 -5.44 2.26 8.72
N VAL B 58 -4.78 1.15 8.57
CA VAL B 58 -4.74 0.50 7.31
C VAL B 58 -5.48 -0.81 7.39
N PHE B 59 -6.27 -1.04 6.41
CA PHE B 59 -7.10 -2.18 6.32
C PHE B 59 -6.74 -2.93 5.05
N ALA B 60 -7.18 -4.15 4.99
CA ALA B 60 -6.95 -5.00 3.87
C ALA B 60 -8.27 -5.42 3.27
N ARG B 61 -8.25 -5.76 2.01
CA ARG B 61 -9.42 -6.32 1.35
C ARG B 61 -9.06 -7.50 0.47
N GLU B 62 -9.94 -8.47 0.44
CA GLU B 62 -9.78 -9.63 -0.41
C GLU B 62 -10.33 -9.33 -1.80
N LYS B 63 -11.21 -8.37 -1.86
CA LYS B 63 -11.83 -7.91 -3.08
C LYS B 63 -12.04 -6.44 -2.95
N GLU B 64 -12.27 -5.76 -4.04
CA GLU B 64 -12.48 -4.32 -3.97
C GLU B 64 -13.83 -4.02 -3.37
N HIS B 65 -14.72 -4.99 -3.53
CA HIS B 65 -16.06 -4.90 -3.03
C HIS B 65 -16.21 -5.65 -1.70
N ALA B 66 -15.10 -6.03 -1.12
CA ALA B 66 -15.15 -6.69 0.17
C ALA B 66 -15.12 -5.62 1.22
N GLU B 67 -15.21 -6.00 2.45
CA GLU B 67 -15.14 -5.03 3.49
C GLU B 67 -13.70 -4.89 3.93
N ASP B 68 -13.38 -3.78 4.50
CA ASP B 68 -12.04 -3.51 4.94
C ASP B 68 -11.77 -4.14 6.28
N PHE B 69 -10.77 -4.98 6.28
CA PHE B 69 -10.37 -5.76 7.42
C PHE B 69 -9.23 -5.06 8.10
N LEU B 70 -9.26 -5.01 9.40
CA LEU B 70 -8.30 -4.22 10.18
C LEU B 70 -6.88 -4.78 10.15
N VAL B 71 -6.77 -6.09 9.91
CA VAL B 71 -5.52 -6.90 9.87
C VAL B 71 -4.42 -6.51 10.92
N ASN B 72 -3.25 -7.07 10.76
CA ASN B 72 -2.10 -6.78 11.62
C ASN B 72 -1.16 -5.85 10.90
N THR B 73 -0.72 -4.80 11.55
CA THR B 73 0.16 -3.85 10.93
C THR B 73 1.21 -3.33 11.90
N THR B 74 2.42 -3.17 11.43
CA THR B 74 3.46 -2.53 12.18
C THR B 74 3.84 -1.26 11.44
N VAL B 75 4.14 -0.23 12.16
CA VAL B 75 4.53 1.02 11.57
C VAL B 75 6.00 1.32 11.88
N GLU B 76 6.78 1.33 10.84
CA GLU B 76 8.18 1.61 10.93
C GLU B 76 8.49 2.89 10.22
N GLY B 77 8.64 3.94 10.99
CA GLY B 77 8.93 5.25 10.48
C GLY B 77 7.77 5.81 9.70
N ASN B 78 7.82 5.64 8.43
CA ASN B 78 6.77 6.09 7.55
C ASN B 78 6.32 4.96 6.65
N THR B 79 6.62 3.75 7.06
CA THR B 79 6.24 2.60 6.29
C THR B 79 5.27 1.73 7.09
N LEU B 80 4.14 1.42 6.52
CA LEU B 80 3.20 0.51 7.13
C LEU B 80 3.51 -0.87 6.66
N ILE B 81 3.73 -1.74 7.58
CA ILE B 81 3.97 -3.12 7.29
C ILE B 81 2.72 -3.90 7.63
N VAL B 82 1.98 -4.19 6.62
CA VAL B 82 0.77 -4.95 6.78
C VAL B 82 1.14 -6.41 6.76
N HIS B 83 0.83 -7.09 7.80
CA HIS B 83 1.17 -8.45 7.87
C HIS B 83 0.13 -9.23 7.12
N GLY B 84 0.47 -9.59 5.93
CA GLY B 84 -0.42 -10.34 5.09
C GLY B 84 -0.56 -9.67 3.73
N THR B 85 -0.44 -10.45 2.69
CA THR B 85 -0.58 -9.94 1.35
C THR B 85 -2.03 -10.04 0.93
N TYR B 86 -2.54 -9.01 0.33
CA TYR B 86 -3.91 -8.98 -0.13
C TYR B 86 -3.96 -8.31 -1.46
N PRO B 87 -4.89 -8.70 -2.33
CA PRO B 87 -5.03 -8.11 -3.64
C PRO B 87 -5.45 -6.63 -3.57
N PHE B 88 -6.06 -6.24 -2.45
CA PHE B 88 -6.49 -4.87 -2.28
C PHE B 88 -6.21 -4.44 -0.87
N LEU B 89 -5.74 -3.24 -0.71
CA LEU B 89 -5.52 -2.68 0.60
C LEU B 89 -6.21 -1.35 0.64
N VAL B 90 -6.58 -0.91 1.80
CA VAL B 90 -7.30 0.32 1.97
C VAL B 90 -6.72 1.07 3.15
N VAL B 91 -6.22 2.23 2.92
CA VAL B 91 -5.59 2.99 3.97
C VAL B 91 -6.54 4.12 4.32
N ARG B 92 -6.81 4.32 5.57
CA ARG B 92 -7.78 5.26 5.98
C ARG B 92 -7.13 6.28 6.85
N HIS B 93 -7.22 7.50 6.44
CA HIS B 93 -6.66 8.59 7.18
C HIS B 93 -7.78 9.51 7.54
N GLY B 94 -8.25 9.39 8.75
CA GLY B 94 -9.35 10.19 9.26
C GLY B 94 -10.59 10.20 8.35
N ASP B 95 -10.75 11.31 7.65
CA ASP B 95 -11.93 11.59 6.83
C ASP B 95 -11.68 11.14 5.39
N ASN B 96 -10.46 10.73 5.11
CA ASN B 96 -10.07 10.38 3.76
C ASN B 96 -9.61 8.94 3.70
N VAL B 97 -9.50 8.40 2.51
CA VAL B 97 -9.17 7.02 2.35
C VAL B 97 -8.49 6.80 0.98
N VAL B 98 -7.61 5.83 0.91
CA VAL B 98 -6.88 5.50 -0.32
C VAL B 98 -6.96 3.99 -0.54
N GLY B 99 -7.12 3.57 -1.78
CA GLY B 99 -7.17 2.17 -2.08
C GLY B 99 -5.98 1.75 -2.89
N LEU B 100 -5.51 0.55 -2.65
CA LEU B 100 -4.38 0.00 -3.34
C LEU B 100 -4.78 -1.27 -4.04
N ARG B 101 -4.32 -1.42 -5.24
CA ARG B 101 -4.59 -2.59 -6.03
C ARG B 101 -3.30 -3.32 -6.31
N ARG B 102 -3.22 -4.54 -5.87
CA ARG B 102 -2.06 -5.36 -6.13
C ARG B 102 -2.22 -5.95 -7.51
N ASN B 103 -1.26 -5.77 -8.34
CA ASN B 103 -1.35 -6.21 -9.71
C ASN B 103 -0.65 -7.51 -9.90
N LYS B 104 -1.18 -8.32 -10.75
CA LYS B 104 -0.64 -9.63 -11.06
C LYS B 104 0.71 -9.55 -11.77
N GLN B 105 1.32 -10.68 -11.95
CA GLN B 105 2.54 -10.78 -12.67
C GLN B 105 2.24 -10.98 -14.14
N LYS B 106 2.66 -10.00 -14.92
CA LYS B 106 2.49 -9.93 -16.36
C LYS B 106 1.07 -9.47 -16.69
N THR A 2 -21.41 12.47 2.31
CA THR A 2 -21.88 11.63 1.24
C THR A 2 -21.16 10.31 1.29
N LYS A 3 -21.92 9.22 1.48
CA LYS A 3 -21.40 7.86 1.53
C LYS A 3 -20.63 7.65 2.84
N PRO A 4 -21.27 7.00 3.83
CA PRO A 4 -20.70 6.82 5.18
C PRO A 4 -19.59 5.76 5.24
N ALA A 5 -19.30 5.18 4.12
CA ALA A 5 -18.22 4.26 3.95
C ALA A 5 -17.40 4.75 2.77
N PRO A 6 -16.38 5.60 3.04
CA PRO A 6 -15.55 6.22 2.00
C PRO A 6 -14.93 5.22 1.03
N ASP A 7 -14.99 5.55 -0.24
CA ASP A 7 -14.50 4.71 -1.30
C ASP A 7 -13.25 5.34 -1.88
N PHE A 8 -12.43 4.52 -2.49
CA PHE A 8 -11.25 4.97 -3.20
C PHE A 8 -11.64 5.80 -4.40
N GLY A 9 -10.73 6.56 -4.91
CA GLY A 9 -11.04 7.46 -5.98
C GLY A 9 -10.92 6.81 -7.32
N GLY A 10 -10.92 7.60 -8.35
CA GLY A 10 -10.82 7.07 -9.67
C GLY A 10 -9.52 7.44 -10.28
N ARG A 11 -8.66 8.01 -9.47
CA ARG A 11 -7.35 8.36 -9.92
C ARG A 11 -6.45 7.15 -9.72
N TRP A 12 -6.69 6.14 -10.54
CA TRP A 12 -5.87 4.95 -10.55
C TRP A 12 -4.53 5.25 -11.14
N LYS A 13 -3.54 5.28 -10.32
CA LYS A 13 -2.20 5.54 -10.74
C LYS A 13 -1.27 4.48 -10.19
N HIS A 14 -0.32 4.06 -11.00
CA HIS A 14 0.66 3.07 -10.61
C HIS A 14 1.55 3.59 -9.50
N VAL A 15 1.88 2.71 -8.58
CA VAL A 15 2.80 3.02 -7.51
C VAL A 15 3.86 1.90 -7.46
N ASN A 16 4.03 1.27 -8.61
CA ASN A 16 4.96 0.17 -8.78
C ASN A 16 6.41 0.63 -8.66
N HIS A 17 6.93 0.51 -7.43
CA HIS A 17 8.29 0.89 -7.06
C HIS A 17 8.44 2.41 -7.06
N PHE A 18 8.63 2.96 -8.23
CA PHE A 18 8.76 4.39 -8.48
C PHE A 18 8.46 4.67 -9.94
N ASP A 19 7.38 5.38 -10.20
CA ASP A 19 7.04 5.75 -11.58
C ASP A 19 7.60 7.15 -11.85
N GLU A 20 7.91 7.84 -10.75
CA GLU A 20 8.43 9.19 -10.74
C GLU A 20 7.47 10.21 -11.30
N ALA A 21 6.58 10.63 -10.46
CA ALA A 21 5.63 11.67 -10.78
C ALA A 21 5.40 12.51 -9.54
N PRO A 22 6.10 13.65 -9.43
CA PRO A 22 5.96 14.54 -8.29
C PRO A 22 4.60 15.24 -8.30
N THR A 23 3.70 14.76 -7.50
CA THR A 23 2.40 15.33 -7.43
C THR A 23 2.17 15.94 -6.06
N GLU A 24 2.46 17.22 -5.97
CA GLU A 24 2.19 18.05 -4.82
C GLU A 24 2.63 19.42 -5.20
N GLY B 1 8.77 -15.16 -12.54
CA GLY B 1 9.65 -15.85 -13.49
C GLY B 1 8.84 -16.77 -14.36
N SER B 2 9.50 -17.79 -14.91
CA SER B 2 8.86 -18.83 -15.73
C SER B 2 8.19 -18.26 -17.03
N HIS B 3 8.65 -17.11 -17.50
CA HIS B 3 8.08 -16.49 -18.68
C HIS B 3 9.04 -16.56 -19.86
N MET B 4 8.55 -17.21 -20.91
CA MET B 4 9.26 -17.46 -22.18
C MET B 4 10.40 -18.44 -21.98
N ASN B 5 11.47 -17.95 -21.47
CA ASN B 5 12.62 -18.73 -21.11
C ASN B 5 13.19 -18.16 -19.84
N ALA B 6 12.59 -18.58 -18.77
CA ALA B 6 12.95 -18.16 -17.44
C ALA B 6 12.53 -19.23 -16.48
N LYS B 7 13.15 -19.30 -15.35
CA LYS B 7 12.88 -20.33 -14.39
C LYS B 7 12.18 -19.74 -13.18
N ILE B 8 12.14 -20.48 -12.11
CA ILE B 8 11.53 -20.03 -10.88
C ILE B 8 12.63 -19.42 -10.04
N LEU B 9 12.43 -18.25 -9.56
CA LEU B 9 13.43 -17.61 -8.75
C LEU B 9 13.36 -18.13 -7.34
N LYS B 10 14.42 -18.76 -6.92
CA LYS B 10 14.54 -19.26 -5.58
C LYS B 10 15.08 -18.13 -4.78
N ASP B 11 14.40 -17.78 -3.70
CA ASP B 11 14.60 -16.54 -2.97
C ASP B 11 14.01 -15.42 -3.78
N ARG B 12 12.81 -15.13 -3.44
CA ARG B 12 11.96 -14.17 -4.12
C ARG B 12 12.53 -12.76 -4.07
N ARG B 13 11.91 -11.88 -4.79
CA ARG B 13 12.27 -10.55 -4.77
C ARG B 13 11.07 -9.87 -4.11
N TYR B 14 10.85 -8.66 -4.39
CA TYR B 14 9.74 -7.95 -3.83
C TYR B 14 8.68 -7.80 -4.88
N TYR B 15 7.47 -7.70 -4.47
CA TYR B 15 6.40 -7.51 -5.37
C TYR B 15 6.11 -6.03 -5.38
N TYR B 16 6.39 -5.40 -6.49
CA TYR B 16 6.27 -3.97 -6.59
C TYR B 16 5.03 -3.54 -7.35
N ASP B 17 4.38 -4.46 -8.03
CA ASP B 17 3.26 -4.07 -8.86
C ASP B 17 2.02 -3.77 -8.03
N TYR B 18 1.69 -2.49 -7.96
CA TYR B 18 0.57 -1.96 -7.18
C TYR B 18 0.11 -0.66 -7.79
N ASP B 19 -1.11 -0.27 -7.47
CA ASP B 19 -1.65 1.03 -7.87
C ASP B 19 -2.36 1.59 -6.70
N TYR B 20 -2.60 2.86 -6.72
CA TYR B 20 -3.42 3.49 -5.70
C TYR B 20 -4.50 4.33 -6.36
N ALA B 21 -5.63 4.44 -5.69
CA ALA B 21 -6.73 5.24 -6.14
C ALA B 21 -7.35 6.00 -5.01
N THR B 22 -7.29 7.26 -5.11
CA THR B 22 -7.90 8.15 -4.20
C THR B 22 -8.34 9.37 -4.97
N ARG B 23 -9.00 10.24 -4.30
CA ARG B 23 -9.45 11.46 -4.87
C ARG B 23 -9.09 12.62 -3.95
N THR B 24 -8.22 12.32 -3.00
CA THR B 24 -7.68 13.33 -2.15
C THR B 24 -6.44 13.89 -2.84
N LYS B 25 -6.14 15.12 -2.58
CA LYS B 25 -5.01 15.75 -3.21
C LYS B 25 -3.95 16.07 -2.18
N LYS B 26 -3.97 15.31 -1.12
CA LYS B 26 -2.99 15.44 -0.08
C LYS B 26 -1.99 14.34 -0.24
N SER B 27 -0.80 14.71 -0.63
CA SER B 27 0.27 13.78 -0.92
C SER B 27 0.80 13.10 0.34
N TRP B 28 0.41 13.64 1.47
CA TRP B 28 0.78 13.09 2.75
C TRP B 28 -0.21 12.00 3.19
N LEU B 29 -1.14 11.73 2.32
CA LEU B 29 -2.14 10.69 2.54
C LEU B 29 -1.99 9.61 1.49
N ILE B 30 -1.26 9.92 0.47
CA ILE B 30 -1.02 9.03 -0.63
C ILE B 30 0.31 8.29 -0.43
N PRO B 31 0.32 6.96 -0.64
CA PRO B 31 1.55 6.19 -0.53
C PRO B 31 2.51 6.50 -1.67
N SER B 32 3.72 6.79 -1.32
CA SER B 32 4.74 7.15 -2.27
C SER B 32 5.41 5.88 -2.82
N ARG B 33 5.40 4.81 -2.06
CA ARG B 33 6.04 3.58 -2.50
C ARG B 33 5.32 2.40 -1.87
N VAL B 34 5.06 1.37 -2.65
CA VAL B 34 4.38 0.18 -2.13
C VAL B 34 5.04 -1.06 -2.72
N TYR B 35 5.46 -1.95 -1.85
CA TYR B 35 6.03 -3.24 -2.26
C TYR B 35 5.98 -4.19 -1.09
N ASP B 36 5.87 -5.45 -1.35
CA ASP B 36 5.84 -6.46 -0.30
C ASP B 36 6.85 -7.51 -0.54
N ASP B 37 7.04 -8.30 0.48
CA ASP B 37 7.85 -9.46 0.41
C ASP B 37 7.08 -10.55 1.08
N GLY B 38 6.62 -11.49 0.26
CA GLY B 38 5.87 -12.64 0.74
C GLY B 38 4.48 -12.30 1.26
N LYS B 39 4.46 -11.56 2.34
CA LYS B 39 3.28 -11.21 3.05
C LYS B 39 3.42 -9.84 3.64
N PHE B 40 4.60 -9.50 4.09
CA PHE B 40 4.81 -8.21 4.70
C PHE B 40 4.82 -7.16 3.63
N THR B 41 3.86 -6.30 3.67
CA THR B 41 3.72 -5.27 2.70
C THR B 41 4.22 -3.97 3.27
N TYR B 42 5.16 -3.36 2.61
CA TYR B 42 5.78 -2.15 3.05
C TYR B 42 5.23 -0.98 2.25
N ILE B 43 4.50 -0.14 2.94
CA ILE B 43 3.87 1.00 2.31
C ILE B 43 4.51 2.28 2.83
N ASN B 44 5.28 2.93 2.00
CA ASN B 44 5.91 4.19 2.36
C ASN B 44 4.94 5.29 2.17
N MET B 45 4.57 5.93 3.24
CA MET B 45 3.62 7.02 3.20
C MET B 45 4.19 8.17 4.02
N ASP B 46 3.53 9.29 4.03
CA ASP B 46 4.05 10.45 4.76
C ASP B 46 3.48 10.41 6.18
N LEU B 47 3.82 9.37 6.90
CA LEU B 47 3.27 9.13 8.25
C LEU B 47 3.86 10.08 9.26
N THR B 48 4.90 10.75 8.87
CA THR B 48 5.58 11.73 9.70
C THR B 48 4.68 12.99 9.94
N ARG B 49 3.56 13.05 9.24
CA ARG B 49 2.56 14.12 9.44
C ARG B 49 1.68 13.80 10.61
N PHE B 50 1.76 12.58 11.04
CA PHE B 50 0.95 12.06 12.11
C PHE B 50 1.78 11.81 13.36
N PRO B 51 1.81 12.80 14.26
CA PRO B 51 2.57 12.71 15.48
C PRO B 51 1.73 12.15 16.62
N THR B 52 2.39 11.92 17.76
CA THR B 52 1.75 11.44 18.99
C THR B 52 1.25 9.98 18.80
N GLY B 53 1.80 9.33 17.78
CA GLY B 53 1.43 7.98 17.46
C GLY B 53 0.04 7.90 16.85
N ASN B 54 -0.39 9.00 16.26
CA ASN B 54 -1.72 9.08 15.67
C ASN B 54 -1.65 8.65 14.22
N PHE B 55 -1.15 7.47 14.03
CA PHE B 55 -1.00 6.90 12.72
C PHE B 55 -2.36 6.52 12.13
N PRO B 56 -2.48 6.58 10.80
CA PRO B 56 -3.73 6.27 10.09
C PRO B 56 -4.12 4.81 10.19
N ALA B 57 -5.31 4.51 9.78
CA ALA B 57 -5.81 3.17 9.81
C ALA B 57 -5.61 2.52 8.45
N VAL B 58 -5.26 1.28 8.45
CA VAL B 58 -5.06 0.53 7.24
C VAL B 58 -5.89 -0.73 7.31
N PHE B 59 -6.44 -1.10 6.21
CA PHE B 59 -7.30 -2.24 6.11
C PHE B 59 -6.92 -3.03 4.89
N ALA B 60 -7.31 -4.26 4.89
CA ALA B 60 -7.09 -5.14 3.78
C ALA B 60 -8.42 -5.53 3.20
N ARG B 61 -8.45 -5.84 1.94
CA ARG B 61 -9.67 -6.35 1.30
C ARG B 61 -9.36 -7.52 0.36
N GLU B 62 -10.27 -8.49 0.32
CA GLU B 62 -10.18 -9.63 -0.59
C GLU B 62 -10.52 -9.18 -2.01
N LYS B 63 -11.41 -8.23 -2.10
CA LYS B 63 -11.86 -7.71 -3.35
C LYS B 63 -12.25 -6.26 -3.14
N GLU B 64 -12.56 -5.57 -4.22
CA GLU B 64 -12.90 -4.16 -4.16
C GLU B 64 -14.16 -3.92 -3.37
N HIS B 65 -15.05 -4.88 -3.40
CA HIS B 65 -16.32 -4.81 -2.69
C HIS B 65 -16.32 -5.68 -1.45
N ALA B 66 -15.15 -5.94 -0.91
CA ALA B 66 -15.04 -6.71 0.31
C ALA B 66 -15.09 -5.78 1.48
N GLU B 67 -15.19 -6.33 2.66
CA GLU B 67 -15.16 -5.55 3.84
C GLU B 67 -13.71 -5.15 4.14
N ASP B 68 -13.55 -4.12 4.88
CA ASP B 68 -12.25 -3.63 5.25
C ASP B 68 -11.80 -4.38 6.46
N PHE B 69 -10.78 -5.17 6.32
CA PHE B 69 -10.23 -5.95 7.43
C PHE B 69 -9.17 -5.14 8.11
N LEU B 70 -9.24 -5.04 9.42
CA LEU B 70 -8.30 -4.21 10.20
C LEU B 70 -6.86 -4.68 10.05
N VAL B 71 -6.73 -6.00 9.83
CA VAL B 71 -5.46 -6.75 9.71
C VAL B 71 -4.32 -6.41 10.69
N ASN B 72 -3.24 -7.11 10.55
CA ASN B 72 -2.06 -6.91 11.39
C ASN B 72 -1.12 -5.97 10.71
N THR B 73 -0.69 -4.95 11.40
CA THR B 73 0.19 -3.98 10.82
C THR B 73 1.23 -3.52 11.85
N THR B 74 2.40 -3.23 11.38
CA THR B 74 3.43 -2.65 12.19
C THR B 74 3.84 -1.33 11.51
N VAL B 75 4.11 -0.34 12.28
CA VAL B 75 4.49 0.96 11.75
C VAL B 75 5.93 1.29 12.10
N GLU B 76 6.75 1.29 11.09
CA GLU B 76 8.14 1.61 11.23
C GLU B 76 8.43 2.88 10.50
N GLY B 77 8.71 3.91 11.25
CA GLY B 77 9.06 5.21 10.70
C GLY B 77 7.93 5.84 9.92
N ASN B 78 7.93 5.60 8.63
CA ASN B 78 6.92 6.12 7.73
C ASN B 78 6.42 5.01 6.82
N THR B 79 6.68 3.78 7.20
CA THR B 79 6.30 2.67 6.41
C THR B 79 5.30 1.78 7.18
N LEU B 80 4.16 1.50 6.58
CA LEU B 80 3.21 0.60 7.17
C LEU B 80 3.51 -0.77 6.70
N ILE B 81 3.77 -1.64 7.61
CA ILE B 81 4.05 -3.01 7.30
C ILE B 81 2.81 -3.82 7.57
N VAL B 82 2.09 -4.13 6.53
CA VAL B 82 0.90 -4.93 6.64
C VAL B 82 1.31 -6.39 6.61
N HIS B 83 1.02 -7.09 7.65
CA HIS B 83 1.42 -8.45 7.70
C HIS B 83 0.38 -9.28 7.03
N GLY B 84 0.68 -9.61 5.81
CA GLY B 84 -0.20 -10.40 5.00
C GLY B 84 -0.46 -9.71 3.70
N THR B 85 -0.24 -10.40 2.60
CA THR B 85 -0.46 -9.82 1.29
C THR B 85 -1.86 -10.09 0.78
N TYR B 86 -2.56 -9.05 0.40
CA TYR B 86 -3.91 -9.13 -0.07
C TYR B 86 -3.99 -8.46 -1.43
N PRO B 87 -4.93 -8.85 -2.29
CA PRO B 87 -5.09 -8.27 -3.62
C PRO B 87 -5.51 -6.79 -3.57
N PHE B 88 -6.16 -6.40 -2.50
CA PHE B 88 -6.59 -5.04 -2.33
C PHE B 88 -6.34 -4.59 -0.93
N LEU B 89 -5.88 -3.39 -0.79
CA LEU B 89 -5.65 -2.80 0.50
C LEU B 89 -6.32 -1.45 0.53
N VAL B 90 -6.59 -0.96 1.68
CA VAL B 90 -7.25 0.33 1.85
C VAL B 90 -6.57 1.08 2.96
N VAL B 91 -6.21 2.29 2.72
CA VAL B 91 -5.58 3.09 3.75
C VAL B 91 -6.48 4.29 3.98
N ARG B 92 -6.71 4.62 5.23
CA ARG B 92 -7.66 5.62 5.55
C ARG B 92 -7.07 6.56 6.56
N HIS B 93 -6.94 7.77 6.16
CA HIS B 93 -6.38 8.81 6.97
C HIS B 93 -7.49 9.75 7.34
N GLY B 94 -7.97 9.61 8.54
CA GLY B 94 -9.06 10.43 9.02
C GLY B 94 -10.33 10.20 8.22
N ASP B 95 -10.62 11.11 7.34
CA ASP B 95 -11.83 11.05 6.53
C ASP B 95 -11.48 10.85 5.05
N ASN B 96 -10.21 10.69 4.77
CA ASN B 96 -9.75 10.56 3.40
C ASN B 96 -9.25 9.16 3.22
N VAL B 97 -9.46 8.59 2.07
CA VAL B 97 -9.12 7.21 1.89
C VAL B 97 -8.52 6.96 0.50
N VAL B 98 -7.61 6.01 0.42
CA VAL B 98 -7.02 5.59 -0.82
C VAL B 98 -7.00 4.07 -0.88
N GLY B 99 -7.32 3.53 -2.03
CA GLY B 99 -7.34 2.10 -2.21
C GLY B 99 -6.14 1.66 -2.99
N LEU B 100 -5.61 0.53 -2.66
CA LEU B 100 -4.44 -0.01 -3.30
C LEU B 100 -4.77 -1.31 -3.97
N ARG B 101 -4.30 -1.46 -5.18
CA ARG B 101 -4.56 -2.63 -5.97
C ARG B 101 -3.26 -3.37 -6.23
N ARG B 102 -3.22 -4.63 -5.84
CA ARG B 102 -2.08 -5.46 -6.13
C ARG B 102 -2.26 -6.02 -7.51
N ASN B 103 -1.32 -5.77 -8.36
CA ASN B 103 -1.44 -6.26 -9.71
C ASN B 103 -0.82 -7.59 -9.83
N LYS B 104 -1.66 -8.56 -9.98
CA LYS B 104 -1.21 -9.91 -10.16
C LYS B 104 -0.59 -10.08 -11.52
N GLN B 105 0.53 -10.72 -11.54
CA GLN B 105 1.14 -11.00 -12.79
C GLN B 105 0.42 -12.14 -13.45
N LYS B 106 -0.06 -11.84 -14.64
CA LYS B 106 -0.93 -12.69 -15.48
C LYS B 106 -2.38 -12.44 -15.10
N THR A 2 -22.01 15.49 -2.73
CA THR A 2 -21.26 15.91 -3.90
C THR A 2 -20.18 14.85 -4.26
N LYS A 3 -19.57 14.23 -3.26
CA LYS A 3 -18.60 13.18 -3.47
C LYS A 3 -19.02 11.99 -2.64
N PRO A 4 -19.79 11.08 -3.23
CA PRO A 4 -20.38 9.98 -2.50
C PRO A 4 -19.41 8.82 -2.25
N ALA A 5 -19.62 8.17 -1.10
CA ALA A 5 -18.85 7.02 -0.62
C ALA A 5 -17.42 7.38 -0.27
N PRO A 6 -17.10 7.47 1.04
CA PRO A 6 -15.75 7.67 1.53
C PRO A 6 -14.94 6.38 1.39
N ASP A 7 -14.79 6.00 0.18
CA ASP A 7 -14.11 4.80 -0.23
C ASP A 7 -13.17 5.25 -1.36
N PHE A 8 -12.46 4.35 -1.97
CA PHE A 8 -11.51 4.73 -2.99
C PHE A 8 -12.16 4.77 -4.36
N GLY A 9 -11.43 5.25 -5.33
CA GLY A 9 -11.91 5.29 -6.67
C GLY A 9 -11.43 6.52 -7.37
N GLY A 10 -12.13 6.90 -8.41
CA GLY A 10 -11.82 8.10 -9.14
C GLY A 10 -10.71 7.88 -10.14
N ARG A 11 -9.52 7.79 -9.65
CA ARG A 11 -8.36 7.63 -10.47
C ARG A 11 -7.65 6.36 -10.03
N TRP A 12 -7.96 5.26 -10.67
CA TRP A 12 -7.30 4.01 -10.40
C TRP A 12 -6.02 3.83 -11.21
N LYS A 13 -4.84 4.03 -10.58
CA LYS A 13 -3.54 3.73 -11.19
C LYS A 13 -2.34 4.19 -10.35
N HIS A 14 -1.26 3.48 -10.53
CA HIS A 14 0.11 3.82 -10.22
C HIS A 14 0.52 4.14 -8.79
N VAL A 15 1.05 3.15 -8.12
CA VAL A 15 1.80 3.36 -6.91
C VAL A 15 2.78 2.20 -6.71
N ASN A 16 3.92 2.34 -7.31
CA ASN A 16 4.89 1.27 -7.33
C ASN A 16 6.27 1.79 -7.08
N HIS A 17 7.11 0.91 -6.59
CA HIS A 17 8.50 1.20 -6.43
C HIS A 17 9.28 0.49 -7.51
N PHE A 18 9.40 1.10 -8.64
CA PHE A 18 10.14 0.52 -9.72
C PHE A 18 11.37 1.36 -9.97
N ASP A 19 12.26 1.27 -9.05
CA ASP A 19 13.54 1.93 -9.07
C ASP A 19 14.47 1.17 -8.18
N GLU A 20 15.44 0.53 -8.76
CA GLU A 20 16.35 -0.37 -8.05
C GLU A 20 17.54 0.35 -7.44
N ALA A 21 17.36 1.61 -7.15
CA ALA A 21 18.37 2.39 -6.50
C ALA A 21 18.10 2.36 -5.01
N PRO A 22 19.13 2.12 -4.16
CA PRO A 22 18.96 2.13 -2.70
C PRO A 22 18.34 3.44 -2.25
N THR A 23 17.26 3.36 -1.51
CA THR A 23 16.53 4.52 -1.10
C THR A 23 16.12 4.41 0.36
N GLU A 24 15.45 5.42 0.85
CA GLU A 24 15.03 5.51 2.21
C GLU A 24 13.53 5.47 2.25
N GLY B 1 -3.06 -27.23 13.69
CA GLY B 1 -2.58 -25.87 13.54
C GLY B 1 -3.36 -25.12 12.49
N SER B 2 -3.74 -23.91 12.80
CA SER B 2 -4.43 -23.06 11.87
C SER B 2 -3.42 -22.38 10.93
N HIS B 3 -2.48 -21.69 11.53
CA HIS B 3 -1.46 -20.99 10.79
C HIS B 3 -0.24 -21.89 10.61
N MET B 4 -0.04 -22.77 11.57
CA MET B 4 1.07 -23.68 11.52
C MET B 4 0.60 -25.02 10.98
N ASN B 5 0.43 -25.05 9.68
CA ASN B 5 0.05 -26.26 8.97
C ASN B 5 0.51 -26.14 7.55
N ALA B 6 1.78 -26.19 7.42
CA ALA B 6 2.53 -26.06 6.17
C ALA B 6 3.98 -26.06 6.55
N LYS B 7 4.85 -26.01 5.59
CA LYS B 7 6.24 -25.89 5.88
C LYS B 7 6.63 -24.47 5.65
N ILE B 8 6.62 -23.70 6.71
CA ILE B 8 6.84 -22.28 6.63
C ILE B 8 8.30 -21.99 6.33
N LEU B 9 8.49 -21.19 5.35
CA LEU B 9 9.78 -20.79 4.88
C LEU B 9 9.70 -19.32 4.61
N LYS B 10 10.82 -18.69 4.40
CA LYS B 10 10.82 -17.37 4.01
C LYS B 10 10.71 -17.34 2.50
N ASP B 11 9.52 -17.15 2.05
CA ASP B 11 9.26 -17.03 0.66
C ASP B 11 9.52 -15.63 0.26
N ARG B 12 10.63 -15.44 -0.37
CA ARG B 12 11.02 -14.14 -0.83
C ARG B 12 10.27 -13.79 -2.07
N ARG B 13 9.67 -12.64 -2.06
CA ARG B 13 8.84 -12.23 -3.15
C ARG B 13 8.56 -10.77 -3.00
N TYR B 14 9.34 -9.96 -3.65
CA TYR B 14 9.17 -8.55 -3.56
C TYR B 14 8.28 -8.10 -4.68
N TYR B 15 7.07 -7.75 -4.35
CA TYR B 15 6.16 -7.31 -5.34
C TYR B 15 6.01 -5.81 -5.22
N TYR B 16 6.32 -5.14 -6.29
CA TYR B 16 6.35 -3.70 -6.30
C TYR B 16 5.18 -3.10 -7.05
N ASP B 17 4.52 -3.88 -7.89
CA ASP B 17 3.47 -3.30 -8.74
C ASP B 17 2.15 -3.17 -8.03
N TYR B 18 1.79 -1.95 -7.80
CA TYR B 18 0.58 -1.59 -7.15
C TYR B 18 0.02 -0.34 -7.81
N ASP B 19 -1.25 -0.12 -7.70
CA ASP B 19 -1.92 1.06 -8.28
C ASP B 19 -2.67 1.74 -7.21
N TYR B 20 -2.88 3.06 -7.30
CA TYR B 20 -3.66 3.70 -6.23
C TYR B 20 -4.93 4.31 -6.76
N ALA B 21 -5.91 4.43 -5.90
CA ALA B 21 -7.14 5.09 -6.22
C ALA B 21 -7.55 5.94 -5.08
N THR B 22 -7.92 7.16 -5.35
CA THR B 22 -8.41 8.06 -4.37
C THR B 22 -8.82 9.35 -5.05
N ARG B 23 -9.56 10.14 -4.33
CA ARG B 23 -10.02 11.42 -4.76
C ARG B 23 -9.59 12.48 -3.77
N THR B 24 -8.36 12.33 -3.35
CA THR B 24 -7.69 13.28 -2.54
C THR B 24 -6.41 13.62 -3.29
N LYS B 25 -5.95 14.82 -3.16
CA LYS B 25 -4.76 15.23 -3.88
C LYS B 25 -3.67 15.61 -2.91
N LYS B 26 -3.69 14.97 -1.78
CA LYS B 26 -2.70 15.17 -0.76
C LYS B 26 -1.66 14.07 -0.84
N SER B 27 -0.44 14.44 -1.13
CA SER B 27 0.67 13.49 -1.27
C SER B 27 1.14 12.95 0.10
N TRP B 28 0.52 13.43 1.15
CA TRP B 28 0.80 12.98 2.49
C TRP B 28 -0.27 12.03 2.97
N LEU B 29 -1.16 11.71 2.07
CA LEU B 29 -2.23 10.75 2.32
C LEU B 29 -2.07 9.59 1.36
N ILE B 30 -1.48 9.87 0.21
CA ILE B 30 -1.23 8.87 -0.80
C ILE B 30 0.19 8.35 -0.61
N PRO B 31 0.38 7.00 -0.62
CA PRO B 31 1.70 6.40 -0.42
C PRO B 31 2.70 6.79 -1.49
N SER B 32 3.94 6.87 -1.11
CA SER B 32 5.00 7.22 -2.00
C SER B 32 5.66 5.96 -2.56
N ARG B 33 5.60 4.87 -1.80
CA ARG B 33 6.25 3.65 -2.20
C ARG B 33 5.46 2.47 -1.65
N VAL B 34 5.26 1.43 -2.44
CA VAL B 34 4.55 0.24 -1.99
C VAL B 34 5.24 -0.97 -2.55
N TYR B 35 5.61 -1.89 -1.67
CA TYR B 35 6.17 -3.16 -2.08
C TYR B 35 6.05 -4.13 -0.94
N ASP B 36 5.74 -5.34 -1.23
CA ASP B 36 5.71 -6.37 -0.20
C ASP B 36 6.80 -7.33 -0.43
N ASP B 37 7.04 -8.11 0.57
CA ASP B 37 7.95 -9.19 0.47
C ASP B 37 7.36 -10.38 1.16
N GLY B 38 7.00 -11.34 0.37
CA GLY B 38 6.44 -12.60 0.83
C GLY B 38 5.01 -12.47 1.34
N LYS B 39 4.85 -11.68 2.38
CA LYS B 39 3.62 -11.50 3.09
C LYS B 39 3.56 -10.09 3.63
N PHE B 40 4.67 -9.58 4.09
CA PHE B 40 4.71 -8.30 4.72
C PHE B 40 4.78 -7.21 3.69
N THR B 41 3.80 -6.36 3.69
CA THR B 41 3.70 -5.29 2.73
C THR B 41 4.23 -4.02 3.36
N TYR B 42 5.22 -3.43 2.76
CA TYR B 42 5.82 -2.22 3.24
C TYR B 42 5.28 -1.05 2.44
N ILE B 43 4.66 -0.15 3.13
CA ILE B 43 4.06 0.99 2.50
C ILE B 43 4.74 2.23 3.05
N ASN B 44 5.45 2.92 2.21
CA ASN B 44 6.13 4.14 2.63
C ASN B 44 5.21 5.28 2.42
N MET B 45 4.83 5.90 3.49
CA MET B 45 3.86 6.97 3.42
C MET B 45 4.33 8.13 4.24
N ASP B 46 3.65 9.23 4.13
CA ASP B 46 4.01 10.45 4.84
C ASP B 46 3.39 10.40 6.23
N LEU B 47 3.78 9.39 6.99
CA LEU B 47 3.28 9.16 8.33
C LEU B 47 3.89 10.18 9.27
N THR B 48 4.87 10.85 8.75
CA THR B 48 5.60 11.92 9.37
C THR B 48 4.69 13.14 9.70
N ARG B 49 3.49 13.11 9.17
CA ARG B 49 2.49 14.14 9.47
C ARG B 49 1.80 13.84 10.77
N PHE B 50 1.90 12.61 11.16
CA PHE B 50 1.21 12.10 12.32
C PHE B 50 2.19 11.71 13.42
N PRO B 51 2.44 12.60 14.36
CA PRO B 51 3.32 12.34 15.47
C PRO B 51 2.56 11.78 16.67
N THR B 52 3.30 11.42 17.70
CA THR B 52 2.76 10.91 18.97
C THR B 52 2.07 9.54 18.75
N GLY B 53 2.42 8.91 17.63
CA GLY B 53 1.83 7.64 17.30
C GLY B 53 0.42 7.79 16.77
N ASN B 54 0.08 8.96 16.24
CA ASN B 54 -1.27 9.23 15.71
C ASN B 54 -1.36 8.70 14.25
N PHE B 55 -0.81 7.53 14.05
CA PHE B 55 -0.73 6.90 12.76
C PHE B 55 -2.10 6.43 12.24
N PRO B 56 -2.30 6.49 10.91
CA PRO B 56 -3.56 6.13 10.24
C PRO B 56 -3.92 4.65 10.38
N ALA B 57 -5.13 4.33 10.00
CA ALA B 57 -5.63 2.99 10.09
C ALA B 57 -5.50 2.31 8.74
N VAL B 58 -4.92 1.15 8.73
CA VAL B 58 -4.73 0.39 7.52
C VAL B 58 -5.74 -0.73 7.46
N PHE B 59 -6.20 -1.04 6.29
CA PHE B 59 -7.12 -2.11 6.07
C PHE B 59 -6.71 -2.87 4.83
N ALA B 60 -7.17 -4.08 4.74
CA ALA B 60 -6.91 -4.94 3.65
C ALA B 60 -8.21 -5.32 3.00
N ARG B 61 -8.19 -5.54 1.71
CA ARG B 61 -9.39 -6.00 1.00
C ARG B 61 -9.13 -7.19 0.08
N GLU B 62 -10.10 -8.08 0.00
CA GLU B 62 -10.05 -9.26 -0.86
C GLU B 62 -10.36 -8.87 -2.30
N LYS B 63 -11.14 -7.83 -2.43
CA LYS B 63 -11.55 -7.34 -3.69
C LYS B 63 -11.80 -5.87 -3.46
N GLU B 64 -11.96 -5.10 -4.50
CA GLU B 64 -12.05 -3.66 -4.39
C GLU B 64 -13.30 -3.25 -3.62
N HIS B 65 -14.35 -4.00 -3.84
CA HIS B 65 -15.62 -3.78 -3.15
C HIS B 65 -15.86 -4.83 -2.09
N ALA B 66 -14.81 -5.48 -1.64
CA ALA B 66 -14.93 -6.45 -0.57
C ALA B 66 -14.87 -5.69 0.73
N GLU B 67 -15.05 -6.37 1.83
CA GLU B 67 -15.02 -5.70 3.11
C GLU B 67 -13.58 -5.33 3.45
N ASP B 68 -13.41 -4.26 4.16
CA ASP B 68 -12.11 -3.87 4.61
C ASP B 68 -11.81 -4.50 5.95
N PHE B 69 -10.66 -5.12 6.01
CA PHE B 69 -10.18 -5.84 7.17
C PHE B 69 -9.17 -5.01 7.86
N LEU B 70 -9.28 -4.89 9.14
CA LEU B 70 -8.38 -4.06 9.93
C LEU B 70 -6.96 -4.64 10.00
N VAL B 71 -6.89 -5.97 9.77
CA VAL B 71 -5.65 -6.81 9.78
C VAL B 71 -4.57 -6.46 10.83
N ASN B 72 -3.46 -7.15 10.76
CA ASN B 72 -2.34 -6.85 11.62
C ASN B 72 -1.38 -5.97 10.86
N THR B 73 -1.08 -4.83 11.40
CA THR B 73 -0.18 -3.92 10.75
C THR B 73 0.76 -3.29 11.78
N THR B 74 2.00 -3.22 11.43
CA THR B 74 3.00 -2.62 12.27
C THR B 74 3.45 -1.32 11.61
N VAL B 75 3.74 -0.34 12.38
CA VAL B 75 4.15 0.93 11.85
C VAL B 75 5.58 1.25 12.24
N GLU B 76 6.44 1.14 11.28
CA GLU B 76 7.82 1.41 11.48
C GLU B 76 8.15 2.77 10.97
N GLY B 77 7.92 3.72 11.83
CA GLY B 77 8.17 5.12 11.55
C GLY B 77 7.26 5.64 10.47
N ASN B 78 7.73 5.62 9.26
CA ASN B 78 6.97 6.13 8.14
C ASN B 78 6.67 5.02 7.15
N THR B 79 6.76 3.78 7.61
CA THR B 79 6.47 2.64 6.77
C THR B 79 5.44 1.74 7.47
N LEU B 80 4.37 1.42 6.77
CA LEU B 80 3.35 0.53 7.30
C LEU B 80 3.66 -0.87 6.82
N ILE B 81 3.71 -1.78 7.75
CA ILE B 81 3.95 -3.17 7.44
C ILE B 81 2.68 -3.95 7.65
N VAL B 82 2.04 -4.28 6.58
CA VAL B 82 0.83 -5.05 6.63
C VAL B 82 1.18 -6.51 6.64
N HIS B 83 0.74 -7.21 7.64
CA HIS B 83 1.04 -8.59 7.75
C HIS B 83 0.07 -9.34 6.90
N GLY B 84 0.55 -9.72 5.75
CA GLY B 84 -0.25 -10.51 4.85
C GLY B 84 -0.48 -9.76 3.57
N THR B 85 -0.29 -10.43 2.47
CA THR B 85 -0.47 -9.81 1.19
C THR B 85 -1.89 -10.03 0.71
N TYR B 86 -2.54 -8.96 0.32
CA TYR B 86 -3.89 -8.99 -0.14
C TYR B 86 -3.95 -8.36 -1.51
N PRO B 87 -4.92 -8.77 -2.36
CA PRO B 87 -5.06 -8.23 -3.70
C PRO B 87 -5.41 -6.72 -3.71
N PHE B 88 -5.95 -6.23 -2.60
CA PHE B 88 -6.25 -4.83 -2.42
C PHE B 88 -5.97 -4.42 -1.00
N LEU B 89 -5.54 -3.21 -0.82
CA LEU B 89 -5.31 -2.65 0.49
C LEU B 89 -5.97 -1.29 0.53
N VAL B 90 -6.30 -0.81 1.68
CA VAL B 90 -6.95 0.46 1.85
C VAL B 90 -6.33 1.17 3.04
N VAL B 91 -5.90 2.37 2.87
CA VAL B 91 -5.34 3.11 3.97
C VAL B 91 -6.30 4.27 4.27
N ARG B 92 -6.52 4.57 5.53
CA ARG B 92 -7.47 5.58 5.91
C ARG B 92 -6.79 6.64 6.74
N HIS B 93 -6.79 7.82 6.22
CA HIS B 93 -6.23 8.95 6.89
C HIS B 93 -7.33 9.95 7.15
N GLY B 94 -7.82 9.96 8.36
CA GLY B 94 -8.84 10.90 8.76
C GLY B 94 -10.14 10.77 8.01
N ASP B 95 -10.31 11.63 7.03
CA ASP B 95 -11.52 11.68 6.24
C ASP B 95 -11.30 11.03 4.88
N ASN B 96 -10.06 10.84 4.53
CA ASN B 96 -9.71 10.35 3.20
C ASN B 96 -9.17 8.94 3.25
N VAL B 97 -9.35 8.24 2.17
CA VAL B 97 -8.88 6.87 2.05
C VAL B 97 -8.21 6.69 0.71
N VAL B 98 -7.24 5.82 0.65
CA VAL B 98 -6.54 5.51 -0.57
C VAL B 98 -6.56 4.00 -0.78
N GLY B 99 -6.96 3.58 -1.96
CA GLY B 99 -7.00 2.19 -2.27
C GLY B 99 -5.82 1.77 -3.07
N LEU B 100 -5.21 0.71 -2.67
CA LEU B 100 -4.03 0.17 -3.30
C LEU B 100 -4.37 -1.16 -3.94
N ARG B 101 -4.09 -1.30 -5.19
CA ARG B 101 -4.36 -2.51 -5.90
C ARG B 101 -3.10 -3.27 -6.14
N ARG B 102 -3.08 -4.48 -5.71
CA ARG B 102 -1.97 -5.34 -5.96
C ARG B 102 -2.16 -5.93 -7.33
N ASN B 103 -1.20 -5.73 -8.17
CA ASN B 103 -1.28 -6.26 -9.52
C ASN B 103 -1.06 -7.77 -9.58
N LYS B 104 -1.31 -8.34 -10.73
CA LYS B 104 -1.17 -9.78 -10.96
C LYS B 104 0.30 -10.21 -10.92
N GLN B 105 0.55 -11.38 -10.43
CA GLN B 105 1.91 -11.89 -10.41
C GLN B 105 2.22 -12.50 -11.76
N LYS B 106 3.07 -11.81 -12.50
CA LYS B 106 3.47 -12.16 -13.86
C LYS B 106 2.31 -11.94 -14.83
N THR A 2 -26.20 7.65 1.02
CA THR A 2 -25.22 8.48 1.66
C THR A 2 -23.84 7.82 1.43
N LYS A 3 -22.88 7.98 2.34
CA LYS A 3 -21.56 7.45 2.14
C LYS A 3 -21.17 6.66 3.38
N PRO A 4 -21.29 5.34 3.31
CA PRO A 4 -21.03 4.47 4.46
C PRO A 4 -19.54 4.19 4.65
N ALA A 5 -18.79 4.51 3.63
CA ALA A 5 -17.37 4.39 3.60
C ALA A 5 -16.88 5.30 2.51
N PRO A 6 -15.81 6.08 2.73
CA PRO A 6 -15.23 6.96 1.71
C PRO A 6 -14.83 6.18 0.44
N ASP A 7 -14.84 6.83 -0.69
CA ASP A 7 -14.60 6.15 -1.96
C ASP A 7 -13.23 6.42 -2.50
N PHE A 8 -12.57 5.37 -2.87
CA PHE A 8 -11.30 5.44 -3.54
C PHE A 8 -11.59 5.53 -5.04
N GLY A 9 -10.72 6.13 -5.79
CA GLY A 9 -10.96 6.24 -7.20
C GLY A 9 -10.32 7.47 -7.74
N GLY A 10 -10.89 8.02 -8.78
CA GLY A 10 -10.40 9.25 -9.35
C GLY A 10 -9.36 8.97 -10.40
N ARG A 11 -8.26 8.44 -9.95
CA ARG A 11 -7.19 8.09 -10.81
C ARG A 11 -6.52 6.84 -10.31
N TRP A 12 -6.82 5.73 -10.95
CA TRP A 12 -6.10 4.51 -10.69
C TRP A 12 -4.67 4.64 -11.23
N LYS A 13 -3.79 5.01 -10.36
CA LYS A 13 -2.39 5.27 -10.68
C LYS A 13 -1.58 4.09 -10.24
N HIS A 14 -0.72 3.57 -11.10
CA HIS A 14 0.12 2.50 -10.65
C HIS A 14 1.26 3.04 -9.83
N VAL A 15 1.51 2.38 -8.75
CA VAL A 15 2.53 2.76 -7.86
C VAL A 15 3.47 1.60 -7.65
N ASN A 16 4.56 1.69 -8.31
CA ASN A 16 5.59 0.72 -8.19
C ASN A 16 6.86 1.46 -8.05
N HIS A 17 7.89 0.78 -7.64
CA HIS A 17 9.17 1.41 -7.55
C HIS A 17 9.70 1.65 -8.94
N PHE A 18 9.88 2.88 -9.27
CA PHE A 18 10.43 3.21 -10.53
C PHE A 18 11.93 3.20 -10.46
N ASP A 19 12.50 2.15 -10.99
CA ASP A 19 13.95 2.00 -11.08
C ASP A 19 14.40 2.78 -12.27
N GLU A 20 13.44 3.02 -13.12
CA GLU A 20 13.59 3.86 -14.26
C GLU A 20 13.66 5.31 -13.75
N ALA A 21 14.82 5.90 -13.84
CA ALA A 21 15.01 7.25 -13.36
C ALA A 21 14.35 8.26 -14.31
N PRO A 22 13.43 9.09 -13.79
CA PRO A 22 12.73 10.09 -14.61
C PRO A 22 13.63 11.26 -14.99
N THR A 23 14.79 11.32 -14.37
CA THR A 23 15.76 12.33 -14.67
C THR A 23 17.17 11.79 -14.43
N GLU A 24 17.82 11.38 -15.53
CA GLU A 24 19.20 10.91 -15.56
C GLU A 24 19.39 9.59 -14.80
N GLY B 1 13.20 -25.91 -8.40
CA GLY B 1 12.18 -25.76 -7.37
C GLY B 1 11.00 -26.65 -7.65
N SER B 2 9.99 -26.56 -6.81
CA SER B 2 8.79 -27.35 -6.94
C SER B 2 8.04 -27.02 -8.24
N HIS B 3 7.26 -27.97 -8.74
CA HIS B 3 6.52 -27.81 -9.99
C HIS B 3 5.45 -26.76 -9.84
N MET B 4 4.86 -26.71 -8.65
CA MET B 4 3.83 -25.72 -8.31
C MET B 4 4.47 -24.51 -7.65
N ASN B 5 5.78 -24.33 -7.91
CA ASN B 5 6.63 -23.27 -7.34
C ASN B 5 7.06 -23.63 -5.92
N ALA B 6 8.32 -23.37 -5.62
CA ALA B 6 8.85 -23.65 -4.31
C ALA B 6 8.32 -22.63 -3.32
N LYS B 7 7.29 -23.01 -2.61
CA LYS B 7 6.62 -22.12 -1.70
C LYS B 7 7.26 -22.08 -0.32
N ILE B 8 8.57 -22.13 -0.30
CA ILE B 8 9.31 -21.90 0.91
C ILE B 8 9.13 -20.42 1.17
N LEU B 9 8.37 -20.12 2.15
CA LEU B 9 7.97 -18.77 2.39
C LEU B 9 8.99 -17.96 3.10
N LYS B 10 9.71 -17.27 2.30
CA LYS B 10 10.70 -16.35 2.73
C LYS B 10 10.65 -15.13 1.90
N ASP B 11 10.96 -14.05 2.52
CA ASP B 11 10.99 -12.77 1.90
C ASP B 11 12.23 -12.66 1.01
N ARG B 12 11.98 -12.78 -0.27
CA ARG B 12 13.00 -12.78 -1.28
C ARG B 12 12.47 -12.25 -2.62
N ARG B 13 11.23 -11.83 -2.65
CA ARG B 13 10.58 -11.42 -3.88
C ARG B 13 9.73 -10.20 -3.64
N TYR B 14 10.31 -9.06 -3.86
CA TYR B 14 9.62 -7.82 -3.71
C TYR B 14 8.71 -7.58 -4.89
N TYR B 15 7.44 -7.61 -4.65
CA TYR B 15 6.49 -7.35 -5.67
C TYR B 15 6.14 -5.89 -5.56
N TYR B 16 6.47 -5.15 -6.58
CA TYR B 16 6.35 -3.70 -6.53
C TYR B 16 5.08 -3.20 -7.19
N ASP B 17 4.42 -4.03 -7.97
CA ASP B 17 3.26 -3.51 -8.71
C ASP B 17 2.00 -3.44 -7.89
N TYR B 18 1.59 -2.24 -7.65
CA TYR B 18 0.39 -1.90 -6.92
C TYR B 18 -0.24 -0.73 -7.61
N ASP B 19 -1.45 -0.41 -7.28
CA ASP B 19 -2.09 0.76 -7.81
C ASP B 19 -2.74 1.47 -6.67
N TYR B 20 -2.80 2.76 -6.72
CA TYR B 20 -3.53 3.50 -5.71
C TYR B 20 -4.53 4.40 -6.38
N ALA B 21 -5.64 4.56 -5.77
CA ALA B 21 -6.65 5.47 -6.20
C ALA B 21 -7.22 6.16 -5.00
N THR B 22 -7.38 7.45 -5.07
CA THR B 22 -7.90 8.21 -4.02
C THR B 22 -8.39 9.53 -4.57
N ARG B 23 -9.27 10.13 -3.86
CA ARG B 23 -9.84 11.39 -4.27
C ARG B 23 -9.24 12.52 -3.44
N THR B 24 -8.19 12.20 -2.71
CA THR B 24 -7.52 13.20 -1.94
C THR B 24 -6.38 13.78 -2.77
N LYS B 25 -5.93 14.93 -2.38
CA LYS B 25 -4.84 15.61 -3.04
C LYS B 25 -3.70 15.82 -2.07
N LYS B 26 -3.91 15.38 -0.83
CA LYS B 26 -2.92 15.55 0.21
C LYS B 26 -1.77 14.58 0.00
N SER B 27 -0.61 15.14 -0.17
CA SER B 27 0.61 14.39 -0.45
C SER B 27 1.04 13.54 0.76
N TRP B 28 0.44 13.82 1.88
CA TRP B 28 0.74 13.12 3.12
C TRP B 28 -0.25 12.00 3.38
N LEU B 29 -1.13 11.80 2.44
CA LEU B 29 -2.12 10.74 2.54
C LEU B 29 -1.88 9.72 1.43
N ILE B 30 -1.16 10.14 0.43
CA ILE B 30 -0.88 9.30 -0.71
C ILE B 30 0.47 8.56 -0.57
N PRO B 31 0.48 7.23 -0.78
CA PRO B 31 1.69 6.44 -0.74
C PRO B 31 2.61 6.74 -1.92
N SER B 32 3.89 6.83 -1.67
CA SER B 32 4.85 7.11 -2.70
C SER B 32 5.56 5.83 -3.18
N ARG B 33 5.45 4.76 -2.41
CA ARG B 33 6.02 3.47 -2.80
C ARG B 33 5.24 2.38 -2.11
N VAL B 34 4.89 1.33 -2.80
CA VAL B 34 4.20 0.21 -2.18
C VAL B 34 4.77 -1.06 -2.75
N TYR B 35 5.14 -1.99 -1.89
CA TYR B 35 5.64 -3.29 -2.34
C TYR B 35 5.56 -4.31 -1.24
N ASP B 36 5.40 -5.56 -1.58
CA ASP B 36 5.43 -6.61 -0.57
C ASP B 36 6.57 -7.50 -0.83
N ASP B 37 6.89 -8.25 0.16
CA ASP B 37 7.83 -9.29 0.00
C ASP B 37 7.32 -10.45 0.80
N GLY B 38 6.91 -11.48 0.10
CA GLY B 38 6.37 -12.69 0.70
C GLY B 38 4.99 -12.48 1.37
N LYS B 39 4.99 -11.69 2.41
CA LYS B 39 3.85 -11.48 3.27
C LYS B 39 3.81 -10.04 3.73
N PHE B 40 4.94 -9.48 4.01
CA PHE B 40 4.98 -8.16 4.56
C PHE B 40 4.87 -7.13 3.48
N THR B 41 3.85 -6.35 3.58
CA THR B 41 3.57 -5.35 2.61
C THR B 41 4.03 -4.01 3.15
N TYR B 42 5.00 -3.44 2.50
CA TYR B 42 5.59 -2.18 2.90
C TYR B 42 4.99 -1.05 2.09
N ILE B 43 4.42 -0.10 2.78
CA ILE B 43 3.82 1.05 2.15
C ILE B 43 4.56 2.31 2.62
N ASN B 44 5.32 2.92 1.73
CA ASN B 44 6.05 4.14 2.05
C ASN B 44 5.13 5.29 1.83
N MET B 45 4.79 5.96 2.90
CA MET B 45 3.87 7.08 2.86
C MET B 45 4.47 8.23 3.65
N ASP B 46 3.72 9.28 3.84
CA ASP B 46 4.22 10.45 4.56
C ASP B 46 3.63 10.43 5.96
N LEU B 47 3.79 9.31 6.63
CA LEU B 47 3.19 9.04 7.94
C LEU B 47 3.80 9.91 9.02
N THR B 48 4.91 10.53 8.71
CA THR B 48 5.62 11.43 9.60
C THR B 48 4.75 12.66 10.00
N ARG B 49 3.60 12.83 9.34
CA ARG B 49 2.71 13.94 9.63
C ARG B 49 1.73 13.56 10.72
N PHE B 50 1.85 12.36 11.19
CA PHE B 50 1.00 11.85 12.23
C PHE B 50 1.79 11.62 13.52
N PRO B 51 1.75 12.59 14.41
CA PRO B 51 2.42 12.53 15.69
C PRO B 51 1.53 11.90 16.77
N THR B 52 2.08 11.72 17.97
CA THR B 52 1.36 11.18 19.13
C THR B 52 0.98 9.69 18.89
N GLY B 53 1.64 9.07 17.91
CA GLY B 53 1.35 7.71 17.55
C GLY B 53 0.01 7.58 16.87
N ASN B 54 -0.51 8.70 16.39
CA ASN B 54 -1.82 8.75 15.77
C ASN B 54 -1.73 8.39 14.29
N PHE B 55 -0.98 7.35 14.02
CA PHE B 55 -0.77 6.85 12.69
C PHE B 55 -2.09 6.31 12.14
N PRO B 56 -2.28 6.39 10.82
CA PRO B 56 -3.52 5.96 10.17
C PRO B 56 -3.79 4.47 10.31
N ALA B 57 -4.97 4.09 9.96
CA ALA B 57 -5.38 2.73 10.07
C ALA B 57 -5.32 2.08 8.72
N VAL B 58 -4.75 0.91 8.66
CA VAL B 58 -4.66 0.16 7.43
C VAL B 58 -5.61 -0.98 7.49
N PHE B 59 -6.24 -1.22 6.41
CA PHE B 59 -7.17 -2.29 6.29
C PHE B 59 -6.85 -3.08 5.05
N ALA B 60 -7.28 -4.27 5.05
CA ALA B 60 -7.07 -5.15 3.94
C ALA B 60 -8.39 -5.47 3.31
N ARG B 61 -8.35 -5.82 2.06
CA ARG B 61 -9.55 -6.28 1.34
C ARG B 61 -9.26 -7.46 0.44
N GLU B 62 -10.21 -8.36 0.36
CA GLU B 62 -10.10 -9.49 -0.54
C GLU B 62 -10.50 -9.08 -1.96
N LYS B 63 -11.29 -8.04 -2.04
CA LYS B 63 -11.59 -7.42 -3.31
C LYS B 63 -11.92 -6.00 -3.02
N GLU B 64 -12.05 -5.22 -4.03
CA GLU B 64 -12.26 -3.80 -3.86
C GLU B 64 -13.65 -3.52 -3.34
N HIS B 65 -14.53 -4.43 -3.64
CA HIS B 65 -15.92 -4.33 -3.24
C HIS B 65 -16.20 -5.16 -1.99
N ALA B 66 -15.14 -5.54 -1.28
CA ALA B 66 -15.31 -6.27 -0.06
C ALA B 66 -15.23 -5.28 1.05
N GLU B 67 -15.44 -5.74 2.24
CA GLU B 67 -15.36 -4.87 3.38
C GLU B 67 -13.91 -4.78 3.82
N ASP B 68 -13.60 -3.76 4.55
CA ASP B 68 -12.25 -3.53 5.01
C ASP B 68 -11.99 -4.25 6.29
N PHE B 69 -10.93 -4.99 6.29
CA PHE B 69 -10.54 -5.82 7.43
C PHE B 69 -9.45 -5.11 8.20
N LEU B 70 -9.60 -5.07 9.49
CA LEU B 70 -8.73 -4.35 10.43
C LEU B 70 -7.25 -4.72 10.35
N VAL B 71 -6.98 -5.99 10.05
CA VAL B 71 -5.63 -6.62 9.97
C VAL B 71 -4.59 -6.18 11.04
N ASN B 72 -3.38 -6.66 10.86
CA ASN B 72 -2.26 -6.29 11.68
C ASN B 72 -1.27 -5.53 10.85
N THR B 73 -0.95 -4.35 11.28
CA THR B 73 -0.04 -3.52 10.58
C THR B 73 0.89 -2.84 11.58
N THR B 74 2.14 -2.83 11.26
CA THR B 74 3.14 -2.21 12.09
C THR B 74 3.68 -1.00 11.32
N VAL B 75 4.05 0.01 12.01
CA VAL B 75 4.53 1.22 11.37
C VAL B 75 5.99 1.49 11.72
N GLU B 76 6.80 1.53 10.71
CA GLU B 76 8.21 1.79 10.84
C GLU B 76 8.55 3.07 10.15
N GLY B 77 8.67 4.13 10.93
CA GLY B 77 9.00 5.44 10.42
C GLY B 77 7.86 6.00 9.59
N ASN B 78 7.96 5.81 8.30
CA ASN B 78 6.97 6.27 7.35
C ASN B 78 6.47 5.10 6.51
N THR B 79 6.72 3.91 6.99
CA THR B 79 6.32 2.73 6.26
C THR B 79 5.29 1.92 7.05
N LEU B 80 4.19 1.58 6.40
CA LEU B 80 3.21 0.71 6.98
C LEU B 80 3.50 -0.70 6.52
N ILE B 81 3.72 -1.57 7.45
CA ILE B 81 3.99 -2.96 7.16
C ILE B 81 2.77 -3.78 7.49
N VAL B 82 2.07 -4.19 6.48
CA VAL B 82 0.90 -5.00 6.66
C VAL B 82 1.33 -6.44 6.73
N HIS B 83 0.99 -7.08 7.81
CA HIS B 83 1.40 -8.44 7.97
C HIS B 83 0.48 -9.32 7.18
N GLY B 84 0.95 -9.72 6.05
CA GLY B 84 0.18 -10.59 5.21
C GLY B 84 -0.10 -9.92 3.89
N THR B 85 -0.06 -10.68 2.85
CA THR B 85 -0.28 -10.16 1.54
C THR B 85 -1.73 -10.38 1.11
N TYR B 86 -2.37 -9.32 0.67
CA TYR B 86 -3.76 -9.34 0.29
C TYR B 86 -3.87 -8.75 -1.09
N PRO B 87 -4.86 -9.17 -1.90
CA PRO B 87 -5.02 -8.65 -3.26
C PRO B 87 -5.43 -7.18 -3.30
N PHE B 88 -5.99 -6.67 -2.21
CA PHE B 88 -6.41 -5.29 -2.12
C PHE B 88 -6.15 -4.78 -0.71
N LEU B 89 -5.78 -3.53 -0.61
CA LEU B 89 -5.54 -2.91 0.66
C LEU B 89 -6.20 -1.55 0.66
N VAL B 90 -6.54 -1.06 1.81
CA VAL B 90 -7.18 0.23 1.95
C VAL B 90 -6.55 0.95 3.12
N VAL B 91 -6.04 2.09 2.89
CA VAL B 91 -5.47 2.88 3.96
C VAL B 91 -6.45 3.99 4.26
N ARG B 92 -6.67 4.28 5.50
CA ARG B 92 -7.69 5.21 5.91
C ARG B 92 -7.13 6.28 6.81
N HIS B 93 -7.21 7.49 6.32
CA HIS B 93 -6.72 8.65 7.02
C HIS B 93 -7.87 9.61 7.20
N GLY B 94 -8.42 9.63 8.38
CA GLY B 94 -9.54 10.51 8.68
C GLY B 94 -10.75 10.23 7.79
N ASP B 95 -11.06 11.18 6.93
CA ASP B 95 -12.22 11.09 6.03
C ASP B 95 -11.79 10.70 4.62
N ASN B 96 -10.52 10.42 4.46
CA ASN B 96 -10.00 10.03 3.17
C ASN B 96 -9.44 8.65 3.22
N VAL B 97 -9.54 7.96 2.13
CA VAL B 97 -9.06 6.61 2.01
C VAL B 97 -8.31 6.46 0.72
N VAL B 98 -7.37 5.59 0.72
CA VAL B 98 -6.65 5.30 -0.46
C VAL B 98 -6.86 3.84 -0.77
N GLY B 99 -7.31 3.57 -1.97
CA GLY B 99 -7.54 2.22 -2.38
C GLY B 99 -6.36 1.70 -3.09
N LEU B 100 -5.78 0.68 -2.54
CA LEU B 100 -4.61 0.06 -3.11
C LEU B 100 -4.94 -1.29 -3.68
N ARG B 101 -4.55 -1.49 -4.88
CA ARG B 101 -4.75 -2.73 -5.55
C ARG B 101 -3.43 -3.41 -5.73
N ARG B 102 -3.33 -4.62 -5.30
CA ARG B 102 -2.13 -5.37 -5.48
C ARG B 102 -2.27 -6.12 -6.77
N ASN B 103 -1.34 -5.95 -7.64
CA ASN B 103 -1.39 -6.60 -8.92
C ASN B 103 -1.02 -8.07 -8.80
N LYS B 104 -1.39 -8.83 -9.77
CA LYS B 104 -1.08 -10.21 -9.83
C LYS B 104 -0.04 -10.49 -10.89
N GLN B 105 0.57 -11.63 -10.82
CA GLN B 105 1.56 -12.02 -11.79
C GLN B 105 0.85 -12.67 -12.97
N LYS B 106 0.75 -11.91 -14.06
CA LYS B 106 0.15 -12.34 -15.34
C LYS B 106 -1.38 -12.47 -15.22
N THR A 2 -29.86 10.73 -0.80
CA THR A 2 -28.67 10.09 -1.26
C THR A 2 -27.54 10.24 -0.25
N LYS A 3 -26.67 9.25 -0.22
CA LYS A 3 -25.54 9.19 0.67
C LYS A 3 -24.45 8.38 -0.01
N PRO A 4 -23.46 9.03 -0.61
CA PRO A 4 -22.37 8.35 -1.28
C PRO A 4 -21.25 7.99 -0.31
N ALA A 5 -20.51 6.98 -0.64
CA ALA A 5 -19.38 6.58 0.14
C ALA A 5 -18.12 6.89 -0.64
N PRO A 6 -17.32 7.88 -0.21
CA PRO A 6 -16.06 8.22 -0.85
C PRO A 6 -15.03 7.12 -0.60
N ASP A 7 -15.11 6.10 -1.40
CA ASP A 7 -14.24 4.96 -1.31
C ASP A 7 -13.16 5.14 -2.39
N PHE A 8 -12.31 4.17 -2.59
CA PHE A 8 -11.20 4.36 -3.51
C PHE A 8 -11.64 4.35 -4.96
N GLY A 9 -10.93 5.09 -5.76
CA GLY A 9 -11.21 5.20 -7.15
C GLY A 9 -10.83 6.56 -7.63
N GLY A 10 -11.39 6.96 -8.73
CA GLY A 10 -11.15 8.27 -9.28
C GLY A 10 -9.92 8.33 -10.14
N ARG A 11 -8.80 8.04 -9.52
CA ARG A 11 -7.54 8.02 -10.20
C ARG A 11 -6.77 6.80 -9.87
N TRP A 12 -6.84 5.84 -10.74
CA TRP A 12 -5.99 4.68 -10.64
C TRP A 12 -4.65 5.00 -11.25
N LYS A 13 -3.70 5.28 -10.43
CA LYS A 13 -2.39 5.67 -10.85
C LYS A 13 -1.36 4.79 -10.18
N HIS A 14 -0.38 4.34 -10.94
CA HIS A 14 0.66 3.42 -10.44
C HIS A 14 1.42 4.04 -9.27
N VAL A 15 1.48 3.34 -8.15
CA VAL A 15 2.10 3.89 -6.97
C VAL A 15 3.56 3.47 -6.88
N ASN A 16 3.88 2.28 -7.31
CA ASN A 16 5.21 1.78 -7.15
C ASN A 16 5.69 1.14 -8.43
N HIS A 17 6.98 0.70 -8.46
CA HIS A 17 7.71 0.21 -9.66
C HIS A 17 8.13 1.46 -10.47
N PHE A 18 7.82 2.62 -9.89
CA PHE A 18 8.06 3.93 -10.51
C PHE A 18 9.52 4.29 -10.38
N ASP A 19 10.12 3.71 -9.41
CA ASP A 19 11.52 3.85 -9.17
C ASP A 19 12.15 2.55 -9.55
N GLU A 20 12.50 2.48 -10.78
CA GLU A 20 13.04 1.29 -11.37
C GLU A 20 14.46 1.06 -10.90
N ALA A 21 14.66 -0.05 -10.23
CA ALA A 21 15.94 -0.40 -9.68
C ALA A 21 16.68 -1.31 -10.65
N PRO A 22 17.76 -0.82 -11.27
CA PRO A 22 18.57 -1.62 -12.19
C PRO A 22 19.21 -2.78 -11.43
N THR A 23 18.86 -3.96 -11.82
CA THR A 23 19.34 -5.13 -11.15
C THR A 23 19.92 -6.09 -12.18
N GLU A 24 20.17 -5.55 -13.35
CA GLU A 24 20.65 -6.27 -14.49
C GLU A 24 22.14 -6.53 -14.32
N GLY B 1 25.42 5.80 -8.02
CA GLY B 1 26.70 5.11 -7.90
C GLY B 1 26.96 4.77 -6.47
N SER B 2 27.84 3.86 -6.24
CA SER B 2 28.14 3.44 -4.91
C SER B 2 29.20 4.30 -4.25
N HIS B 3 28.76 5.31 -3.55
CA HIS B 3 29.65 6.15 -2.77
C HIS B 3 29.64 5.60 -1.36
N MET B 4 28.47 5.18 -0.97
CA MET B 4 28.20 4.49 0.26
C MET B 4 27.02 3.60 -0.03
N ASN B 5 27.32 2.43 -0.52
CA ASN B 5 26.28 1.50 -0.95
C ASN B 5 25.67 0.75 0.20
N ALA B 6 24.41 0.48 0.08
CA ALA B 6 23.69 -0.28 1.07
C ALA B 6 23.82 -1.74 0.73
N LYS B 7 24.37 -2.50 1.65
CA LYS B 7 24.56 -3.91 1.43
C LYS B 7 23.27 -4.64 1.70
N ILE B 8 22.88 -5.42 0.76
CA ILE B 8 21.73 -6.26 0.87
C ILE B 8 22.22 -7.67 1.17
N LEU B 9 21.56 -8.33 2.07
CA LEU B 9 21.98 -9.65 2.49
C LEU B 9 21.28 -10.70 1.66
N LYS B 10 21.44 -10.55 0.35
CA LYS B 10 20.86 -11.39 -0.72
C LYS B 10 19.34 -11.54 -0.61
N ASP B 11 18.73 -10.52 -0.05
CA ASP B 11 17.29 -10.45 0.08
C ASP B 11 16.73 -9.93 -1.22
N ARG B 12 16.09 -10.77 -1.97
CA ARG B 12 15.56 -10.41 -3.25
C ARG B 12 14.18 -11.01 -3.51
N ARG B 13 13.16 -10.32 -3.00
CA ARG B 13 11.77 -10.69 -3.22
C ARG B 13 10.87 -9.55 -2.80
N TYR B 14 10.71 -8.59 -3.65
CA TYR B 14 9.83 -7.50 -3.38
C TYR B 14 8.97 -7.25 -4.58
N TYR B 15 7.69 -7.34 -4.40
CA TYR B 15 6.77 -7.12 -5.48
C TYR B 15 6.46 -5.65 -5.53
N TYR B 16 6.86 -5.01 -6.59
CA TYR B 16 6.78 -3.57 -6.69
C TYR B 16 5.53 -3.09 -7.40
N ASP B 17 4.81 -3.96 -8.06
CA ASP B 17 3.66 -3.50 -8.82
C ASP B 17 2.42 -3.33 -7.97
N TYR B 18 2.03 -2.09 -7.82
CA TYR B 18 0.89 -1.67 -7.02
C TYR B 18 0.37 -0.38 -7.58
N ASP B 19 -0.91 -0.15 -7.47
CA ASP B 19 -1.51 1.12 -7.94
C ASP B 19 -2.24 1.75 -6.80
N TYR B 20 -2.43 3.05 -6.85
CA TYR B 20 -3.18 3.74 -5.84
C TYR B 20 -4.37 4.42 -6.47
N ALA B 21 -5.45 4.49 -5.74
CA ALA B 21 -6.63 5.20 -6.14
C ALA B 21 -7.15 5.94 -4.94
N THR B 22 -7.50 7.17 -5.10
CA THR B 22 -7.96 7.95 -3.98
C THR B 22 -8.73 9.17 -4.46
N ARG B 23 -9.41 9.80 -3.54
CA ARG B 23 -10.27 10.93 -3.82
C ARG B 23 -9.64 12.21 -3.27
N THR B 24 -8.49 12.09 -2.65
CA THR B 24 -7.86 13.23 -2.02
C THR B 24 -6.86 13.91 -2.95
N LYS B 25 -6.41 15.08 -2.57
CA LYS B 25 -5.43 15.86 -3.29
C LYS B 25 -4.15 15.94 -2.45
N LYS B 26 -4.20 15.38 -1.25
CA LYS B 26 -3.09 15.48 -0.33
C LYS B 26 -2.12 14.33 -0.49
N SER B 27 -0.90 14.65 -0.83
CA SER B 27 0.14 13.66 -1.05
C SER B 27 0.58 13.01 0.25
N TRP B 28 0.27 13.64 1.35
CA TRP B 28 0.61 13.11 2.67
C TRP B 28 -0.43 12.12 3.17
N LEU B 29 -1.36 11.81 2.31
CA LEU B 29 -2.40 10.86 2.58
C LEU B 29 -2.24 9.69 1.62
N ILE B 30 -1.52 9.94 0.54
CA ILE B 30 -1.27 8.96 -0.48
C ILE B 30 0.10 8.31 -0.26
N PRO B 31 0.18 6.98 -0.38
CA PRO B 31 1.45 6.26 -0.30
C PRO B 31 2.39 6.65 -1.43
N SER B 32 3.65 6.63 -1.13
CA SER B 32 4.66 6.98 -2.07
C SER B 32 5.26 5.73 -2.71
N ARG B 33 5.29 4.62 -1.97
CA ARG B 33 5.88 3.39 -2.47
C ARG B 33 5.22 2.22 -1.77
N VAL B 34 4.87 1.17 -2.47
CA VAL B 34 4.21 0.01 -1.84
C VAL B 34 4.76 -1.26 -2.45
N TYR B 35 5.26 -2.14 -1.63
CA TYR B 35 5.85 -3.39 -2.10
C TYR B 35 5.82 -4.44 -1.01
N ASP B 36 5.59 -5.67 -1.37
CA ASP B 36 5.52 -6.74 -0.37
C ASP B 36 6.60 -7.76 -0.55
N ASP B 37 6.83 -8.48 0.52
CA ASP B 37 7.70 -9.62 0.53
C ASP B 37 6.97 -10.71 1.25
N GLY B 38 6.59 -11.73 0.50
CA GLY B 38 5.96 -12.92 1.06
C GLY B 38 4.55 -12.71 1.60
N LYS B 39 4.45 -11.87 2.59
CA LYS B 39 3.26 -11.69 3.32
C LYS B 39 3.21 -10.26 3.85
N PHE B 40 4.34 -9.72 4.17
CA PHE B 40 4.40 -8.40 4.74
C PHE B 40 4.45 -7.38 3.63
N THR B 41 3.51 -6.48 3.66
CA THR B 41 3.40 -5.48 2.65
C THR B 41 3.90 -4.16 3.23
N TYR B 42 4.93 -3.63 2.63
CA TYR B 42 5.55 -2.41 3.08
C TYR B 42 5.00 -1.23 2.32
N ILE B 43 4.40 -0.32 3.03
CA ILE B 43 3.78 0.83 2.45
C ILE B 43 4.49 2.08 2.95
N ASN B 44 5.30 2.68 2.11
CA ASN B 44 5.99 3.91 2.42
C ASN B 44 5.03 5.03 2.25
N MET B 45 4.68 5.67 3.31
CA MET B 45 3.75 6.77 3.22
C MET B 45 4.30 7.95 3.95
N ASP B 46 3.58 9.04 3.88
CA ASP B 46 4.05 10.28 4.48
C ASP B 46 3.54 10.36 5.92
N LEU B 47 3.87 9.32 6.68
CA LEU B 47 3.40 9.14 8.07
C LEU B 47 3.98 10.17 9.00
N THR B 48 4.95 10.87 8.52
CA THR B 48 5.64 11.91 9.23
C THR B 48 4.73 13.10 9.55
N ARG B 49 3.53 13.12 8.96
CA ARG B 49 2.58 14.19 9.20
C ARG B 49 1.61 13.76 10.29
N PHE B 50 1.85 12.60 10.81
CA PHE B 50 1.05 12.03 11.85
C PHE B 50 1.84 11.97 13.14
N PRO B 51 1.67 12.98 13.99
CA PRO B 51 2.40 13.10 15.22
C PRO B 51 1.73 12.36 16.37
N THR B 52 2.41 12.33 17.51
CA THR B 52 1.96 11.71 18.75
C THR B 52 1.85 10.15 18.63
N GLY B 53 2.19 9.64 17.45
CA GLY B 53 2.04 8.24 17.20
C GLY B 53 0.65 7.95 16.70
N ASN B 54 -0.01 9.00 16.23
CA ASN B 54 -1.37 8.92 15.75
C ASN B 54 -1.34 8.61 14.27
N PHE B 55 -0.82 7.45 13.98
CA PHE B 55 -0.69 6.97 12.64
C PHE B 55 -2.05 6.54 12.10
N PRO B 56 -2.25 6.66 10.78
CA PRO B 56 -3.50 6.26 10.13
C PRO B 56 -3.71 4.76 10.19
N ALA B 57 -4.87 4.34 9.84
CA ALA B 57 -5.22 2.96 9.90
C ALA B 57 -5.24 2.39 8.51
N VAL B 58 -4.66 1.24 8.35
CA VAL B 58 -4.67 0.58 7.09
C VAL B 58 -5.46 -0.71 7.24
N PHE B 59 -6.17 -1.05 6.23
CA PHE B 59 -7.04 -2.17 6.19
C PHE B 59 -6.77 -2.94 4.92
N ALA B 60 -7.26 -4.13 4.87
CA ALA B 60 -7.09 -4.97 3.72
C ALA B 60 -8.43 -5.30 3.13
N ARG B 61 -8.43 -5.66 1.88
CA ARG B 61 -9.64 -6.14 1.20
C ARG B 61 -9.32 -7.30 0.29
N GLU B 62 -10.22 -8.24 0.20
CA GLU B 62 -10.02 -9.35 -0.69
C GLU B 62 -10.65 -9.10 -2.05
N LYS B 63 -11.48 -8.07 -2.10
CA LYS B 63 -12.09 -7.58 -3.31
C LYS B 63 -12.19 -6.09 -3.20
N GLU B 64 -12.50 -5.42 -4.30
CA GLU B 64 -12.59 -3.96 -4.33
C GLU B 64 -13.76 -3.51 -3.49
N HIS B 65 -14.74 -4.33 -3.51
CA HIS B 65 -16.00 -4.10 -2.86
C HIS B 65 -16.16 -4.98 -1.63
N ALA B 66 -15.05 -5.52 -1.14
CA ALA B 66 -15.06 -6.29 0.09
C ALA B 66 -15.12 -5.32 1.25
N GLU B 67 -15.28 -5.83 2.44
CA GLU B 67 -15.23 -4.96 3.59
C GLU B 67 -13.76 -4.76 3.94
N ASP B 68 -13.44 -3.69 4.60
CA ASP B 68 -12.08 -3.40 4.92
C ASP B 68 -11.72 -3.98 6.25
N PHE B 69 -10.77 -4.86 6.22
CA PHE B 69 -10.37 -5.65 7.35
C PHE B 69 -9.22 -4.99 8.06
N LEU B 70 -9.36 -4.88 9.36
CA LEU B 70 -8.39 -4.25 10.26
C LEU B 70 -6.97 -4.80 10.15
N VAL B 71 -6.88 -6.10 9.79
CA VAL B 71 -5.62 -6.88 9.73
C VAL B 71 -4.63 -6.56 10.87
N ASN B 72 -3.38 -6.83 10.63
CA ASN B 72 -2.31 -6.51 11.56
C ASN B 72 -1.31 -5.68 10.85
N THR B 73 -0.87 -4.62 11.46
CA THR B 73 0.06 -3.73 10.85
C THR B 73 1.09 -3.24 11.87
N THR B 74 2.32 -3.18 11.45
CA THR B 74 3.38 -2.64 12.25
C THR B 74 3.96 -1.42 11.52
N VAL B 75 4.46 -0.47 12.26
CA VAL B 75 4.95 0.76 11.68
C VAL B 75 6.46 0.94 11.91
N GLU B 76 7.20 0.95 10.83
CA GLU B 76 8.60 1.20 10.90
C GLU B 76 8.92 2.49 10.17
N GLY B 77 9.16 3.53 10.94
CA GLY B 77 9.49 4.83 10.42
C GLY B 77 8.31 5.49 9.77
N ASN B 78 8.24 5.38 8.49
CA ASN B 78 7.16 5.95 7.71
C ASN B 78 6.58 4.88 6.81
N THR B 79 6.79 3.65 7.20
CA THR B 79 6.35 2.52 6.44
C THR B 79 5.38 1.67 7.26
N LEU B 80 4.21 1.38 6.70
CA LEU B 80 3.29 0.48 7.35
C LEU B 80 3.52 -0.89 6.79
N ILE B 81 3.69 -1.82 7.66
CA ILE B 81 3.89 -3.19 7.31
C ILE B 81 2.63 -3.94 7.58
N VAL B 82 1.93 -4.25 6.54
CA VAL B 82 0.69 -4.98 6.65
C VAL B 82 1.00 -6.45 6.66
N HIS B 83 0.61 -7.11 7.71
CA HIS B 83 0.83 -8.49 7.82
C HIS B 83 -0.22 -9.18 7.01
N GLY B 84 0.17 -9.60 5.84
CA GLY B 84 -0.74 -10.28 4.97
C GLY B 84 -0.81 -9.62 3.61
N THR B 85 -0.65 -10.39 2.58
CA THR B 85 -0.73 -9.89 1.23
C THR B 85 -2.12 -10.12 0.68
N TYR B 86 -2.75 -9.06 0.24
CA TYR B 86 -4.10 -9.12 -0.27
C TYR B 86 -4.15 -8.40 -1.60
N PRO B 87 -5.09 -8.78 -2.48
CA PRO B 87 -5.21 -8.14 -3.79
C PRO B 87 -5.51 -6.65 -3.69
N PHE B 88 -6.18 -6.24 -2.63
CA PHE B 88 -6.53 -4.85 -2.46
C PHE B 88 -6.31 -4.44 -1.03
N LEU B 89 -5.78 -3.29 -0.84
CA LEU B 89 -5.59 -2.74 0.49
C LEU B 89 -6.23 -1.40 0.52
N VAL B 90 -6.63 -0.96 1.68
CA VAL B 90 -7.29 0.31 1.83
C VAL B 90 -6.72 1.03 3.01
N VAL B 91 -6.13 2.12 2.75
CA VAL B 91 -5.57 2.93 3.79
C VAL B 91 -6.60 3.99 4.12
N ARG B 92 -6.70 4.39 5.35
CA ARG B 92 -7.68 5.34 5.74
C ARG B 92 -7.04 6.38 6.62
N HIS B 93 -7.08 7.60 6.15
CA HIS B 93 -6.51 8.70 6.86
C HIS B 93 -7.61 9.67 7.17
N GLY B 94 -8.09 9.63 8.39
CA GLY B 94 -9.13 10.54 8.83
C GLY B 94 -10.44 10.30 8.11
N ASP B 95 -10.72 11.10 7.11
CA ASP B 95 -12.00 11.01 6.38
C ASP B 95 -11.70 10.65 4.95
N ASN B 96 -10.48 10.31 4.72
CA ASN B 96 -9.96 9.98 3.43
C ASN B 96 -9.54 8.53 3.39
N VAL B 97 -9.56 7.96 2.21
CA VAL B 97 -9.15 6.59 2.01
C VAL B 97 -8.36 6.47 0.72
N VAL B 98 -7.45 5.55 0.68
CA VAL B 98 -6.66 5.27 -0.49
C VAL B 98 -6.70 3.78 -0.74
N GLY B 99 -6.98 3.41 -1.94
CA GLY B 99 -7.03 2.02 -2.28
C GLY B 99 -5.82 1.62 -3.03
N LEU B 100 -5.28 0.51 -2.68
CA LEU B 100 -4.12 -0.04 -3.30
C LEU B 100 -4.46 -1.32 -3.96
N ARG B 101 -4.00 -1.47 -5.15
CA ARG B 101 -4.23 -2.66 -5.90
C ARG B 101 -2.94 -3.38 -6.10
N ARG B 102 -2.89 -4.60 -5.65
CA ARG B 102 -1.75 -5.43 -5.87
C ARG B 102 -1.91 -5.99 -7.25
N ASN B 103 -0.95 -5.75 -8.07
CA ASN B 103 -1.05 -6.18 -9.44
C ASN B 103 -0.58 -7.57 -9.63
N LYS B 104 -0.73 -8.03 -10.83
CA LYS B 104 -0.21 -9.26 -11.24
C LYS B 104 0.65 -9.04 -12.47
N GLN B 105 1.71 -9.76 -12.54
CA GLN B 105 2.61 -9.72 -13.66
C GLN B 105 2.52 -11.03 -14.35
N LYS B 106 1.97 -10.98 -15.55
CA LYS B 106 1.66 -12.16 -16.36
C LYS B 106 0.53 -12.94 -15.68
N THR A 2 -26.28 0.50 -0.29
CA THR A 2 -25.55 1.28 -1.25
C THR A 2 -24.04 1.13 -1.01
N LYS A 3 -23.57 1.67 0.14
CA LYS A 3 -22.19 1.60 0.58
C LYS A 3 -22.07 2.42 1.84
N PRO A 4 -21.47 1.88 2.89
CA PRO A 4 -21.32 2.61 4.15
C PRO A 4 -20.04 3.47 4.16
N ALA A 5 -19.18 3.24 3.21
CA ALA A 5 -17.94 3.94 3.09
C ALA A 5 -17.63 4.12 1.61
N PRO A 6 -17.38 5.35 1.14
CA PRO A 6 -16.98 5.57 -0.23
C PRO A 6 -15.49 5.31 -0.38
N ASP A 7 -15.19 4.07 -0.68
CA ASP A 7 -13.82 3.61 -0.80
C ASP A 7 -13.11 4.13 -2.02
N PHE A 8 -11.80 4.39 -1.84
CA PHE A 8 -10.87 4.87 -2.85
C PHE A 8 -11.43 5.97 -3.77
N GLY A 9 -10.84 6.13 -4.92
CA GLY A 9 -11.30 7.09 -5.88
C GLY A 9 -11.50 6.44 -7.20
N GLY A 10 -10.88 6.97 -8.21
CA GLY A 10 -10.94 6.34 -9.49
C GLY A 10 -9.75 6.67 -10.37
N ARG A 11 -8.89 7.53 -9.89
CA ARG A 11 -7.72 7.88 -10.64
C ARG A 11 -6.62 6.89 -10.30
N TRP A 12 -6.71 5.75 -10.94
CA TRP A 12 -5.76 4.67 -10.76
C TRP A 12 -4.40 5.01 -11.32
N LYS A 13 -3.49 5.32 -10.43
CA LYS A 13 -2.13 5.61 -10.76
C LYS A 13 -1.28 4.47 -10.25
N HIS A 14 -0.31 4.07 -11.03
CA HIS A 14 0.54 2.95 -10.67
C HIS A 14 1.61 3.41 -9.70
N VAL A 15 1.70 2.77 -8.58
CA VAL A 15 2.71 3.10 -7.63
C VAL A 15 3.78 2.00 -7.61
N ASN A 16 4.66 2.11 -8.57
CA ASN A 16 5.72 1.13 -8.79
C ASN A 16 7.04 1.79 -8.51
N HIS A 17 7.71 1.36 -7.43
CA HIS A 17 9.01 1.91 -6.97
C HIS A 17 8.83 3.27 -6.31
N PHE A 18 8.31 4.17 -7.06
CA PHE A 18 8.03 5.51 -6.63
C PHE A 18 7.27 6.18 -7.76
N ASP A 19 6.51 7.22 -7.48
CA ASP A 19 5.76 7.89 -8.49
C ASP A 19 6.35 9.22 -8.74
N GLU A 20 7.20 9.27 -9.69
CA GLU A 20 7.82 10.48 -10.09
C GLU A 20 7.68 10.58 -11.62
N ALA A 21 6.72 9.85 -12.12
CA ALA A 21 6.45 9.80 -13.54
C ALA A 21 5.18 10.58 -13.82
N PRO A 22 5.11 11.33 -14.94
CA PRO A 22 3.93 12.18 -15.29
C PRO A 22 2.64 11.37 -15.63
N THR A 23 2.63 10.11 -15.29
CA THR A 23 1.51 9.24 -15.51
C THR A 23 0.41 9.55 -14.49
N GLU A 24 -0.67 10.14 -14.99
CA GLU A 24 -1.85 10.54 -14.22
C GLU A 24 -1.58 11.79 -13.40
N GLY B 1 22.70 -19.53 -12.25
CA GLY B 1 22.13 -18.26 -11.83
C GLY B 1 21.66 -18.30 -10.41
N SER B 2 20.39 -18.55 -10.24
CA SER B 2 19.80 -18.62 -8.92
C SER B 2 20.07 -19.97 -8.27
N HIS B 3 19.97 -21.03 -9.07
CA HIS B 3 20.05 -22.37 -8.57
C HIS B 3 21.24 -23.08 -9.17
N MET B 4 21.52 -24.23 -8.59
CA MET B 4 22.64 -25.13 -8.91
C MET B 4 23.95 -24.52 -8.48
N ASN B 5 24.25 -23.42 -9.07
CA ASN B 5 25.36 -22.62 -8.67
C ASN B 5 24.80 -21.54 -7.77
N ALA B 6 24.78 -21.86 -6.51
CA ALA B 6 24.13 -21.06 -5.51
C ALA B 6 24.87 -19.77 -5.21
N LYS B 7 24.35 -18.70 -5.76
CA LYS B 7 24.78 -17.39 -5.41
C LYS B 7 24.10 -17.07 -4.09
N ILE B 8 24.88 -16.71 -3.12
CA ILE B 8 24.40 -16.44 -1.76
C ILE B 8 23.36 -15.30 -1.77
N LEU B 9 22.30 -15.51 -1.00
CA LEU B 9 21.15 -14.65 -0.88
C LEU B 9 20.25 -14.71 -2.09
N LYS B 10 19.13 -15.32 -1.88
CA LYS B 10 18.13 -15.45 -2.92
C LYS B 10 17.44 -14.12 -3.11
N ASP B 11 17.40 -13.66 -4.34
CA ASP B 11 16.75 -12.40 -4.69
C ASP B 11 15.28 -12.52 -4.39
N ARG B 12 14.84 -11.72 -3.44
CA ARG B 12 13.48 -11.75 -3.00
C ARG B 12 12.57 -11.04 -3.96
N ARG B 13 11.36 -11.53 -4.06
CA ARG B 13 10.41 -10.97 -4.96
C ARG B 13 9.68 -9.84 -4.28
N TYR B 14 10.29 -8.71 -4.27
CA TYR B 14 9.62 -7.55 -3.78
C TYR B 14 8.69 -7.13 -4.88
N TYR B 15 7.43 -7.25 -4.66
CA TYR B 15 6.49 -6.96 -5.70
C TYR B 15 6.20 -5.49 -5.65
N TYR B 16 6.65 -4.78 -6.65
CA TYR B 16 6.53 -3.33 -6.69
C TYR B 16 5.35 -2.90 -7.50
N ASP B 17 4.58 -3.84 -7.99
CA ASP B 17 3.45 -3.46 -8.80
C ASP B 17 2.20 -3.39 -7.95
N TYR B 18 1.74 -2.18 -7.76
CA TYR B 18 0.56 -1.83 -6.99
C TYR B 18 0.03 -0.56 -7.58
N ASP B 19 -1.22 -0.32 -7.43
CA ASP B 19 -1.81 0.88 -7.98
C ASP B 19 -2.56 1.53 -6.86
N TYR B 20 -2.72 2.83 -6.91
CA TYR B 20 -3.52 3.47 -5.89
C TYR B 20 -4.58 4.34 -6.52
N ALA B 21 -5.70 4.46 -5.85
CA ALA B 21 -6.76 5.33 -6.26
C ALA B 21 -7.34 6.03 -5.06
N THR B 22 -7.35 7.30 -5.11
CA THR B 22 -7.94 8.12 -4.12
C THR B 22 -8.51 9.37 -4.77
N ARG B 23 -9.18 10.17 -4.00
CA ARG B 23 -9.78 11.38 -4.47
C ARG B 23 -8.99 12.57 -3.95
N THR B 24 -8.08 12.30 -3.03
CA THR B 24 -7.30 13.33 -2.42
C THR B 24 -6.00 13.54 -3.20
N LYS B 25 -5.41 14.69 -3.01
CA LYS B 25 -4.14 15.00 -3.62
C LYS B 25 -3.09 15.25 -2.57
N LYS B 26 -3.48 15.09 -1.32
CA LYS B 26 -2.58 15.31 -0.21
C LYS B 26 -1.55 14.19 -0.18
N SER B 27 -0.31 14.54 -0.36
CA SER B 27 0.77 13.56 -0.45
C SER B 27 1.03 12.88 0.90
N TRP B 28 0.50 13.46 1.93
CA TRP B 28 0.63 12.92 3.27
C TRP B 28 -0.46 11.90 3.58
N LEU B 29 -1.32 11.70 2.60
CA LEU B 29 -2.39 10.72 2.70
C LEU B 29 -2.17 9.63 1.64
N ILE B 30 -1.41 9.98 0.62
CA ILE B 30 -1.09 9.09 -0.47
C ILE B 30 0.27 8.40 -0.24
N PRO B 31 0.35 7.08 -0.45
CA PRO B 31 1.62 6.36 -0.36
C PRO B 31 2.56 6.71 -1.52
N SER B 32 3.84 6.75 -1.23
CA SER B 32 4.84 7.08 -2.22
C SER B 32 5.49 5.82 -2.79
N ARG B 33 5.50 4.75 -2.02
CA ARG B 33 6.16 3.51 -2.43
C ARG B 33 5.40 2.35 -1.82
N VAL B 34 5.12 1.33 -2.60
CA VAL B 34 4.42 0.16 -2.09
C VAL B 34 5.06 -1.09 -2.70
N TYR B 35 5.46 -2.01 -1.84
CA TYR B 35 6.01 -3.29 -2.29
C TYR B 35 5.93 -4.30 -1.18
N ASP B 36 5.69 -5.53 -1.50
CA ASP B 36 5.66 -6.59 -0.50
C ASP B 36 6.73 -7.58 -0.73
N ASP B 37 6.92 -8.37 0.27
CA ASP B 37 7.77 -9.51 0.19
C ASP B 37 7.07 -10.61 0.91
N GLY B 38 6.64 -11.60 0.16
CA GLY B 38 5.95 -12.76 0.67
C GLY B 38 4.55 -12.45 1.24
N LYS B 39 4.54 -11.69 2.30
CA LYS B 39 3.37 -11.41 3.08
C LYS B 39 3.39 -9.96 3.51
N PHE B 40 4.53 -9.51 3.96
CA PHE B 40 4.62 -8.19 4.52
C PHE B 40 4.65 -7.17 3.43
N THR B 41 3.69 -6.31 3.44
CA THR B 41 3.59 -5.29 2.45
C THR B 41 4.07 -4.00 3.07
N TYR B 42 5.11 -3.46 2.48
CA TYR B 42 5.74 -2.25 2.97
C TYR B 42 5.20 -1.06 2.21
N ILE B 43 4.55 -0.20 2.92
CA ILE B 43 3.92 0.96 2.34
C ILE B 43 4.59 2.21 2.88
N ASN B 44 5.35 2.86 2.05
CA ASN B 44 6.06 4.06 2.43
C ASN B 44 5.18 5.22 2.22
N MET B 45 4.84 5.85 3.27
CA MET B 45 3.94 6.97 3.22
C MET B 45 4.56 8.17 3.92
N ASP B 46 3.81 9.22 4.04
CA ASP B 46 4.29 10.44 4.67
C ASP B 46 3.75 10.48 6.10
N LEU B 47 3.86 9.35 6.78
CA LEU B 47 3.28 9.16 8.13
C LEU B 47 3.89 10.07 9.18
N THR B 48 5.01 10.66 8.85
CA THR B 48 5.72 11.56 9.75
C THR B 48 4.87 12.83 10.08
N ARG B 49 3.78 13.02 9.35
CA ARG B 49 2.88 14.15 9.58
C ARG B 49 1.89 13.81 10.67
N PHE B 50 1.94 12.58 11.08
CA PHE B 50 1.08 12.08 12.12
C PHE B 50 1.93 11.69 13.34
N PRO B 51 2.07 12.61 14.28
CA PRO B 51 2.82 12.37 15.49
C PRO B 51 1.88 11.98 16.65
N THR B 52 2.48 11.65 17.80
CA THR B 52 1.75 11.34 19.04
C THR B 52 0.95 10.01 18.91
N GLY B 53 1.23 9.27 17.84
CA GLY B 53 0.57 8.01 17.63
C GLY B 53 -0.65 8.14 16.76
N ASN B 54 -0.89 9.32 16.20
CA ASN B 54 -2.06 9.59 15.34
C ASN B 54 -1.89 9.05 13.92
N PHE B 55 -1.23 7.93 13.81
CA PHE B 55 -1.01 7.26 12.54
C PHE B 55 -2.33 6.82 11.93
N PRO B 56 -2.40 6.68 10.60
CA PRO B 56 -3.62 6.27 9.91
C PRO B 56 -3.97 4.81 10.15
N ALA B 57 -5.15 4.45 9.75
CA ALA B 57 -5.61 3.12 9.88
C ALA B 57 -5.59 2.47 8.51
N VAL B 58 -4.87 1.40 8.40
CA VAL B 58 -4.80 0.68 7.17
C VAL B 58 -5.53 -0.64 7.32
N PHE B 59 -6.23 -0.99 6.30
CA PHE B 59 -7.05 -2.15 6.27
C PHE B 59 -6.70 -2.94 5.02
N ALA B 60 -7.15 -4.14 5.00
CA ALA B 60 -6.97 -5.02 3.89
C ALA B 60 -8.31 -5.41 3.35
N ARG B 61 -8.38 -5.67 2.09
CA ARG B 61 -9.61 -6.17 1.50
C ARG B 61 -9.33 -7.40 0.67
N GLU B 62 -10.24 -8.34 0.71
CA GLU B 62 -10.10 -9.55 -0.07
C GLU B 62 -10.63 -9.35 -1.48
N LYS B 63 -11.48 -8.36 -1.62
CA LYS B 63 -12.07 -8.02 -2.89
C LYS B 63 -12.28 -6.55 -2.92
N GLU B 64 -12.60 -6.02 -4.08
CA GLU B 64 -12.86 -4.61 -4.25
C GLU B 64 -14.10 -4.17 -3.45
N HIS B 65 -15.03 -5.08 -3.26
CA HIS B 65 -16.24 -4.79 -2.48
C HIS B 65 -16.27 -5.55 -1.16
N ALA B 66 -15.12 -6.01 -0.70
CA ALA B 66 -15.08 -6.69 0.58
C ALA B 66 -15.02 -5.66 1.70
N GLU B 67 -15.11 -6.11 2.92
CA GLU B 67 -15.02 -5.21 4.04
C GLU B 67 -13.57 -4.86 4.28
N ASP B 68 -13.37 -3.82 5.02
CA ASP B 68 -12.04 -3.37 5.34
C ASP B 68 -11.62 -4.11 6.59
N PHE B 69 -10.65 -4.97 6.45
CA PHE B 69 -10.16 -5.75 7.57
C PHE B 69 -9.04 -5.01 8.21
N LEU B 70 -9.11 -4.84 9.50
CA LEU B 70 -8.13 -4.05 10.23
C LEU B 70 -6.74 -4.67 10.20
N VAL B 71 -6.71 -6.00 9.97
CA VAL B 71 -5.51 -6.88 9.92
C VAL B 71 -4.38 -6.52 10.92
N ASN B 72 -3.23 -7.10 10.71
CA ASN B 72 -2.07 -6.79 11.53
C ASN B 72 -1.16 -5.89 10.74
N THR B 73 -0.79 -4.79 11.31
CA THR B 73 0.07 -3.86 10.66
C THR B 73 1.04 -3.25 11.68
N THR B 74 2.29 -3.18 11.31
CA THR B 74 3.29 -2.55 12.14
C THR B 74 3.74 -1.27 11.45
N VAL B 75 4.01 -0.26 12.22
CA VAL B 75 4.41 1.02 11.69
C VAL B 75 5.89 1.23 11.97
N GLU B 76 6.67 1.17 10.94
CA GLU B 76 8.08 1.36 11.02
C GLU B 76 8.45 2.66 10.41
N GLY B 77 8.53 3.66 11.25
CA GLY B 77 8.81 4.98 10.82
C GLY B 77 7.67 5.56 10.05
N ASN B 78 7.85 5.60 8.76
CA ASN B 78 6.85 6.10 7.84
C ASN B 78 6.38 5.00 6.91
N THR B 79 6.66 3.78 7.28
CA THR B 79 6.28 2.65 6.49
C THR B 79 5.28 1.76 7.24
N LEU B 80 4.21 1.41 6.58
CA LEU B 80 3.24 0.50 7.13
C LEU B 80 3.58 -0.88 6.65
N ILE B 81 3.72 -1.78 7.56
CA ILE B 81 3.98 -3.16 7.23
C ILE B 81 2.71 -3.93 7.46
N VAL B 82 2.02 -4.22 6.40
CA VAL B 82 0.80 -4.98 6.47
C VAL B 82 1.13 -6.45 6.43
N HIS B 83 0.73 -7.15 7.45
CA HIS B 83 1.02 -8.53 7.55
C HIS B 83 0.04 -9.30 6.71
N GLY B 84 0.48 -9.68 5.56
CA GLY B 84 -0.31 -10.50 4.70
C GLY B 84 -0.56 -9.84 3.38
N THR B 85 -0.36 -10.58 2.32
CA THR B 85 -0.55 -10.05 1.00
C THR B 85 -1.99 -10.28 0.52
N TYR B 86 -2.67 -9.21 0.24
CA TYR B 86 -4.05 -9.23 -0.20
C TYR B 86 -4.14 -8.52 -1.54
N PRO B 87 -5.17 -8.84 -2.36
CA PRO B 87 -5.35 -8.22 -3.66
C PRO B 87 -5.69 -6.73 -3.57
N PHE B 88 -6.27 -6.32 -2.46
CA PHE B 88 -6.65 -4.94 -2.27
C PHE B 88 -6.34 -4.52 -0.86
N LEU B 89 -5.82 -3.36 -0.72
CA LEU B 89 -5.54 -2.80 0.58
C LEU B 89 -6.16 -1.44 0.62
N VAL B 90 -6.46 -0.94 1.78
CA VAL B 90 -7.11 0.35 1.90
C VAL B 90 -6.46 1.14 3.02
N VAL B 91 -6.13 2.37 2.76
CA VAL B 91 -5.53 3.21 3.77
C VAL B 91 -6.51 4.34 4.04
N ARG B 92 -6.83 4.55 5.29
CA ARG B 92 -7.83 5.49 5.68
C ARG B 92 -7.27 6.49 6.65
N HIS B 93 -7.28 7.71 6.23
CA HIS B 93 -6.81 8.82 7.01
C HIS B 93 -7.99 9.72 7.26
N GLY B 94 -8.56 9.60 8.43
CA GLY B 94 -9.72 10.37 8.79
C GLY B 94 -10.89 10.15 7.81
N ASP B 95 -11.19 11.17 7.03
CA ASP B 95 -12.29 11.10 6.07
C ASP B 95 -11.76 10.84 4.67
N ASN B 96 -10.45 10.76 4.52
CA ASN B 96 -9.85 10.55 3.22
C ASN B 96 -9.36 9.14 3.14
N VAL B 97 -9.49 8.54 2.01
CA VAL B 97 -9.18 7.16 1.88
C VAL B 97 -8.59 6.87 0.49
N VAL B 98 -7.61 5.99 0.46
CA VAL B 98 -6.99 5.56 -0.78
C VAL B 98 -6.90 4.05 -0.80
N GLY B 99 -7.16 3.48 -1.95
CA GLY B 99 -7.13 2.06 -2.09
C GLY B 99 -5.98 1.62 -2.94
N LEU B 100 -5.38 0.52 -2.57
CA LEU B 100 -4.29 -0.07 -3.29
C LEU B 100 -4.75 -1.32 -3.95
N ARG B 101 -4.41 -1.45 -5.17
CA ARG B 101 -4.71 -2.61 -5.93
C ARG B 101 -3.44 -3.33 -6.18
N ARG B 102 -3.37 -4.55 -5.76
CA ARG B 102 -2.24 -5.35 -6.06
C ARG B 102 -2.34 -5.73 -7.50
N ASN B 103 -1.31 -5.41 -8.26
CA ASN B 103 -1.30 -5.69 -9.66
C ASN B 103 -1.44 -7.13 -9.97
N LYS B 104 -2.49 -7.43 -10.65
CA LYS B 104 -2.74 -8.75 -11.17
C LYS B 104 -1.72 -9.04 -12.22
N GLN B 105 -1.46 -10.28 -12.45
CA GLN B 105 -0.53 -10.61 -13.48
C GLN B 105 -1.30 -10.70 -14.77
N LYS B 106 -1.24 -9.64 -15.51
CA LYS B 106 -1.98 -9.45 -16.73
C LYS B 106 -1.58 -8.08 -17.23
N THR A 2 -23.23 15.23 1.14
CA THR A 2 -21.88 15.02 1.60
C THR A 2 -21.34 13.72 0.97
N LYS A 3 -20.45 13.01 1.65
CA LYS A 3 -19.84 11.81 1.11
C LYS A 3 -20.12 10.62 2.02
N PRO A 4 -21.23 9.92 1.77
CA PRO A 4 -21.69 8.85 2.64
C PRO A 4 -20.93 7.55 2.43
N ALA A 5 -20.20 7.46 1.36
CA ALA A 5 -19.39 6.33 1.09
C ALA A 5 -17.95 6.79 0.98
N PRO A 6 -17.19 6.75 2.08
CA PRO A 6 -15.82 7.15 2.07
C PRO A 6 -14.96 6.02 1.54
N ASP A 7 -14.87 5.93 0.25
CA ASP A 7 -14.16 4.86 -0.37
C ASP A 7 -13.18 5.44 -1.38
N PHE A 8 -12.51 4.61 -2.14
CA PHE A 8 -11.48 5.08 -3.03
C PHE A 8 -12.05 5.66 -4.32
N GLY A 9 -11.19 6.17 -5.14
CA GLY A 9 -11.61 6.79 -6.35
C GLY A 9 -11.47 5.87 -7.51
N GLY A 10 -11.55 6.41 -8.67
CA GLY A 10 -11.41 5.67 -9.85
C GLY A 10 -10.19 6.09 -10.59
N ARG A 11 -9.53 7.12 -10.08
CA ARG A 11 -8.30 7.56 -10.66
C ARG A 11 -7.17 6.64 -10.21
N TRP A 12 -7.15 5.51 -10.84
CA TRP A 12 -6.15 4.50 -10.67
C TRP A 12 -4.86 4.92 -11.32
N LYS A 13 -3.87 5.12 -10.53
CA LYS A 13 -2.56 5.42 -11.02
C LYS A 13 -1.58 4.51 -10.32
N HIS A 14 -0.56 4.14 -11.02
CA HIS A 14 0.48 3.28 -10.51
C HIS A 14 1.23 3.93 -9.34
N VAL A 15 1.43 3.18 -8.29
CA VAL A 15 2.18 3.64 -7.13
C VAL A 15 3.40 2.74 -6.99
N ASN A 16 3.65 2.00 -8.05
CA ASN A 16 4.77 1.09 -8.12
C ASN A 16 6.04 1.90 -8.12
N HIS A 17 6.91 1.61 -7.19
CA HIS A 17 8.11 2.35 -7.12
C HIS A 17 9.11 1.68 -8.03
N PHE A 18 9.69 2.44 -8.89
CA PHE A 18 10.58 1.92 -9.87
C PHE A 18 11.98 1.72 -9.34
N ASP A 19 12.17 0.64 -8.64
CA ASP A 19 13.47 0.27 -8.18
C ASP A 19 14.01 -0.77 -9.11
N GLU A 20 14.53 -0.32 -10.21
CA GLU A 20 15.03 -1.19 -11.21
C GLU A 20 16.54 -1.14 -11.20
N ALA A 21 17.16 -2.30 -11.14
CA ALA A 21 18.60 -2.46 -10.98
C ALA A 21 19.10 -1.70 -9.73
N PRO A 22 18.63 -2.09 -8.53
CA PRO A 22 18.95 -1.41 -7.30
C PRO A 22 20.14 -2.06 -6.57
N THR A 23 20.88 -2.87 -7.32
CA THR A 23 22.07 -3.58 -6.85
C THR A 23 21.72 -4.78 -5.89
N GLU A 24 20.59 -4.69 -5.21
CA GLU A 24 20.14 -5.72 -4.29
C GLU A 24 19.23 -6.73 -5.01
N GLY B 1 29.72 -23.98 3.32
CA GLY B 1 29.00 -25.11 2.77
C GLY B 1 27.51 -24.97 2.97
N SER B 2 26.75 -24.88 1.86
CA SER B 2 25.28 -24.73 1.87
C SER B 2 24.57 -25.87 2.63
N HIS B 3 25.28 -26.96 2.80
CA HIS B 3 24.79 -28.11 3.53
C HIS B 3 24.76 -27.83 5.05
N MET B 4 25.63 -26.97 5.50
CA MET B 4 25.73 -26.64 6.93
C MET B 4 25.48 -25.16 7.14
N ASN B 5 24.94 -24.54 6.13
CA ASN B 5 24.63 -23.12 6.14
C ASN B 5 23.18 -22.98 5.75
N ALA B 6 22.62 -21.81 5.90
CA ALA B 6 21.29 -21.59 5.47
C ALA B 6 21.32 -21.34 3.99
N LYS B 7 20.50 -22.03 3.27
CA LYS B 7 20.44 -21.90 1.85
C LYS B 7 19.47 -20.80 1.50
N ILE B 8 19.21 -20.62 0.24
CA ILE B 8 18.27 -19.59 -0.18
C ILE B 8 16.89 -20.03 0.24
N LEU B 9 16.18 -19.13 0.87
CA LEU B 9 14.90 -19.43 1.43
C LEU B 9 13.81 -19.38 0.39
N LYS B 10 12.66 -19.87 0.76
CA LYS B 10 11.52 -19.98 -0.13
C LYS B 10 10.69 -18.71 -0.07
N ASP B 11 11.36 -17.61 -0.14
CA ASP B 11 10.70 -16.32 -0.14
C ASP B 11 10.64 -15.79 -1.54
N ARG B 12 9.99 -14.66 -1.73
CA ARG B 12 9.74 -14.17 -3.07
C ARG B 12 10.73 -13.07 -3.40
N ARG B 13 10.23 -12.00 -3.94
CA ARG B 13 10.96 -10.89 -4.27
C ARG B 13 10.04 -9.77 -3.96
N TYR B 14 10.59 -8.65 -3.76
CA TYR B 14 9.81 -7.49 -3.46
C TYR B 14 9.03 -7.10 -4.70
N TYR B 15 7.74 -7.26 -4.60
CA TYR B 15 6.85 -6.98 -5.68
C TYR B 15 6.43 -5.55 -5.55
N TYR B 16 6.84 -4.75 -6.49
CA TYR B 16 6.63 -3.32 -6.41
C TYR B 16 5.38 -2.90 -7.13
N ASP B 17 4.77 -3.79 -7.90
CA ASP B 17 3.63 -3.40 -8.71
C ASP B 17 2.36 -3.29 -7.89
N TYR B 18 1.92 -2.07 -7.77
CA TYR B 18 0.77 -1.67 -6.99
C TYR B 18 0.22 -0.41 -7.62
N ASP B 19 -1.05 -0.19 -7.48
CA ASP B 19 -1.67 1.03 -7.97
C ASP B 19 -2.51 1.58 -6.87
N TYR B 20 -2.85 2.83 -6.94
CA TYR B 20 -3.67 3.43 -5.92
C TYR B 20 -4.80 4.22 -6.59
N ALA B 21 -5.87 4.35 -5.90
CA ALA B 21 -6.98 5.15 -6.32
C ALA B 21 -7.50 5.92 -5.14
N THR B 22 -7.75 7.16 -5.37
CA THR B 22 -8.27 8.05 -4.37
C THR B 22 -8.61 9.34 -5.07
N ARG B 23 -9.32 10.20 -4.40
CA ARG B 23 -9.67 11.48 -4.94
C ARG B 23 -9.10 12.59 -4.08
N THR B 24 -8.18 12.24 -3.21
CA THR B 24 -7.51 13.23 -2.43
C THR B 24 -6.31 13.75 -3.24
N LYS B 25 -5.94 14.96 -2.99
CA LYS B 25 -4.82 15.57 -3.66
C LYS B 25 -3.64 15.65 -2.72
N LYS B 26 -3.84 15.19 -1.51
CA LYS B 26 -2.85 15.27 -0.49
C LYS B 26 -1.78 14.21 -0.68
N SER B 27 -0.57 14.65 -0.96
CA SER B 27 0.54 13.74 -1.18
C SER B 27 0.99 13.07 0.13
N TRP B 28 0.43 13.53 1.22
CA TRP B 28 0.71 12.98 2.54
C TRP B 28 -0.33 11.95 2.94
N LEU B 29 -1.20 11.67 2.01
CA LEU B 29 -2.24 10.66 2.18
C LEU B 29 -2.02 9.56 1.16
N ILE B 30 -1.37 9.92 0.07
CA ILE B 30 -1.05 8.99 -0.98
C ILE B 30 0.35 8.44 -0.75
N PRO B 31 0.53 7.10 -0.81
CA PRO B 31 1.83 6.48 -0.58
C PRO B 31 2.89 6.91 -1.59
N SER B 32 4.12 6.88 -1.17
CA SER B 32 5.22 7.25 -2.01
C SER B 32 6.00 6.02 -2.50
N ARG B 33 5.77 4.88 -1.85
CA ARG B 33 6.44 3.64 -2.25
C ARG B 33 5.62 2.48 -1.71
N VAL B 34 5.37 1.46 -2.50
CA VAL B 34 4.63 0.29 -2.03
C VAL B 34 5.21 -0.98 -2.64
N TYR B 35 5.54 -1.94 -1.80
CA TYR B 35 6.04 -3.25 -2.25
C TYR B 35 5.89 -4.29 -1.15
N ASP B 36 5.76 -5.54 -1.50
CA ASP B 36 5.71 -6.64 -0.51
C ASP B 36 6.64 -7.71 -0.89
N ASP B 37 6.87 -8.58 0.03
CA ASP B 37 7.54 -9.81 -0.28
C ASP B 37 6.79 -10.86 0.43
N GLY B 38 6.11 -11.68 -0.32
CA GLY B 38 5.37 -12.80 0.20
C GLY B 38 4.17 -12.43 1.06
N LYS B 39 4.41 -11.83 2.20
CA LYS B 39 3.41 -11.63 3.20
C LYS B 39 3.44 -10.22 3.74
N PHE B 40 4.59 -9.74 4.06
CA PHE B 40 4.68 -8.41 4.62
C PHE B 40 4.69 -7.39 3.53
N THR B 41 3.78 -6.46 3.64
CA THR B 41 3.66 -5.42 2.67
C THR B 41 4.18 -4.13 3.27
N TYR B 42 5.11 -3.51 2.61
CA TYR B 42 5.74 -2.29 3.07
C TYR B 42 5.22 -1.12 2.28
N ILE B 43 4.52 -0.25 2.96
CA ILE B 43 3.94 0.92 2.33
C ILE B 43 4.61 2.16 2.91
N ASN B 44 5.38 2.84 2.13
CA ASN B 44 6.04 4.06 2.56
C ASN B 44 5.12 5.20 2.31
N MET B 45 4.71 5.82 3.38
CA MET B 45 3.76 6.91 3.30
C MET B 45 4.25 8.06 4.15
N ASP B 46 3.56 9.18 4.10
CA ASP B 46 3.94 10.37 4.86
C ASP B 46 3.37 10.25 6.26
N LEU B 47 3.86 9.27 6.96
CA LEU B 47 3.39 8.99 8.31
C LEU B 47 3.93 9.99 9.28
N THR B 48 4.86 10.76 8.81
CA THR B 48 5.47 11.85 9.51
C THR B 48 4.45 12.95 9.86
N ARG B 49 3.31 12.94 9.20
CA ARG B 49 2.23 13.91 9.47
C ARG B 49 1.43 13.48 10.68
N PHE B 50 1.68 12.29 11.13
CA PHE B 50 0.95 11.69 12.22
C PHE B 50 1.86 11.32 13.37
N PRO B 51 2.02 12.21 14.34
CA PRO B 51 2.85 11.97 15.50
C PRO B 51 2.02 11.41 16.68
N THR B 52 2.71 11.06 17.76
CA THR B 52 2.10 10.59 19.01
C THR B 52 1.34 9.27 18.79
N GLY B 53 1.74 8.54 17.76
CA GLY B 53 1.10 7.28 17.45
C GLY B 53 -0.26 7.46 16.80
N ASN B 54 -0.55 8.66 16.31
CA ASN B 54 -1.83 8.97 15.66
C ASN B 54 -1.79 8.61 14.19
N PHE B 55 -1.12 7.51 13.90
CA PHE B 55 -0.96 6.98 12.56
C PHE B 55 -2.31 6.55 11.98
N PRO B 56 -2.43 6.50 10.64
CA PRO B 56 -3.65 6.10 9.97
C PRO B 56 -4.01 4.64 10.24
N ALA B 57 -5.23 4.32 9.94
CA ALA B 57 -5.73 3.00 10.13
C ALA B 57 -5.64 2.26 8.83
N VAL B 58 -4.89 1.21 8.82
CA VAL B 58 -4.69 0.41 7.63
C VAL B 58 -5.69 -0.71 7.61
N PHE B 59 -6.26 -0.96 6.45
CA PHE B 59 -7.17 -2.04 6.27
C PHE B 59 -6.80 -2.81 5.02
N ALA B 60 -7.24 -4.01 4.96
CA ALA B 60 -7.03 -4.87 3.83
C ALA B 60 -8.36 -5.26 3.23
N ARG B 61 -8.33 -5.61 1.96
CA ARG B 61 -9.51 -6.10 1.25
C ARG B 61 -9.17 -7.25 0.30
N GLU B 62 -10.12 -8.13 0.11
CA GLU B 62 -9.92 -9.23 -0.83
C GLU B 62 -10.52 -8.90 -2.17
N LYS B 63 -11.36 -7.91 -2.16
CA LYS B 63 -12.00 -7.45 -3.35
C LYS B 63 -11.99 -5.96 -3.27
N GLU B 64 -12.23 -5.32 -4.37
CA GLU B 64 -12.26 -3.86 -4.44
C GLU B 64 -13.35 -3.35 -3.51
N HIS B 65 -14.47 -4.05 -3.57
CA HIS B 65 -15.65 -3.69 -2.83
C HIS B 65 -15.88 -4.67 -1.68
N ALA B 66 -14.80 -5.29 -1.21
CA ALA B 66 -14.87 -6.17 -0.04
C ALA B 66 -14.93 -5.29 1.18
N GLU B 67 -15.21 -5.86 2.30
CA GLU B 67 -15.17 -5.09 3.50
C GLU B 67 -13.71 -4.87 3.89
N ASP B 68 -13.46 -3.82 4.59
CA ASP B 68 -12.13 -3.46 4.97
C ASP B 68 -11.80 -4.05 6.29
N PHE B 69 -10.80 -4.84 6.27
CA PHE B 69 -10.40 -5.60 7.42
C PHE B 69 -9.33 -4.87 8.16
N LEU B 70 -9.49 -4.80 9.46
CA LEU B 70 -8.62 -4.06 10.36
C LEU B 70 -7.16 -4.51 10.31
N VAL B 71 -6.97 -5.79 9.95
CA VAL B 71 -5.68 -6.49 9.84
C VAL B 71 -4.63 -6.13 10.91
N ASN B 72 -3.41 -6.48 10.63
CA ASN B 72 -2.31 -6.21 11.51
C ASN B 72 -1.26 -5.48 10.75
N THR B 73 -0.81 -4.40 11.30
CA THR B 73 0.16 -3.58 10.67
C THR B 73 1.16 -3.04 11.69
N THR B 74 2.41 -3.01 11.32
CA THR B 74 3.42 -2.44 12.16
C THR B 74 3.90 -1.17 11.47
N VAL B 75 4.20 -0.18 12.24
CA VAL B 75 4.59 1.10 11.71
C VAL B 75 6.03 1.36 12.09
N GLU B 76 6.90 1.40 11.12
CA GLU B 76 8.27 1.69 11.35
C GLU B 76 8.73 2.81 10.46
N GLY B 77 9.07 3.93 11.08
CA GLY B 77 9.58 5.08 10.36
C GLY B 77 8.50 5.81 9.61
N ASN B 78 8.28 5.37 8.42
CA ASN B 78 7.26 5.92 7.56
C ASN B 78 6.63 4.80 6.77
N THR B 79 6.90 3.59 7.19
CA THR B 79 6.49 2.46 6.45
C THR B 79 5.44 1.66 7.24
N LEU B 80 4.35 1.33 6.58
CA LEU B 80 3.32 0.50 7.12
C LEU B 80 3.61 -0.90 6.68
N ILE B 81 3.90 -1.74 7.61
CA ILE B 81 4.17 -3.13 7.34
C ILE B 81 2.91 -3.92 7.63
N VAL B 82 2.18 -4.24 6.59
CA VAL B 82 0.96 -4.97 6.71
C VAL B 82 1.27 -6.46 6.76
N HIS B 83 0.81 -7.11 7.78
CA HIS B 83 1.05 -8.50 7.95
C HIS B 83 0.07 -9.23 7.11
N GLY B 84 0.55 -9.68 6.00
CA GLY B 84 -0.28 -10.45 5.13
C GLY B 84 -0.60 -9.68 3.89
N THR B 85 -0.48 -10.34 2.78
CA THR B 85 -0.74 -9.74 1.52
C THR B 85 -2.17 -10.00 1.10
N TYR B 86 -2.78 -9.01 0.55
CA TYR B 86 -4.14 -9.10 0.09
C TYR B 86 -4.18 -8.47 -1.27
N PRO B 87 -5.09 -8.89 -2.15
CA PRO B 87 -5.19 -8.32 -3.50
C PRO B 87 -5.51 -6.82 -3.48
N PHE B 88 -6.20 -6.36 -2.45
CA PHE B 88 -6.53 -4.96 -2.33
C PHE B 88 -6.27 -4.48 -0.91
N LEU B 89 -5.84 -3.27 -0.77
CA LEU B 89 -5.57 -2.68 0.53
C LEU B 89 -6.21 -1.32 0.57
N VAL B 90 -6.52 -0.85 1.74
CA VAL B 90 -7.16 0.44 1.92
C VAL B 90 -6.56 1.11 3.11
N VAL B 91 -6.02 2.25 2.92
CA VAL B 91 -5.46 3.01 4.02
C VAL B 91 -6.43 4.15 4.30
N ARG B 92 -6.74 4.38 5.54
CA ARG B 92 -7.75 5.33 5.91
C ARG B 92 -7.14 6.41 6.77
N HIS B 93 -7.18 7.60 6.26
CA HIS B 93 -6.60 8.75 6.89
C HIS B 93 -7.68 9.74 7.20
N GLY B 94 -8.10 9.76 8.44
CA GLY B 94 -9.12 10.67 8.88
C GLY B 94 -10.46 10.41 8.21
N ASP B 95 -10.78 11.21 7.22
CA ASP B 95 -12.05 11.11 6.51
C ASP B 95 -11.80 10.58 5.10
N ASN B 96 -10.54 10.53 4.72
CA ASN B 96 -10.16 10.12 3.39
C ASN B 96 -9.59 8.72 3.41
N VAL B 97 -9.47 8.14 2.25
CA VAL B 97 -8.98 6.78 2.09
C VAL B 97 -8.27 6.64 0.76
N VAL B 98 -7.30 5.76 0.72
CA VAL B 98 -6.61 5.46 -0.49
C VAL B 98 -6.68 3.96 -0.72
N GLY B 99 -7.14 3.55 -1.87
CA GLY B 99 -7.26 2.15 -2.17
C GLY B 99 -6.11 1.71 -3.01
N LEU B 100 -5.41 0.74 -2.55
CA LEU B 100 -4.26 0.21 -3.23
C LEU B 100 -4.60 -1.14 -3.76
N ARG B 101 -4.14 -1.44 -4.93
CA ARG B 101 -4.36 -2.75 -5.46
C ARG B 101 -3.02 -3.40 -5.64
N ARG B 102 -2.95 -4.61 -5.23
CA ARG B 102 -1.77 -5.40 -5.42
C ARG B 102 -1.97 -6.05 -6.72
N ASN B 103 -1.06 -5.84 -7.62
CA ASN B 103 -1.22 -6.40 -8.91
C ASN B 103 -1.13 -7.89 -8.89
N LYS B 104 -2.21 -8.51 -9.31
CA LYS B 104 -2.28 -9.93 -9.39
C LYS B 104 -1.39 -10.39 -10.51
N GLN B 105 -0.92 -11.60 -10.43
CA GLN B 105 -0.05 -12.07 -11.45
C GLN B 105 -0.86 -12.55 -12.62
N LYS B 106 -0.94 -11.68 -13.58
CA LYS B 106 -1.64 -11.88 -14.81
C LYS B 106 -0.80 -11.21 -15.89
N THR A 2 -25.64 13.88 -3.32
CA THR A 2 -25.33 15.11 -2.62
C THR A 2 -23.84 15.15 -2.25
N LYS A 3 -23.48 14.58 -1.12
CA LYS A 3 -22.11 14.54 -0.67
C LYS A 3 -21.83 13.14 -0.17
N PRO A 4 -21.13 12.35 -0.96
CA PRO A 4 -20.84 10.98 -0.62
C PRO A 4 -19.54 10.82 0.16
N ALA A 5 -19.21 9.59 0.41
CA ALA A 5 -18.00 9.25 1.10
C ALA A 5 -16.82 9.39 0.15
N PRO A 6 -15.61 9.69 0.68
CA PRO A 6 -14.41 9.85 -0.13
C PRO A 6 -14.18 8.69 -1.08
N ASP A 7 -14.10 7.50 -0.52
CA ASP A 7 -13.86 6.23 -1.25
C ASP A 7 -12.57 6.22 -2.06
N PHE A 8 -12.23 5.07 -2.57
CA PHE A 8 -11.09 4.94 -3.41
C PHE A 8 -11.56 4.94 -4.85
N GLY A 9 -10.88 5.67 -5.67
CA GLY A 9 -11.27 5.77 -7.03
C GLY A 9 -10.87 7.09 -7.58
N GLY A 10 -11.51 7.52 -8.61
CA GLY A 10 -11.22 8.80 -9.19
C GLY A 10 -10.13 8.68 -10.22
N ARG A 11 -8.98 8.25 -9.75
CA ARG A 11 -7.86 8.05 -10.63
C ARG A 11 -7.04 6.87 -10.14
N TRP A 12 -7.21 5.76 -10.81
CA TRP A 12 -6.36 4.61 -10.60
C TRP A 12 -5.00 4.88 -11.21
N LYS A 13 -4.03 5.08 -10.39
CA LYS A 13 -2.72 5.46 -10.84
C LYS A 13 -1.69 4.52 -10.23
N HIS A 14 -0.72 4.10 -11.02
CA HIS A 14 0.33 3.18 -10.58
C HIS A 14 1.12 3.79 -9.42
N VAL A 15 1.31 3.04 -8.35
CA VAL A 15 2.05 3.53 -7.19
C VAL A 15 3.38 2.76 -7.05
N ASN A 16 3.66 1.98 -8.06
CA ASN A 16 4.91 1.25 -8.14
C ASN A 16 6.07 2.22 -8.36
N HIS A 17 6.76 2.52 -7.28
CA HIS A 17 7.76 3.56 -7.33
C HIS A 17 9.08 3.02 -7.83
N PHE A 18 9.75 3.83 -8.61
CA PHE A 18 11.04 3.48 -9.14
C PHE A 18 12.08 3.67 -8.05
N ASP A 19 12.19 2.68 -7.21
CA ASP A 19 13.09 2.71 -6.09
C ASP A 19 14.30 1.92 -6.42
N GLU A 20 14.14 0.62 -6.42
CA GLU A 20 15.21 -0.24 -6.81
C GLU A 20 14.97 -0.69 -8.25
N ALA A 21 14.08 -1.64 -8.45
CA ALA A 21 13.72 -2.07 -9.79
C ALA A 21 12.34 -2.70 -9.80
N PRO A 22 11.31 -1.97 -10.26
CA PRO A 22 9.92 -2.46 -10.29
C PRO A 22 9.66 -3.40 -11.49
N THR A 23 10.71 -4.02 -11.94
CA THR A 23 10.66 -4.94 -13.04
C THR A 23 11.11 -6.33 -12.60
N GLU A 24 12.10 -6.37 -11.72
CA GLU A 24 12.70 -7.59 -11.27
C GLU A 24 13.79 -7.19 -10.30
N GLY B 1 26.15 -8.39 2.59
CA GLY B 1 25.89 -7.98 1.21
C GLY B 1 27.17 -7.84 0.48
N SER B 2 27.61 -6.60 0.28
CA SER B 2 28.89 -6.34 -0.35
C SER B 2 29.98 -6.82 0.61
N HIS B 3 29.73 -6.62 1.88
CA HIS B 3 30.56 -7.14 2.90
C HIS B 3 29.84 -8.33 3.46
N MET B 4 30.44 -9.49 3.30
CA MET B 4 29.85 -10.79 3.69
C MET B 4 28.70 -11.15 2.78
N ASN B 5 28.99 -11.91 1.77
CA ASN B 5 28.00 -12.34 0.80
C ASN B 5 27.81 -13.82 0.90
N ALA B 6 26.59 -14.26 0.78
CA ALA B 6 26.24 -15.66 0.84
C ALA B 6 25.08 -15.90 -0.09
N LYS B 7 25.04 -17.05 -0.72
CA LYS B 7 23.97 -17.35 -1.66
C LYS B 7 22.72 -17.89 -0.95
N ILE B 8 22.21 -17.09 -0.05
CA ILE B 8 21.01 -17.43 0.68
C ILE B 8 19.85 -17.07 -0.21
N LEU B 9 19.17 -18.09 -0.67
CA LEU B 9 18.06 -17.98 -1.61
C LEU B 9 18.48 -17.25 -2.89
N LYS B 10 17.52 -16.89 -3.68
CA LYS B 10 17.80 -16.10 -4.84
C LYS B 10 17.69 -14.63 -4.48
N ASP B 11 17.68 -13.76 -5.46
CA ASP B 11 17.66 -12.32 -5.21
C ASP B 11 16.25 -11.86 -4.70
N ARG B 12 15.97 -10.58 -4.80
CA ARG B 12 14.75 -9.97 -4.27
C ARG B 12 13.49 -10.54 -4.92
N ARG B 13 12.47 -10.69 -4.11
CA ARG B 13 11.18 -11.15 -4.58
C ARG B 13 10.12 -10.15 -4.16
N TYR B 14 10.56 -8.91 -3.99
CA TYR B 14 9.66 -7.83 -3.64
C TYR B 14 8.68 -7.57 -4.75
N TYR B 15 7.45 -7.55 -4.40
CA TYR B 15 6.38 -7.37 -5.31
C TYR B 15 6.07 -5.89 -5.36
N TYR B 16 6.33 -5.27 -6.47
CA TYR B 16 6.20 -3.82 -6.59
C TYR B 16 4.92 -3.41 -7.26
N ASP B 17 4.25 -4.32 -7.94
CA ASP B 17 3.15 -3.86 -8.78
C ASP B 17 1.93 -3.54 -7.96
N TYR B 18 1.61 -2.27 -7.92
CA TYR B 18 0.55 -1.72 -7.11
C TYR B 18 0.02 -0.45 -7.74
N ASP B 19 -1.24 -0.18 -7.52
CA ASP B 19 -1.86 1.08 -7.93
C ASP B 19 -2.50 1.69 -6.73
N TYR B 20 -2.71 2.98 -6.76
CA TYR B 20 -3.41 3.67 -5.72
C TYR B 20 -4.56 4.40 -6.33
N ALA B 21 -5.65 4.44 -5.63
CA ALA B 21 -6.80 5.17 -6.07
C ALA B 21 -7.35 5.98 -4.94
N THR B 22 -7.52 7.24 -5.18
CA THR B 22 -8.08 8.13 -4.22
C THR B 22 -8.40 9.43 -4.93
N ARG B 23 -9.21 10.23 -4.30
CA ARG B 23 -9.59 11.52 -4.85
C ARG B 23 -9.04 12.64 -4.00
N THR B 24 -8.04 12.32 -3.21
CA THR B 24 -7.32 13.31 -2.49
C THR B 24 -6.08 13.65 -3.32
N LYS B 25 -5.56 14.82 -3.12
CA LYS B 25 -4.41 15.26 -3.87
C LYS B 25 -3.30 15.65 -2.92
N LYS B 26 -3.47 15.26 -1.69
CA LYS B 26 -2.52 15.55 -0.65
C LYS B 26 -1.48 14.44 -0.58
N SER B 27 -0.25 14.80 -0.78
CA SER B 27 0.88 13.87 -0.79
C SER B 27 1.12 13.28 0.60
N TRP B 28 0.51 13.87 1.59
CA TRP B 28 0.62 13.42 2.97
C TRP B 28 -0.50 12.46 3.34
N LEU B 29 -1.30 12.10 2.35
CA LEU B 29 -2.37 11.15 2.53
C LEU B 29 -2.18 9.96 1.58
N ILE B 30 -1.45 10.20 0.50
CA ILE B 30 -1.18 9.20 -0.51
C ILE B 30 0.18 8.51 -0.25
N PRO B 31 0.26 7.16 -0.45
CA PRO B 31 1.52 6.43 -0.32
C PRO B 31 2.50 6.77 -1.43
N SER B 32 3.77 6.82 -1.09
CA SER B 32 4.81 7.19 -2.03
C SER B 32 5.53 5.95 -2.58
N ARG B 33 5.52 4.87 -1.82
CA ARG B 33 6.21 3.65 -2.25
C ARG B 33 5.46 2.48 -1.68
N VAL B 34 5.16 1.50 -2.48
CA VAL B 34 4.45 0.33 -2.00
C VAL B 34 5.04 -0.91 -2.63
N TYR B 35 5.45 -1.84 -1.81
CA TYR B 35 5.95 -3.12 -2.26
C TYR B 35 5.89 -4.11 -1.11
N ASP B 36 5.69 -5.36 -1.40
CA ASP B 36 5.67 -6.38 -0.34
C ASP B 36 6.73 -7.39 -0.58
N ASP B 37 6.97 -8.18 0.43
CA ASP B 37 7.82 -9.31 0.29
C ASP B 37 7.04 -10.43 0.84
N GLY B 38 6.58 -11.29 -0.02
CA GLY B 38 5.85 -12.46 0.33
C GLY B 38 4.48 -12.20 0.98
N LYS B 39 4.51 -11.60 2.14
CA LYS B 39 3.37 -11.43 2.99
C LYS B 39 3.38 -10.06 3.62
N PHE B 40 4.53 -9.61 4.01
CA PHE B 40 4.63 -8.35 4.68
C PHE B 40 4.71 -7.25 3.65
N THR B 41 3.74 -6.40 3.69
CA THR B 41 3.61 -5.36 2.72
C THR B 41 4.18 -4.08 3.32
N TYR B 42 5.10 -3.48 2.62
CA TYR B 42 5.74 -2.26 3.06
C TYR B 42 5.17 -1.08 2.30
N ILE B 43 4.42 -0.28 3.00
CA ILE B 43 3.78 0.88 2.40
C ILE B 43 4.41 2.15 2.97
N ASN B 44 5.24 2.80 2.20
CA ASN B 44 5.85 4.04 2.61
C ASN B 44 4.91 5.14 2.36
N MET B 45 4.48 5.73 3.40
CA MET B 45 3.57 6.81 3.30
C MET B 45 4.17 8.02 3.97
N ASP B 46 3.44 9.08 4.04
CA ASP B 46 3.94 10.30 4.64
C ASP B 46 3.43 10.34 6.08
N LEU B 47 3.64 9.24 6.79
CA LEU B 47 3.13 9.02 8.15
C LEU B 47 3.72 9.98 9.17
N THR B 48 4.76 10.65 8.77
CA THR B 48 5.45 11.58 9.61
C THR B 48 4.58 12.77 10.02
N ARG B 49 3.50 13.00 9.29
CA ARG B 49 2.61 14.12 9.56
C ARG B 49 1.60 13.74 10.63
N PHE B 50 1.72 12.53 11.08
CA PHE B 50 0.87 11.99 12.12
C PHE B 50 1.65 11.87 13.42
N PRO B 51 1.55 12.88 14.26
CA PRO B 51 2.25 12.92 15.51
C PRO B 51 1.48 12.23 16.63
N THR B 52 2.11 12.15 17.80
CA THR B 52 1.54 11.53 19.00
C THR B 52 1.37 10.00 18.77
N GLY B 53 2.03 9.49 17.73
CA GLY B 53 1.94 8.10 17.38
C GLY B 53 0.58 7.76 16.85
N ASN B 54 -0.13 8.77 16.43
CA ASN B 54 -1.50 8.59 16.00
C ASN B 54 -1.52 8.39 14.51
N PHE B 55 -0.91 7.31 14.14
CA PHE B 55 -0.81 6.87 12.77
C PHE B 55 -2.19 6.49 12.20
N PRO B 56 -2.36 6.58 10.88
CA PRO B 56 -3.63 6.25 10.21
C PRO B 56 -3.97 4.75 10.29
N ALA B 57 -5.16 4.42 9.91
CA ALA B 57 -5.62 3.06 9.97
C ALA B 57 -5.53 2.41 8.60
N VAL B 58 -4.99 1.24 8.55
CA VAL B 58 -4.90 0.50 7.32
C VAL B 58 -5.64 -0.82 7.45
N PHE B 59 -6.35 -1.15 6.42
CA PHE B 59 -7.17 -2.31 6.33
C PHE B 59 -6.82 -3.06 5.07
N ALA B 60 -7.24 -4.26 4.99
CA ALA B 60 -6.99 -5.09 3.85
C ALA B 60 -8.30 -5.51 3.22
N ARG B 61 -8.28 -5.85 1.96
CA ARG B 61 -9.47 -6.39 1.29
C ARG B 61 -9.12 -7.53 0.37
N GLU B 62 -10.00 -8.49 0.30
CA GLU B 62 -9.81 -9.60 -0.61
C GLU B 62 -10.37 -9.24 -1.98
N LYS B 63 -11.22 -8.21 -2.01
CA LYS B 63 -11.77 -7.75 -3.24
C LYS B 63 -12.18 -6.28 -3.03
N GLU B 64 -12.33 -5.54 -4.14
CA GLU B 64 -12.68 -4.10 -4.12
C GLU B 64 -13.94 -3.84 -3.31
N HIS B 65 -14.88 -4.73 -3.45
CA HIS B 65 -16.18 -4.61 -2.79
C HIS B 65 -16.30 -5.56 -1.62
N ALA B 66 -15.18 -6.03 -1.13
CA ALA B 66 -15.21 -6.88 0.02
C ALA B 66 -15.12 -6.01 1.22
N GLU B 67 -15.31 -6.55 2.37
CA GLU B 67 -15.24 -5.74 3.54
C GLU B 67 -13.79 -5.54 3.92
N ASP B 68 -13.53 -4.49 4.61
CA ASP B 68 -12.21 -4.16 5.04
C ASP B 68 -11.86 -4.90 6.31
N PHE B 69 -10.72 -5.51 6.26
CA PHE B 69 -10.19 -6.29 7.36
C PHE B 69 -9.29 -5.42 8.13
N LEU B 70 -9.42 -5.46 9.42
CA LEU B 70 -8.66 -4.60 10.33
C LEU B 70 -7.16 -4.91 10.26
N VAL B 71 -6.86 -6.16 9.92
CA VAL B 71 -5.50 -6.77 9.83
C VAL B 71 -4.48 -6.38 10.92
N ASN B 72 -3.30 -6.91 10.78
CA ASN B 72 -2.22 -6.65 11.69
C ASN B 72 -1.20 -5.80 10.98
N THR B 73 -0.80 -4.72 11.56
CA THR B 73 0.12 -3.83 10.92
C THR B 73 1.15 -3.30 11.92
N THR B 74 2.38 -3.25 11.49
CA THR B 74 3.45 -2.69 12.27
C THR B 74 3.90 -1.42 11.54
N VAL B 75 4.36 -0.46 12.27
CA VAL B 75 4.80 0.77 11.68
C VAL B 75 6.28 1.00 11.96
N GLU B 76 7.03 1.22 10.92
CA GLU B 76 8.42 1.53 11.03
C GLU B 76 8.70 2.80 10.27
N GLY B 77 9.00 3.86 10.99
CA GLY B 77 9.32 5.14 10.40
C GLY B 77 8.13 5.75 9.71
N ASN B 78 8.03 5.49 8.44
CA ASN B 78 6.94 5.96 7.63
C ASN B 78 6.37 4.83 6.81
N THR B 79 6.69 3.62 7.20
CA THR B 79 6.26 2.46 6.48
C THR B 79 5.23 1.65 7.28
N LEU B 80 4.10 1.34 6.65
CA LEU B 80 3.12 0.47 7.24
C LEU B 80 3.39 -0.91 6.76
N ILE B 81 3.74 -1.77 7.67
CA ILE B 81 4.02 -3.16 7.37
C ILE B 81 2.78 -3.97 7.66
N VAL B 82 2.07 -4.29 6.63
CA VAL B 82 0.85 -5.04 6.74
C VAL B 82 1.18 -6.52 6.73
N HIS B 83 0.79 -7.20 7.77
CA HIS B 83 1.07 -8.58 7.87
C HIS B 83 0.05 -9.34 7.07
N GLY B 84 0.46 -9.75 5.90
CA GLY B 84 -0.39 -10.54 5.05
C GLY B 84 -0.65 -9.83 3.75
N THR B 85 -0.40 -10.49 2.67
CA THR B 85 -0.57 -9.94 1.37
C THR B 85 -1.97 -10.18 0.83
N TYR B 86 -2.64 -9.13 0.48
CA TYR B 86 -3.98 -9.18 -0.04
C TYR B 86 -4.01 -8.48 -1.38
N PRO B 87 -4.92 -8.86 -2.28
CA PRO B 87 -5.00 -8.24 -3.61
C PRO B 87 -5.39 -6.76 -3.56
N PHE B 88 -6.05 -6.35 -2.48
CA PHE B 88 -6.46 -4.97 -2.32
C PHE B 88 -6.22 -4.54 -0.90
N LEU B 89 -5.76 -3.35 -0.74
CA LEU B 89 -5.54 -2.79 0.59
C LEU B 89 -6.23 -1.46 0.65
N VAL B 90 -6.55 -1.01 1.82
CA VAL B 90 -7.27 0.24 1.99
C VAL B 90 -6.65 1.00 3.15
N VAL B 91 -6.18 2.17 2.90
CA VAL B 91 -5.56 2.97 3.94
C VAL B 91 -6.42 4.20 4.17
N ARG B 92 -6.67 4.56 5.40
CA ARG B 92 -7.53 5.66 5.68
C ARG B 92 -6.85 6.67 6.55
N HIS B 93 -6.74 7.84 6.01
CA HIS B 93 -6.18 8.97 6.66
C HIS B 93 -7.29 9.97 6.91
N GLY B 94 -7.80 9.99 8.12
CA GLY B 94 -8.88 10.89 8.48
C GLY B 94 -10.14 10.71 7.62
N ASP B 95 -10.42 11.70 6.81
CA ASP B 95 -11.60 11.73 5.95
C ASP B 95 -11.20 11.41 4.50
N ASN B 96 -10.05 10.82 4.35
CA ASN B 96 -9.57 10.46 3.04
C ASN B 96 -9.14 9.03 3.08
N VAL B 97 -9.32 8.36 2.01
CA VAL B 97 -9.01 6.97 1.98
C VAL B 97 -8.39 6.62 0.63
N VAL B 98 -7.42 5.75 0.65
CA VAL B 98 -6.71 5.34 -0.52
C VAL B 98 -6.82 3.84 -0.68
N GLY B 99 -7.15 3.41 -1.86
CA GLY B 99 -7.23 2.01 -2.13
C GLY B 99 -6.04 1.58 -2.93
N LEU B 100 -5.49 0.46 -2.58
CA LEU B 100 -4.33 -0.07 -3.25
C LEU B 100 -4.69 -1.37 -3.91
N ARG B 101 -4.20 -1.54 -5.10
CA ARG B 101 -4.41 -2.74 -5.85
C ARG B 101 -3.09 -3.41 -6.08
N ARG B 102 -2.96 -4.63 -5.62
CA ARG B 102 -1.78 -5.40 -5.87
C ARG B 102 -2.00 -6.03 -7.21
N ASN B 103 -1.13 -5.74 -8.13
CA ASN B 103 -1.34 -6.20 -9.49
C ASN B 103 -0.82 -7.57 -9.68
N LYS B 104 -1.75 -8.49 -9.83
CA LYS B 104 -1.43 -9.91 -9.92
C LYS B 104 -0.60 -10.31 -11.10
N GLN B 105 -0.05 -11.47 -10.97
CA GLN B 105 0.65 -12.12 -12.01
C GLN B 105 -0.35 -12.99 -12.72
N LYS B 106 -0.22 -13.08 -14.01
CA LYS B 106 -1.09 -13.86 -14.90
C LYS B 106 -2.42 -13.17 -15.12
N THR A 2 -23.92 -2.15 -7.19
CA THR A 2 -23.41 -1.95 -5.86
C THR A 2 -22.56 -0.69 -5.83
N LYS A 3 -22.92 0.22 -4.97
CA LYS A 3 -22.22 1.46 -4.81
C LYS A 3 -22.42 1.91 -3.37
N PRO A 4 -21.49 1.55 -2.48
CA PRO A 4 -21.59 1.92 -1.08
C PRO A 4 -21.01 3.32 -0.82
N ALA A 5 -19.72 3.43 -0.94
CA ALA A 5 -19.01 4.67 -0.76
C ALA A 5 -17.68 4.50 -1.43
N PRO A 6 -17.25 5.48 -2.23
CA PRO A 6 -15.98 5.40 -2.91
C PRO A 6 -14.78 5.63 -1.98
N ASP A 7 -14.16 4.53 -1.57
CA ASP A 7 -12.94 4.58 -0.76
C ASP A 7 -11.80 4.90 -1.66
N PHE A 8 -11.89 4.40 -2.85
CA PHE A 8 -10.88 4.59 -3.82
C PHE A 8 -11.50 4.75 -5.17
N GLY A 9 -10.82 5.44 -6.04
CA GLY A 9 -11.29 5.63 -7.36
C GLY A 9 -10.85 6.95 -7.88
N GLY A 10 -11.35 7.33 -9.03
CA GLY A 10 -11.04 8.61 -9.61
C GLY A 10 -9.72 8.60 -10.34
N ARG A 11 -8.66 8.41 -9.61
CA ARG A 11 -7.34 8.40 -10.17
C ARG A 11 -6.63 7.12 -9.83
N TRP A 12 -6.73 6.15 -10.71
CA TRP A 12 -5.93 4.95 -10.58
C TRP A 12 -4.57 5.22 -11.12
N LYS A 13 -3.66 5.48 -10.23
CA LYS A 13 -2.32 5.79 -10.60
C LYS A 13 -1.38 4.73 -10.09
N HIS A 14 -0.43 4.36 -10.92
CA HIS A 14 0.54 3.34 -10.58
C HIS A 14 1.42 3.78 -9.42
N VAL A 15 1.70 2.86 -8.54
CA VAL A 15 2.60 3.10 -7.44
C VAL A 15 3.65 1.99 -7.41
N ASN A 16 3.77 1.35 -8.57
CA ASN A 16 4.84 0.41 -8.87
C ASN A 16 6.12 1.23 -8.79
N HIS A 17 6.83 1.11 -7.72
CA HIS A 17 7.87 2.05 -7.47
C HIS A 17 9.09 1.43 -6.80
N PHE A 18 10.09 1.15 -7.60
CA PHE A 18 11.40 0.75 -7.11
C PHE A 18 12.47 1.42 -7.96
N ASP A 19 12.05 1.88 -9.10
CA ASP A 19 12.89 2.58 -10.07
C ASP A 19 12.92 4.07 -9.76
N GLU A 20 12.20 4.43 -8.71
CA GLU A 20 12.08 5.79 -8.20
C GLU A 20 11.60 6.78 -9.25
N ALA A 21 10.31 6.86 -9.36
CA ALA A 21 9.64 7.71 -10.30
C ALA A 21 9.06 8.89 -9.53
N PRO A 22 8.84 10.05 -10.17
CA PRO A 22 8.32 11.23 -9.49
C PRO A 22 6.86 11.07 -9.07
N THR A 23 6.65 10.66 -7.84
CA THR A 23 5.32 10.56 -7.31
C THR A 23 4.95 11.92 -6.77
N GLU A 24 5.60 12.30 -5.71
CA GLU A 24 5.47 13.61 -5.14
C GLU A 24 6.87 14.17 -5.04
N GLY B 1 4.82 -10.98 -19.78
CA GLY B 1 5.03 -10.45 -21.13
C GLY B 1 4.22 -11.22 -22.13
N SER B 2 3.76 -10.55 -23.15
CA SER B 2 3.02 -11.15 -24.22
C SER B 2 3.83 -10.98 -25.51
N HIS B 3 3.60 -11.84 -26.51
CA HIS B 3 4.33 -11.83 -27.81
C HIS B 3 5.74 -12.44 -27.66
N MET B 4 6.39 -12.10 -26.59
CA MET B 4 7.67 -12.61 -26.26
C MET B 4 7.70 -12.86 -24.77
N ASN B 5 8.24 -13.97 -24.38
CA ASN B 5 8.34 -14.32 -22.99
C ASN B 5 9.59 -13.69 -22.42
N ALA B 6 9.73 -13.75 -21.14
CA ALA B 6 10.89 -13.20 -20.49
C ALA B 6 11.44 -14.24 -19.55
N LYS B 7 12.70 -14.17 -19.28
CA LYS B 7 13.31 -15.07 -18.37
C LYS B 7 12.98 -14.65 -16.97
N ILE B 8 12.59 -15.60 -16.19
CA ILE B 8 12.25 -15.34 -14.81
C ILE B 8 13.50 -14.95 -14.06
N LEU B 9 13.42 -13.88 -13.34
CA LEU B 9 14.54 -13.30 -12.67
C LEU B 9 14.72 -13.93 -11.29
N LYS B 10 15.59 -13.34 -10.50
CA LYS B 10 15.85 -13.81 -9.16
C LYS B 10 14.60 -13.75 -8.31
N ASP B 11 14.43 -14.72 -7.47
CA ASP B 11 13.25 -14.80 -6.67
C ASP B 11 13.37 -13.89 -5.50
N ARG B 12 12.73 -12.81 -5.60
CA ARG B 12 12.64 -11.85 -4.55
C ARG B 12 11.23 -11.89 -4.07
N ARG B 13 11.03 -11.70 -2.81
CA ARG B 13 9.69 -11.73 -2.25
C ARG B 13 9.05 -10.40 -2.36
N TYR B 14 9.78 -9.47 -2.89
CA TYR B 14 9.34 -8.13 -3.04
C TYR B 14 8.53 -8.01 -4.32
N TYR B 15 7.27 -7.76 -4.17
CA TYR B 15 6.37 -7.56 -5.26
C TYR B 15 6.06 -6.08 -5.29
N TYR B 16 6.49 -5.41 -6.33
CA TYR B 16 6.44 -3.95 -6.38
C TYR B 16 5.31 -3.44 -7.23
N ASP B 17 4.52 -4.32 -7.78
CA ASP B 17 3.49 -3.85 -8.69
C ASP B 17 2.21 -3.57 -7.95
N TYR B 18 1.86 -2.30 -7.88
CA TYR B 18 0.71 -1.80 -7.14
C TYR B 18 0.22 -0.51 -7.77
N ASP B 19 -1.02 -0.17 -7.51
CA ASP B 19 -1.60 1.11 -7.93
C ASP B 19 -2.35 1.65 -6.76
N TYR B 20 -2.62 2.94 -6.77
CA TYR B 20 -3.43 3.56 -5.76
C TYR B 20 -4.48 4.39 -6.40
N ALA B 21 -5.59 4.52 -5.75
CA ALA B 21 -6.64 5.37 -6.21
C ALA B 21 -7.23 6.11 -5.06
N THR B 22 -7.52 7.35 -5.27
CA THR B 22 -8.10 8.19 -4.30
C THR B 22 -8.44 9.49 -4.99
N ARG B 23 -9.24 10.26 -4.37
CA ARG B 23 -9.61 11.55 -4.88
C ARG B 23 -8.80 12.64 -4.20
N THR B 24 -8.09 12.28 -3.13
CA THR B 24 -7.36 13.26 -2.38
C THR B 24 -6.10 13.65 -3.15
N LYS B 25 -5.68 14.86 -2.95
CA LYS B 25 -4.52 15.38 -3.61
C LYS B 25 -3.44 15.65 -2.59
N LYS B 26 -3.73 15.34 -1.34
CA LYS B 26 -2.80 15.57 -0.26
C LYS B 26 -1.73 14.50 -0.25
N SER B 27 -0.51 14.92 -0.43
CA SER B 27 0.67 14.06 -0.53
C SER B 27 0.87 13.23 0.74
N TRP B 28 0.39 13.75 1.82
CA TRP B 28 0.56 13.16 3.14
C TRP B 28 -0.55 12.17 3.47
N LEU B 29 -1.39 11.93 2.49
CA LEU B 29 -2.48 10.98 2.63
C LEU B 29 -2.31 9.85 1.61
N ILE B 30 -1.53 10.12 0.57
CA ILE B 30 -1.29 9.18 -0.50
C ILE B 30 0.06 8.46 -0.32
N PRO B 31 0.12 7.14 -0.61
CA PRO B 31 1.38 6.40 -0.57
C PRO B 31 2.28 6.75 -1.75
N SER B 32 3.57 6.75 -1.50
CA SER B 32 4.53 7.06 -2.52
C SER B 32 5.13 5.78 -3.08
N ARG B 33 5.31 4.77 -2.25
CA ARG B 33 5.97 3.55 -2.69
C ARG B 33 5.25 2.38 -2.04
N VAL B 34 4.87 1.37 -2.79
CA VAL B 34 4.15 0.24 -2.22
C VAL B 34 4.68 -1.06 -2.79
N TYR B 35 5.04 -1.96 -1.92
CA TYR B 35 5.58 -3.25 -2.30
C TYR B 35 5.44 -4.21 -1.15
N ASP B 36 5.20 -5.45 -1.42
CA ASP B 36 5.16 -6.44 -0.35
C ASP B 36 6.34 -7.32 -0.44
N ASP B 37 6.62 -7.98 0.63
CA ASP B 37 7.65 -8.96 0.67
C ASP B 37 7.15 -10.14 1.47
N GLY B 38 6.95 -11.23 0.76
CA GLY B 38 6.58 -12.51 1.32
C GLY B 38 5.15 -12.59 1.87
N LYS B 39 4.82 -11.68 2.73
CA LYS B 39 3.61 -11.72 3.46
C LYS B 39 3.32 -10.33 3.99
N PHE B 40 4.34 -9.60 4.25
CA PHE B 40 4.21 -8.27 4.79
C PHE B 40 4.17 -7.27 3.67
N THR B 41 3.24 -6.38 3.72
CA THR B 41 3.07 -5.38 2.70
C THR B 41 3.64 -4.06 3.24
N TYR B 42 4.57 -3.49 2.53
CA TYR B 42 5.27 -2.29 2.95
C TYR B 42 4.78 -1.12 2.14
N ILE B 43 4.25 -0.14 2.82
CA ILE B 43 3.68 1.01 2.18
C ILE B 43 4.39 2.26 2.68
N ASN B 44 5.16 2.89 1.82
CA ASN B 44 5.83 4.12 2.18
C ASN B 44 4.90 5.25 1.97
N MET B 45 4.53 5.89 3.03
CA MET B 45 3.60 6.99 2.99
C MET B 45 4.18 8.13 3.79
N ASP B 46 3.55 9.27 3.77
CA ASP B 46 4.08 10.43 4.47
C ASP B 46 3.57 10.43 5.92
N LEU B 47 3.78 9.31 6.59
CA LEU B 47 3.26 9.05 7.95
C LEU B 47 3.90 9.94 8.99
N THR B 48 4.97 10.59 8.60
CA THR B 48 5.73 11.44 9.48
C THR B 48 4.91 12.70 9.88
N ARG B 49 3.77 12.91 9.22
CA ARG B 49 2.93 14.07 9.53
C ARG B 49 1.95 13.71 10.61
N PHE B 50 2.00 12.48 11.03
CA PHE B 50 1.14 11.97 12.08
C PHE B 50 1.96 11.62 13.33
N PRO B 51 2.07 12.54 14.28
CA PRO B 51 2.80 12.33 15.51
C PRO B 51 1.89 11.84 16.64
N THR B 52 2.51 11.51 17.78
CA THR B 52 1.80 11.11 18.99
C THR B 52 1.02 9.77 18.77
N GLY B 53 1.46 9.03 17.77
CA GLY B 53 0.86 7.77 17.47
C GLY B 53 -0.42 7.91 16.68
N ASN B 54 -0.61 9.07 16.06
CA ASN B 54 -1.81 9.37 15.25
C ASN B 54 -1.71 8.77 13.86
N PHE B 55 -1.02 7.66 13.77
CA PHE B 55 -0.82 6.96 12.52
C PHE B 55 -2.15 6.47 11.97
N PRO B 56 -2.29 6.47 10.64
CA PRO B 56 -3.53 6.08 9.99
C PRO B 56 -3.88 4.62 10.16
N ALA B 57 -5.08 4.27 9.81
CA ALA B 57 -5.54 2.93 9.92
C ALA B 57 -5.55 2.29 8.56
N VAL B 58 -4.74 1.29 8.39
CA VAL B 58 -4.69 0.59 7.14
C VAL B 58 -5.42 -0.74 7.26
N PHE B 59 -6.23 -1.00 6.29
CA PHE B 59 -7.04 -2.16 6.22
C PHE B 59 -6.70 -2.94 4.96
N ALA B 60 -7.20 -4.12 4.88
CA ALA B 60 -7.00 -4.99 3.75
C ALA B 60 -8.33 -5.36 3.15
N ARG B 61 -8.31 -5.74 1.88
CA ARG B 61 -9.50 -6.25 1.18
C ARG B 61 -9.11 -7.35 0.21
N GLU B 62 -9.99 -8.31 0.04
CA GLU B 62 -9.74 -9.35 -0.93
C GLU B 62 -10.30 -8.94 -2.28
N LYS B 63 -11.28 -8.08 -2.26
CA LYS B 63 -11.82 -7.53 -3.47
C LYS B 63 -12.28 -6.12 -3.18
N GLU B 64 -12.57 -5.37 -4.23
CA GLU B 64 -12.99 -3.97 -4.12
C GLU B 64 -14.26 -3.88 -3.30
N HIS B 65 -15.03 -4.91 -3.43
CA HIS B 65 -16.33 -5.04 -2.78
C HIS B 65 -16.24 -5.89 -1.52
N ALA B 66 -15.05 -6.03 -0.99
CA ALA B 66 -14.89 -6.70 0.27
C ALA B 66 -14.88 -5.63 1.31
N GLU B 67 -14.97 -6.00 2.52
CA GLU B 67 -14.94 -5.03 3.56
C GLU B 67 -13.51 -4.84 4.00
N ASP B 68 -13.25 -3.74 4.61
CA ASP B 68 -11.92 -3.38 5.01
C ASP B 68 -11.56 -3.99 6.33
N PHE B 69 -10.65 -4.93 6.27
CA PHE B 69 -10.23 -5.71 7.40
C PHE B 69 -9.06 -5.04 8.05
N LEU B 70 -9.15 -4.84 9.34
CA LEU B 70 -8.15 -4.10 10.12
C LEU B 70 -6.74 -4.67 10.04
N VAL B 71 -6.66 -5.99 9.86
CA VAL B 71 -5.43 -6.78 9.84
C VAL B 71 -4.40 -6.39 10.95
N ASN B 72 -3.19 -6.85 10.81
CA ASN B 72 -2.13 -6.49 11.74
C ASN B 72 -1.16 -5.60 11.01
N THR B 73 -0.75 -4.52 11.61
CA THR B 73 0.17 -3.63 10.96
C THR B 73 1.19 -3.07 11.93
N THR B 74 2.42 -3.00 11.49
CA THR B 74 3.46 -2.36 12.23
C THR B 74 3.85 -1.10 11.45
N VAL B 75 4.24 -0.07 12.14
CA VAL B 75 4.62 1.17 11.52
C VAL B 75 6.09 1.41 11.79
N GLU B 76 6.86 1.44 10.75
CA GLU B 76 8.25 1.72 10.86
C GLU B 76 8.58 2.98 10.11
N GLY B 77 8.69 4.06 10.85
CA GLY B 77 8.98 5.34 10.30
C GLY B 77 7.84 5.84 9.47
N ASN B 78 7.97 5.71 8.20
CA ASN B 78 6.99 6.16 7.28
C ASN B 78 6.51 4.99 6.42
N THR B 79 6.76 3.80 6.90
CA THR B 79 6.40 2.62 6.17
C THR B 79 5.43 1.76 6.99
N LEU B 80 4.29 1.46 6.41
CA LEU B 80 3.33 0.58 7.03
C LEU B 80 3.67 -0.84 6.62
N ILE B 81 3.79 -1.69 7.59
CA ILE B 81 4.02 -3.10 7.33
C ILE B 81 2.77 -3.85 7.72
N VAL B 82 2.00 -4.17 6.74
CA VAL B 82 0.78 -4.90 6.90
C VAL B 82 1.08 -6.37 6.89
N HIS B 83 0.79 -7.04 7.95
CA HIS B 83 1.03 -8.44 8.02
C HIS B 83 -0.08 -9.10 7.24
N GLY B 84 0.24 -9.48 6.05
CA GLY B 84 -0.72 -10.12 5.22
C GLY B 84 -0.75 -9.51 3.84
N THR B 85 -0.51 -10.32 2.86
CA THR B 85 -0.54 -9.93 1.49
C THR B 85 -1.94 -10.11 0.93
N TYR B 86 -2.49 -9.07 0.38
CA TYR B 86 -3.84 -9.10 -0.14
C TYR B 86 -3.87 -8.39 -1.47
N PRO B 87 -4.80 -8.77 -2.36
CA PRO B 87 -4.93 -8.16 -3.69
C PRO B 87 -5.34 -6.68 -3.63
N PHE B 88 -5.97 -6.28 -2.54
CA PHE B 88 -6.40 -4.91 -2.37
C PHE B 88 -6.15 -4.48 -0.95
N LEU B 89 -5.71 -3.28 -0.77
CA LEU B 89 -5.52 -2.73 0.55
C LEU B 89 -6.23 -1.40 0.58
N VAL B 90 -6.58 -0.95 1.74
CA VAL B 90 -7.30 0.29 1.88
C VAL B 90 -6.71 1.06 3.04
N VAL B 91 -6.17 2.18 2.77
CA VAL B 91 -5.52 2.97 3.79
C VAL B 91 -6.45 4.12 4.13
N ARG B 92 -6.75 4.29 5.38
CA ARG B 92 -7.69 5.27 5.78
C ARG B 92 -7.05 6.19 6.80
N HIS B 93 -6.95 7.42 6.43
CA HIS B 93 -6.36 8.43 7.23
C HIS B 93 -7.47 9.26 7.75
N GLY B 94 -7.84 9.02 8.98
CA GLY B 94 -8.96 9.69 9.55
C GLY B 94 -10.24 9.30 8.83
N ASP B 95 -10.71 10.18 7.97
CA ASP B 95 -11.96 9.98 7.25
C ASP B 95 -11.68 9.92 5.76
N ASN B 96 -10.42 9.97 5.45
CA ASN B 96 -9.93 10.01 4.11
C ASN B 96 -9.41 8.66 3.81
N VAL B 97 -9.39 8.29 2.58
CA VAL B 97 -9.07 6.95 2.28
C VAL B 97 -8.47 6.80 0.86
N VAL B 98 -7.57 5.84 0.73
CA VAL B 98 -6.89 5.52 -0.51
C VAL B 98 -6.94 4.00 -0.68
N GLY B 99 -7.12 3.54 -1.89
CA GLY B 99 -7.15 2.11 -2.12
C GLY B 99 -5.97 1.68 -2.94
N LEU B 100 -5.46 0.51 -2.64
CA LEU B 100 -4.32 -0.05 -3.31
C LEU B 100 -4.70 -1.30 -4.03
N ARG B 101 -4.16 -1.46 -5.20
CA ARG B 101 -4.38 -2.61 -6.01
C ARG B 101 -3.08 -3.32 -6.24
N ARG B 102 -2.99 -4.55 -5.78
CA ARG B 102 -1.83 -5.35 -6.04
C ARG B 102 -1.99 -5.83 -7.45
N ASN B 103 -1.01 -5.59 -8.26
CA ASN B 103 -1.14 -5.90 -9.66
C ASN B 103 -1.00 -7.33 -9.99
N LYS B 104 -2.11 -7.87 -10.37
CA LYS B 104 -2.24 -9.20 -10.83
C LYS B 104 -1.67 -9.32 -12.24
N GLN B 105 -1.14 -10.43 -12.55
CA GLN B 105 -0.57 -10.67 -13.85
C GLN B 105 -1.62 -11.24 -14.76
N LYS B 106 -2.18 -10.39 -15.58
CA LYS B 106 -3.23 -10.73 -16.47
C LYS B 106 -3.20 -9.77 -17.64
N THR A 2 -24.67 17.74 -8.14
CA THR A 2 -23.31 17.45 -7.72
C THR A 2 -23.17 15.94 -7.47
N LYS A 3 -22.03 15.39 -7.83
CA LYS A 3 -21.73 14.01 -7.59
C LYS A 3 -20.22 13.85 -7.54
N PRO A 4 -19.65 13.80 -6.35
CA PRO A 4 -18.22 13.63 -6.19
C PRO A 4 -17.84 12.15 -6.26
N ALA A 5 -16.58 11.84 -6.02
CA ALA A 5 -16.13 10.48 -6.03
C ALA A 5 -16.04 9.94 -4.60
N PRO A 6 -16.95 9.05 -4.20
CA PRO A 6 -16.91 8.44 -2.90
C PRO A 6 -16.00 7.21 -2.91
N ASP A 7 -15.44 6.88 -1.75
CA ASP A 7 -14.53 5.73 -1.59
C ASP A 7 -13.28 5.92 -2.42
N PHE A 8 -12.58 4.84 -2.67
CA PHE A 8 -11.40 4.89 -3.49
C PHE A 8 -11.81 4.83 -4.96
N GLY A 9 -11.09 5.55 -5.78
CA GLY A 9 -11.37 5.54 -7.18
C GLY A 9 -11.03 6.84 -7.79
N GLY A 10 -11.60 7.11 -8.94
CA GLY A 10 -11.42 8.37 -9.60
C GLY A 10 -10.22 8.37 -10.49
N ARG A 11 -9.08 8.17 -9.89
CA ARG A 11 -7.85 8.17 -10.60
C ARG A 11 -6.93 7.04 -10.17
N TRP A 12 -6.99 5.96 -10.93
CA TRP A 12 -6.11 4.82 -10.77
C TRP A 12 -4.74 5.11 -11.37
N LYS A 13 -3.75 5.23 -10.55
CA LYS A 13 -2.40 5.47 -10.99
C LYS A 13 -1.48 4.46 -10.31
N HIS A 14 -0.34 4.16 -10.89
CA HIS A 14 0.61 3.24 -10.26
C HIS A 14 1.26 3.88 -9.03
N VAL A 15 1.43 3.12 -7.98
CA VAL A 15 2.09 3.62 -6.79
C VAL A 15 3.29 2.77 -6.44
N ASN A 16 4.28 2.93 -7.22
CA ASN A 16 5.51 2.25 -7.01
C ASN A 16 6.70 3.08 -7.36
N HIS A 17 7.69 2.92 -6.55
CA HIS A 17 8.97 3.49 -6.77
C HIS A 17 9.84 2.27 -6.87
N PHE A 18 10.24 1.95 -8.07
CA PHE A 18 10.87 0.69 -8.33
C PHE A 18 12.37 0.75 -8.09
N ASP A 19 12.73 0.74 -6.83
CA ASP A 19 14.10 0.72 -6.44
C ASP A 19 14.38 -0.45 -5.53
N GLU A 20 14.73 -1.54 -6.17
CA GLU A 20 15.05 -2.79 -5.51
C GLU A 20 16.44 -2.67 -4.93
N ALA A 21 17.24 -1.92 -5.62
CA ALA A 21 18.60 -1.64 -5.30
C ALA A 21 18.94 -0.39 -6.09
N PRO A 22 20.04 0.32 -5.77
CA PRO A 22 20.48 1.47 -6.56
C PRO A 22 20.73 1.06 -8.02
N THR A 23 20.49 1.98 -8.92
CA THR A 23 20.61 1.71 -10.33
C THR A 23 22.10 1.61 -10.73
N GLU A 24 22.59 0.41 -10.74
CA GLU A 24 23.93 0.11 -11.13
C GLU A 24 23.91 -0.15 -12.61
N GLY B 1 0.22 -15.93 -32.03
CA GLY B 1 1.62 -15.54 -31.81
C GLY B 1 1.91 -15.48 -30.34
N SER B 2 2.64 -14.49 -29.91
CA SER B 2 2.92 -14.34 -28.52
C SER B 2 1.86 -13.43 -27.88
N HIS B 3 1.74 -13.48 -26.58
CA HIS B 3 0.80 -12.65 -25.90
C HIS B 3 1.50 -11.34 -25.55
N MET B 4 2.27 -11.36 -24.48
CA MET B 4 3.05 -10.22 -24.04
C MET B 4 4.37 -10.74 -23.50
N ASN B 5 5.43 -10.50 -24.22
CA ASN B 5 6.72 -10.97 -23.79
C ASN B 5 7.33 -10.05 -22.77
N ALA B 6 7.23 -10.46 -21.55
CA ALA B 6 7.76 -9.74 -20.43
C ALA B 6 8.65 -10.68 -19.65
N LYS B 7 9.47 -10.12 -18.79
CA LYS B 7 10.38 -10.88 -18.00
C LYS B 7 9.66 -11.78 -17.02
N ILE B 8 10.31 -12.81 -16.67
CA ILE B 8 9.78 -13.79 -15.76
C ILE B 8 10.26 -13.44 -14.37
N LEU B 9 9.37 -13.47 -13.44
CA LEU B 9 9.68 -13.19 -12.07
C LEU B 9 10.07 -14.47 -11.34
N LYS B 10 11.16 -14.41 -10.64
CA LYS B 10 11.67 -15.55 -9.90
C LYS B 10 11.94 -15.15 -8.46
N ASP B 11 12.47 -16.10 -7.66
CA ASP B 11 12.81 -15.88 -6.23
C ASP B 11 11.50 -15.67 -5.44
N ARG B 12 11.53 -15.01 -4.30
CA ARG B 12 10.32 -14.71 -3.55
C ARG B 12 9.62 -13.61 -4.29
N ARG B 13 10.46 -12.74 -4.82
CA ARG B 13 10.11 -11.60 -5.64
C ARG B 13 9.35 -10.52 -4.88
N TYR B 14 10.02 -9.42 -4.69
CA TYR B 14 9.40 -8.24 -4.14
C TYR B 14 8.45 -7.72 -5.21
N TYR B 15 7.18 -7.69 -4.91
CA TYR B 15 6.22 -7.28 -5.89
C TYR B 15 5.93 -5.81 -5.68
N TYR B 16 6.32 -5.00 -6.63
CA TYR B 16 6.17 -3.56 -6.52
C TYR B 16 4.96 -3.07 -7.26
N ASP B 17 4.30 -3.92 -7.99
CA ASP B 17 3.21 -3.43 -8.79
C ASP B 17 1.95 -3.27 -7.98
N TYR B 18 1.58 -2.03 -7.80
CA TYR B 18 0.41 -1.64 -7.06
C TYR B 18 -0.13 -0.39 -7.65
N ASP B 19 -1.43 -0.25 -7.64
CA ASP B 19 -2.06 0.93 -8.16
C ASP B 19 -2.78 1.56 -7.01
N TYR B 20 -3.02 2.83 -7.07
CA TYR B 20 -3.73 3.50 -6.04
C TYR B 20 -4.80 4.36 -6.67
N ALA B 21 -5.88 4.46 -6.01
CA ALA B 21 -6.94 5.31 -6.41
C ALA B 21 -7.43 6.05 -5.21
N THR B 22 -7.62 7.31 -5.37
CA THR B 22 -8.04 8.12 -4.28
C THR B 22 -8.62 9.41 -4.83
N ARG B 23 -9.25 10.12 -3.97
CA ARG B 23 -9.91 11.35 -4.29
C ARG B 23 -9.18 12.54 -3.66
N THR B 24 -8.09 12.27 -2.97
CA THR B 24 -7.37 13.31 -2.30
C THR B 24 -6.11 13.68 -3.09
N LYS B 25 -5.62 14.89 -2.86
CA LYS B 25 -4.42 15.39 -3.50
C LYS B 25 -3.27 15.39 -2.51
N LYS B 26 -3.57 15.06 -1.27
CA LYS B 26 -2.61 15.14 -0.19
C LYS B 26 -1.58 14.02 -0.27
N SER B 27 -0.33 14.40 -0.46
CA SER B 27 0.77 13.44 -0.57
C SER B 27 1.11 12.79 0.79
N TRP B 28 0.48 13.27 1.82
CA TRP B 28 0.68 12.72 3.14
C TRP B 28 -0.43 11.75 3.50
N LEU B 29 -1.28 11.50 2.53
CA LEU B 29 -2.37 10.55 2.66
C LEU B 29 -2.14 9.42 1.68
N ILE B 30 -1.46 9.75 0.60
CA ILE B 30 -1.15 8.82 -0.45
C ILE B 30 0.23 8.20 -0.23
N PRO B 31 0.37 6.87 -0.37
CA PRO B 31 1.65 6.20 -0.29
C PRO B 31 2.57 6.60 -1.44
N SER B 32 3.85 6.52 -1.21
CA SER B 32 4.82 6.85 -2.21
C SER B 32 5.46 5.57 -2.78
N ARG B 33 5.49 4.51 -1.98
CA ARG B 33 6.09 3.26 -2.43
C ARG B 33 5.35 2.11 -1.79
N VAL B 34 4.96 1.13 -2.58
CA VAL B 34 4.26 -0.04 -2.07
C VAL B 34 4.87 -1.29 -2.70
N TYR B 35 5.29 -2.23 -1.88
CA TYR B 35 5.84 -3.50 -2.35
C TYR B 35 5.78 -4.52 -1.23
N ASP B 36 5.67 -5.78 -1.55
CA ASP B 36 5.69 -6.80 -0.50
C ASP B 36 6.81 -7.74 -0.70
N ASP B 37 7.03 -8.50 0.33
CA ASP B 37 7.90 -9.62 0.31
C ASP B 37 7.27 -10.69 1.16
N GLY B 38 6.85 -11.75 0.50
CA GLY B 38 6.26 -12.91 1.14
C GLY B 38 4.86 -12.64 1.69
N LYS B 39 4.79 -11.75 2.65
CA LYS B 39 3.59 -11.42 3.35
C LYS B 39 3.60 -9.96 3.68
N PHE B 40 4.74 -9.48 4.07
CA PHE B 40 4.84 -8.16 4.60
C PHE B 40 4.84 -7.16 3.50
N THR B 41 3.86 -6.34 3.51
CA THR B 41 3.71 -5.34 2.52
C THR B 41 4.19 -4.04 3.12
N TYR B 42 5.24 -3.52 2.55
CA TYR B 42 5.86 -2.31 3.01
C TYR B 42 5.30 -1.14 2.25
N ILE B 43 4.62 -0.30 2.97
CA ILE B 43 3.98 0.85 2.40
C ILE B 43 4.68 2.10 2.90
N ASN B 44 5.47 2.68 2.06
CA ASN B 44 6.19 3.89 2.40
C ASN B 44 5.28 5.04 2.21
N MET B 45 4.99 5.73 3.27
CA MET B 45 4.08 6.85 3.23
C MET B 45 4.66 8.03 3.97
N ASP B 46 3.94 9.11 3.99
CA ASP B 46 4.38 10.35 4.63
C ASP B 46 3.79 10.36 6.04
N LEU B 47 3.99 9.25 6.76
CA LEU B 47 3.39 9.02 8.10
C LEU B 47 3.93 9.97 9.15
N THR B 48 4.99 10.66 8.81
CA THR B 48 5.65 11.57 9.68
C THR B 48 4.80 12.80 10.00
N ARG B 49 3.70 12.94 9.29
CA ARG B 49 2.79 14.07 9.52
C ARG B 49 1.79 13.70 10.60
N PHE B 50 1.93 12.50 11.10
CA PHE B 50 1.08 11.99 12.14
C PHE B 50 1.89 11.69 13.40
N PRO B 51 1.96 12.65 14.32
CA PRO B 51 2.67 12.51 15.56
C PRO B 51 1.75 12.02 16.69
N THR B 52 2.32 11.77 17.86
CA THR B 52 1.57 11.38 19.08
C THR B 52 0.96 9.97 18.91
N GLY B 53 1.45 9.23 17.93
CA GLY B 53 0.91 7.93 17.64
C GLY B 53 -0.40 8.01 16.90
N ASN B 54 -0.67 9.17 16.31
CA ASN B 54 -1.91 9.42 15.57
C ASN B 54 -1.79 8.89 14.13
N PHE B 55 -1.20 7.73 14.02
CA PHE B 55 -0.97 7.09 12.76
C PHE B 55 -2.27 6.59 12.15
N PRO B 56 -2.36 6.57 10.81
CA PRO B 56 -3.57 6.17 10.09
C PRO B 56 -3.87 4.70 10.19
N ALA B 57 -5.04 4.34 9.75
CA ALA B 57 -5.45 2.97 9.79
C ALA B 57 -5.41 2.40 8.39
N VAL B 58 -4.80 1.26 8.26
CA VAL B 58 -4.75 0.59 7.01
C VAL B 58 -5.49 -0.72 7.15
N PHE B 59 -6.26 -1.01 6.17
CA PHE B 59 -7.07 -2.17 6.15
C PHE B 59 -6.75 -2.97 4.92
N ALA B 60 -7.17 -4.17 4.94
CA ALA B 60 -6.97 -5.09 3.87
C ALA B 60 -8.31 -5.51 3.34
N ARG B 61 -8.37 -5.73 2.06
CA ARG B 61 -9.58 -6.24 1.43
C ARG B 61 -9.28 -7.44 0.55
N GLU B 62 -10.21 -8.38 0.53
CA GLU B 62 -10.09 -9.58 -0.31
C GLU B 62 -10.43 -9.26 -1.75
N LYS B 63 -11.19 -8.20 -1.95
CA LYS B 63 -11.61 -7.78 -3.26
C LYS B 63 -11.99 -6.33 -3.16
N GLU B 64 -12.42 -5.77 -4.26
CA GLU B 64 -12.76 -4.34 -4.34
C GLU B 64 -13.94 -4.02 -3.46
N HIS B 65 -14.83 -4.96 -3.36
CA HIS B 65 -16.06 -4.81 -2.58
C HIS B 65 -16.02 -5.65 -1.32
N ALA B 66 -14.83 -5.97 -0.85
CA ALA B 66 -14.70 -6.72 0.39
C ALA B 66 -14.79 -5.74 1.52
N GLU B 67 -14.89 -6.25 2.71
CA GLU B 67 -14.93 -5.41 3.84
C GLU B 67 -13.51 -5.07 4.26
N ASP B 68 -13.36 -4.02 5.00
CA ASP B 68 -12.08 -3.57 5.44
C ASP B 68 -11.65 -4.34 6.65
N PHE B 69 -10.61 -5.09 6.48
CA PHE B 69 -10.02 -5.85 7.58
C PHE B 69 -8.93 -5.05 8.20
N LEU B 70 -9.03 -4.84 9.48
CA LEU B 70 -8.06 -4.04 10.25
C LEU B 70 -6.64 -4.63 10.20
N VAL B 71 -6.59 -5.95 9.98
CA VAL B 71 -5.37 -6.78 9.92
C VAL B 71 -4.25 -6.46 10.94
N ASN B 72 -3.12 -7.09 10.76
CA ASN B 72 -1.97 -6.85 11.61
C ASN B 72 -1.00 -5.99 10.86
N THR B 73 -0.77 -4.81 11.33
CA THR B 73 0.11 -3.88 10.69
C THR B 73 1.01 -3.21 11.73
N THR B 74 2.28 -3.11 11.41
CA THR B 74 3.24 -2.44 12.26
C THR B 74 3.67 -1.14 11.58
N VAL B 75 4.00 -0.14 12.36
CA VAL B 75 4.40 1.15 11.83
C VAL B 75 5.84 1.40 12.19
N GLU B 76 6.71 1.31 11.23
CA GLU B 76 8.09 1.58 11.45
C GLU B 76 8.47 2.85 10.75
N GLY B 77 8.46 3.93 11.50
CA GLY B 77 8.83 5.23 11.00
C GLY B 77 7.82 5.78 10.02
N ASN B 78 8.07 5.55 8.77
CA ASN B 78 7.20 6.06 7.72
C ASN B 78 6.66 4.93 6.87
N THR B 79 6.85 3.71 7.32
CA THR B 79 6.44 2.58 6.54
C THR B 79 5.39 1.75 7.31
N LEU B 80 4.30 1.42 6.65
CA LEU B 80 3.30 0.54 7.19
C LEU B 80 3.64 -0.84 6.72
N ILE B 81 3.75 -1.74 7.63
CA ILE B 81 4.05 -3.11 7.33
C ILE B 81 2.83 -3.93 7.60
N VAL B 82 2.14 -4.27 6.55
CA VAL B 82 0.95 -5.07 6.66
C VAL B 82 1.35 -6.53 6.62
N HIS B 83 1.01 -7.25 7.65
CA HIS B 83 1.35 -8.63 7.72
C HIS B 83 0.35 -9.40 6.92
N GLY B 84 0.75 -9.74 5.76
CA GLY B 84 -0.06 -10.54 4.90
C GLY B 84 -0.32 -9.83 3.60
N THR B 85 -0.22 -10.54 2.52
CA THR B 85 -0.43 -9.96 1.23
C THR B 85 -1.88 -10.12 0.81
N TYR B 86 -2.48 -9.05 0.40
CA TYR B 86 -3.86 -9.05 -0.02
C TYR B 86 -3.95 -8.37 -1.38
N PRO B 87 -4.92 -8.76 -2.21
CA PRO B 87 -5.09 -8.17 -3.53
C PRO B 87 -5.51 -6.71 -3.49
N PHE B 88 -6.10 -6.29 -2.37
CA PHE B 88 -6.54 -4.93 -2.21
C PHE B 88 -6.28 -4.49 -0.80
N LEU B 89 -5.84 -3.28 -0.66
CA LEU B 89 -5.61 -2.69 0.63
C LEU B 89 -6.27 -1.34 0.62
N VAL B 90 -6.69 -0.89 1.74
CA VAL B 90 -7.37 0.37 1.85
C VAL B 90 -6.76 1.16 2.98
N VAL B 91 -6.25 2.29 2.69
CA VAL B 91 -5.64 3.10 3.70
C VAL B 91 -6.63 4.22 4.02
N ARG B 92 -6.81 4.51 5.27
CA ARG B 92 -7.81 5.47 5.69
C ARG B 92 -7.17 6.53 6.55
N HIS B 93 -7.25 7.74 6.10
CA HIS B 93 -6.70 8.86 6.79
C HIS B 93 -7.76 9.91 6.96
N GLY B 94 -8.34 9.97 8.13
CA GLY B 94 -9.32 10.99 8.45
C GLY B 94 -10.51 11.02 7.53
N ASP B 95 -10.53 11.99 6.66
CA ASP B 95 -11.63 12.25 5.77
C ASP B 95 -11.48 11.49 4.47
N ASN B 96 -10.26 11.10 4.16
CA ASN B 96 -9.99 10.44 2.90
C ASN B 96 -9.48 9.02 3.02
N VAL B 97 -9.53 8.33 1.91
CA VAL B 97 -9.11 6.93 1.81
C VAL B 97 -8.36 6.72 0.52
N VAL B 98 -7.44 5.80 0.53
CA VAL B 98 -6.67 5.44 -0.64
C VAL B 98 -6.82 3.94 -0.86
N GLY B 99 -7.24 3.57 -2.03
CA GLY B 99 -7.40 2.17 -2.34
C GLY B 99 -6.24 1.68 -3.15
N LEU B 100 -5.67 0.59 -2.73
CA LEU B 100 -4.53 0.00 -3.36
C LEU B 100 -4.91 -1.29 -4.05
N ARG B 101 -4.55 -1.38 -5.28
CA ARG B 101 -4.82 -2.54 -6.08
C ARG B 101 -3.54 -3.26 -6.36
N ARG B 102 -3.49 -4.50 -6.01
CA ARG B 102 -2.37 -5.31 -6.28
C ARG B 102 -2.49 -5.81 -7.70
N ASN B 103 -1.46 -5.60 -8.48
CA ASN B 103 -1.48 -6.01 -9.87
C ASN B 103 -1.43 -7.51 -10.03
N LYS B 104 -1.94 -7.96 -11.16
CA LYS B 104 -2.00 -9.34 -11.50
C LYS B 104 -0.60 -9.89 -11.70
N GLN B 105 -0.40 -11.10 -11.32
CA GLN B 105 0.87 -11.75 -11.47
C GLN B 105 1.06 -12.27 -12.87
N LYS B 106 1.79 -11.50 -13.61
CA LYS B 106 2.11 -11.73 -14.98
C LYS B 106 3.60 -11.52 -15.16
N THR A 2 -22.77 6.96 9.03
CA THR A 2 -23.29 5.61 9.01
C THR A 2 -22.61 4.77 7.89
N LYS A 3 -21.64 5.37 7.20
CA LYS A 3 -20.96 4.68 6.14
C LYS A 3 -19.48 4.87 6.27
N PRO A 4 -18.76 3.82 6.63
CA PRO A 4 -17.33 3.84 6.74
C PRO A 4 -16.68 3.33 5.45
N ALA A 5 -17.35 3.63 4.34
CA ALA A 5 -16.96 3.19 3.02
C ALA A 5 -15.68 3.89 2.57
N PRO A 6 -14.84 3.21 1.79
CA PRO A 6 -13.63 3.79 1.28
C PRO A 6 -13.81 4.39 -0.12
N ASP A 7 -13.86 5.71 -0.18
CA ASP A 7 -13.91 6.44 -1.43
C ASP A 7 -12.61 6.32 -2.22
N PHE A 8 -12.48 5.28 -2.99
CA PHE A 8 -11.34 5.12 -3.84
C PHE A 8 -11.80 5.01 -5.28
N GLY A 9 -11.14 5.72 -6.15
CA GLY A 9 -11.48 5.62 -7.54
C GLY A 9 -11.15 6.88 -8.29
N GLY A 10 -11.16 6.80 -9.59
CA GLY A 10 -10.87 7.92 -10.42
C GLY A 10 -9.39 8.07 -10.64
N ARG A 11 -8.69 8.46 -9.60
CA ARG A 11 -7.26 8.63 -9.69
C ARG A 11 -6.56 7.30 -9.44
N TRP A 12 -6.70 6.39 -10.39
CA TRP A 12 -5.98 5.13 -10.36
C TRP A 12 -4.63 5.31 -10.97
N LYS A 13 -3.63 5.38 -10.15
CA LYS A 13 -2.26 5.54 -10.65
C LYS A 13 -1.34 4.53 -9.99
N HIS A 14 -0.33 4.12 -10.74
CA HIS A 14 0.65 3.16 -10.28
C HIS A 14 1.47 3.75 -9.13
N VAL A 15 1.73 2.95 -8.13
CA VAL A 15 2.53 3.37 -6.99
C VAL A 15 3.78 2.46 -6.86
N ASN A 16 4.10 1.84 -7.98
CA ASN A 16 5.25 0.94 -8.11
C ASN A 16 6.55 1.70 -7.97
N HIS A 17 7.15 1.62 -6.78
CA HIS A 17 8.48 2.17 -6.46
C HIS A 17 8.52 3.72 -6.43
N PHE A 18 7.39 4.34 -6.84
CA PHE A 18 7.28 5.77 -7.11
C PHE A 18 8.10 5.99 -8.36
N ASP A 19 7.45 5.94 -9.49
CA ASP A 19 8.17 5.90 -10.74
C ASP A 19 8.32 7.28 -11.30
N GLU A 20 7.35 8.11 -11.02
CA GLU A 20 7.33 9.49 -11.45
C GLU A 20 8.54 10.21 -10.88
N ALA A 21 9.49 10.49 -11.72
CA ALA A 21 10.70 11.08 -11.29
C ALA A 21 10.76 12.53 -11.70
N PRO A 22 10.82 13.45 -10.73
CA PRO A 22 10.94 14.88 -11.02
C PRO A 22 12.24 15.17 -11.78
N THR A 23 13.33 14.66 -11.27
CA THR A 23 14.61 14.83 -11.88
C THR A 23 15.23 13.47 -12.26
N GLU A 24 15.01 13.11 -13.52
CA GLU A 24 15.50 11.88 -14.17
C GLU A 24 15.29 12.04 -15.65
N GLY B 1 28.68 -38.93 -10.74
CA GLY B 1 28.18 -38.69 -12.10
C GLY B 1 28.30 -37.23 -12.44
N SER B 2 27.32 -36.69 -13.08
CA SER B 2 27.33 -35.29 -13.38
C SER B 2 26.69 -34.55 -12.21
N HIS B 3 27.50 -34.30 -11.19
CA HIS B 3 27.02 -33.63 -10.01
C HIS B 3 27.30 -32.16 -10.15
N MET B 4 26.28 -31.40 -10.42
CA MET B 4 26.38 -29.97 -10.48
C MET B 4 25.68 -29.39 -9.28
N ASN B 5 26.41 -28.68 -8.46
CA ASN B 5 25.85 -28.03 -7.31
C ASN B 5 25.11 -26.79 -7.74
N ALA B 6 23.84 -26.95 -7.89
CA ALA B 6 22.98 -25.89 -8.34
C ALA B 6 22.54 -25.07 -7.17
N LYS B 7 23.09 -23.91 -7.07
CA LYS B 7 22.84 -23.04 -5.98
C LYS B 7 22.02 -21.84 -6.43
N ILE B 8 20.87 -21.68 -5.82
CA ILE B 8 19.95 -20.62 -6.18
C ILE B 8 20.45 -19.31 -5.57
N LEU B 9 20.39 -18.25 -6.34
CA LEU B 9 20.85 -16.95 -5.90
C LEU B 9 19.70 -16.14 -5.33
N LYS B 10 20.03 -15.02 -4.75
CA LYS B 10 19.04 -14.11 -4.19
C LYS B 10 18.35 -13.34 -5.29
N ASP B 11 17.08 -13.11 -5.12
CA ASP B 11 16.29 -12.36 -6.05
C ASP B 11 15.45 -11.36 -5.31
N ARG B 12 15.16 -10.25 -5.93
CA ARG B 12 14.34 -9.23 -5.30
C ARG B 12 12.90 -9.67 -5.44
N ARG B 13 12.36 -10.18 -4.37
CA ARG B 13 11.02 -10.71 -4.41
C ARG B 13 10.03 -9.70 -3.85
N TYR B 14 10.52 -8.50 -3.67
CA TYR B 14 9.68 -7.39 -3.29
C TYR B 14 8.80 -7.07 -4.46
N TYR B 15 7.52 -7.21 -4.29
CA TYR B 15 6.61 -6.97 -5.35
C TYR B 15 6.12 -5.55 -5.24
N TYR B 16 6.43 -4.75 -6.22
CA TYR B 16 6.17 -3.33 -6.17
C TYR B 16 4.92 -2.93 -6.92
N ASP B 17 4.33 -3.85 -7.65
CA ASP B 17 3.19 -3.45 -8.45
C ASP B 17 1.92 -3.35 -7.67
N TYR B 18 1.50 -2.13 -7.52
CA TYR B 18 0.34 -1.72 -6.79
C TYR B 18 -0.12 -0.44 -7.41
N ASP B 19 -1.38 -0.19 -7.35
CA ASP B 19 -1.93 1.03 -7.85
C ASP B 19 -2.74 1.61 -6.74
N TYR B 20 -2.88 2.89 -6.70
CA TYR B 20 -3.68 3.50 -5.68
C TYR B 20 -4.77 4.30 -6.33
N ALA B 21 -5.84 4.47 -5.64
CA ALA B 21 -6.90 5.33 -6.05
C ALA B 21 -7.40 6.09 -4.87
N THR B 22 -7.73 7.31 -5.08
CA THR B 22 -8.19 8.18 -4.04
C THR B 22 -8.83 9.39 -4.69
N ARG B 23 -9.39 10.26 -3.89
CA ARG B 23 -10.02 11.45 -4.36
C ARG B 23 -9.21 12.68 -3.94
N THR B 24 -8.19 12.46 -3.12
CA THR B 24 -7.39 13.54 -2.60
C THR B 24 -6.24 13.87 -3.56
N LYS B 25 -5.60 15.00 -3.33
CA LYS B 25 -4.46 15.43 -4.11
C LYS B 25 -3.25 15.61 -3.19
N LYS B 26 -3.42 15.25 -1.93
CA LYS B 26 -2.37 15.45 -0.93
C LYS B 26 -1.40 14.28 -0.93
N SER B 27 -0.13 14.57 -1.14
CA SER B 27 0.92 13.56 -1.21
C SER B 27 1.30 13.04 0.18
N TRP B 28 0.70 13.62 1.20
CA TRP B 28 0.89 13.19 2.59
C TRP B 28 -0.30 12.35 3.05
N LEU B 29 -1.15 12.08 2.11
CA LEU B 29 -2.32 11.25 2.32
C LEU B 29 -2.28 10.09 1.35
N ILE B 30 -1.57 10.29 0.25
CA ILE B 30 -1.36 9.27 -0.75
C ILE B 30 -0.02 8.57 -0.50
N PRO B 31 -0.01 7.22 -0.55
CA PRO B 31 1.23 6.45 -0.44
C PRO B 31 2.19 6.78 -1.59
N SER B 32 3.44 6.86 -1.26
CA SER B 32 4.42 7.19 -2.23
C SER B 32 5.05 5.93 -2.79
N ARG B 33 5.03 4.83 -2.03
CA ARG B 33 5.59 3.57 -2.50
C ARG B 33 4.88 2.43 -1.81
N VAL B 34 4.50 1.41 -2.52
CA VAL B 34 3.91 0.23 -1.92
C VAL B 34 4.56 -1.00 -2.51
N TYR B 35 5.02 -1.90 -1.67
CA TYR B 35 5.68 -3.11 -2.11
C TYR B 35 5.65 -4.16 -1.01
N ASP B 36 5.44 -5.40 -1.35
CA ASP B 36 5.45 -6.47 -0.34
C ASP B 36 6.59 -7.38 -0.53
N ASP B 37 6.86 -8.14 0.49
CA ASP B 37 7.80 -9.21 0.43
C ASP B 37 7.22 -10.36 1.18
N GLY B 38 6.88 -11.39 0.44
CA GLY B 38 6.34 -12.62 1.01
C GLY B 38 4.93 -12.48 1.57
N LYS B 39 4.79 -11.65 2.57
CA LYS B 39 3.59 -11.47 3.32
C LYS B 39 3.50 -10.05 3.82
N PHE B 40 4.63 -9.48 4.14
CA PHE B 40 4.65 -8.16 4.71
C PHE B 40 4.58 -7.14 3.61
N THR B 41 3.57 -6.33 3.66
CA THR B 41 3.37 -5.32 2.67
C THR B 41 3.82 -3.99 3.24
N TYR B 42 4.82 -3.42 2.65
CA TYR B 42 5.42 -2.20 3.09
C TYR B 42 4.82 -1.03 2.33
N ILE B 43 4.17 -0.16 3.05
CA ILE B 43 3.53 0.99 2.45
C ILE B 43 4.23 2.27 2.94
N ASN B 44 4.99 2.89 2.07
CA ASN B 44 5.70 4.12 2.37
C ASN B 44 4.76 5.27 2.21
N MET B 45 4.40 5.88 3.29
CA MET B 45 3.48 7.00 3.26
C MET B 45 4.05 8.11 4.11
N ASP B 46 3.38 9.23 4.16
CA ASP B 46 3.88 10.35 4.92
C ASP B 46 3.32 10.26 6.32
N LEU B 47 3.79 9.28 7.03
CA LEU B 47 3.33 9.02 8.39
C LEU B 47 3.93 10.00 9.34
N THR B 48 4.90 10.70 8.86
CA THR B 48 5.57 11.75 9.56
C THR B 48 4.67 12.97 9.79
N ARG B 49 3.53 13.01 9.10
CA ARG B 49 2.54 14.08 9.33
C ARG B 49 1.64 13.69 10.47
N PHE B 50 1.79 12.47 10.92
CA PHE B 50 1.00 11.92 12.00
C PHE B 50 1.92 11.50 13.13
N PRO B 51 2.31 12.44 13.97
CA PRO B 51 3.26 12.19 15.01
C PRO B 51 2.61 11.63 16.27
N THR B 52 3.44 11.27 17.22
CA THR B 52 3.03 10.75 18.52
C THR B 52 2.23 9.43 18.37
N GLY B 53 2.45 8.74 17.26
CA GLY B 53 1.80 7.48 17.03
C GLY B 53 0.37 7.62 16.57
N ASN B 54 0.01 8.80 16.10
CA ASN B 54 -1.35 9.11 15.67
C ASN B 54 -1.52 8.75 14.19
N PHE B 55 -0.97 7.61 13.85
CA PHE B 55 -0.90 7.09 12.49
C PHE B 55 -2.28 6.75 11.93
N PRO B 56 -2.41 6.74 10.59
CA PRO B 56 -3.66 6.43 9.89
C PRO B 56 -4.07 4.96 10.05
N ALA B 57 -5.27 4.68 9.64
CA ALA B 57 -5.82 3.36 9.73
C ALA B 57 -5.58 2.62 8.45
N VAL B 58 -5.39 1.34 8.55
CA VAL B 58 -5.17 0.52 7.39
C VAL B 58 -5.98 -0.78 7.53
N PHE B 59 -6.48 -1.25 6.42
CA PHE B 59 -7.28 -2.43 6.34
C PHE B 59 -6.85 -3.17 5.09
N ALA B 60 -7.29 -4.37 4.98
CA ALA B 60 -7.02 -5.19 3.85
C ALA B 60 -8.32 -5.63 3.25
N ARG B 61 -8.32 -5.87 1.97
CA ARG B 61 -9.50 -6.37 1.28
C ARG B 61 -9.15 -7.50 0.34
N GLU B 62 -10.08 -8.45 0.18
CA GLU B 62 -9.91 -9.53 -0.78
C GLU B 62 -10.11 -8.96 -2.16
N LYS B 63 -11.03 -8.06 -2.23
CA LYS B 63 -11.50 -7.50 -3.44
C LYS B 63 -11.80 -6.06 -3.19
N GLU B 64 -12.10 -5.36 -4.23
CA GLU B 64 -12.46 -3.98 -4.18
C GLU B 64 -13.85 -3.85 -3.59
N HIS B 65 -14.63 -4.89 -3.75
CA HIS B 65 -15.97 -4.97 -3.23
C HIS B 65 -16.04 -5.94 -2.03
N ALA B 66 -14.91 -6.23 -1.42
CA ALA B 66 -14.89 -7.10 -0.25
C ALA B 66 -14.96 -6.24 0.97
N GLU B 67 -15.04 -6.82 2.14
CA GLU B 67 -15.08 -6.02 3.33
C GLU B 67 -13.66 -5.73 3.82
N ASP B 68 -13.56 -4.80 4.73
CA ASP B 68 -12.29 -4.33 5.24
C ASP B 68 -11.87 -5.15 6.43
N PHE B 69 -10.72 -5.71 6.32
CA PHE B 69 -10.13 -6.49 7.38
C PHE B 69 -9.15 -5.62 8.10
N LEU B 70 -9.21 -5.61 9.39
CA LEU B 70 -8.36 -4.75 10.20
C LEU B 70 -6.89 -5.14 10.09
N VAL B 71 -6.68 -6.44 9.82
CA VAL B 71 -5.37 -7.12 9.72
C VAL B 71 -4.33 -6.74 10.79
N ASN B 72 -3.15 -7.27 10.64
CA ASN B 72 -2.06 -6.98 11.55
C ASN B 72 -1.12 -6.01 10.87
N THR B 73 -0.72 -5.00 11.55
CA THR B 73 0.11 -3.98 10.98
C THR B 73 1.15 -3.51 11.99
N THR B 74 2.31 -3.21 11.49
CA THR B 74 3.35 -2.60 12.27
C THR B 74 3.72 -1.31 11.57
N VAL B 75 4.09 -0.32 12.32
CA VAL B 75 4.45 0.97 11.77
C VAL B 75 5.92 1.18 12.02
N GLU B 76 6.68 1.25 10.95
CA GLU B 76 8.09 1.46 11.06
C GLU B 76 8.53 2.70 10.33
N GLY B 77 8.63 3.77 11.07
CA GLY B 77 9.09 5.03 10.55
C GLY B 77 8.01 5.74 9.77
N ASN B 78 7.93 5.45 8.51
CA ASN B 78 6.90 6.00 7.65
C ASN B 78 6.34 4.91 6.76
N THR B 79 6.53 3.70 7.21
CA THR B 79 6.12 2.56 6.46
C THR B 79 5.15 1.71 7.27
N LEU B 80 4.01 1.41 6.71
CA LEU B 80 3.09 0.49 7.32
C LEU B 80 3.40 -0.88 6.81
N ILE B 81 3.64 -1.76 7.70
CA ILE B 81 3.92 -3.12 7.37
C ILE B 81 2.66 -3.92 7.63
N VAL B 82 1.95 -4.21 6.59
CA VAL B 82 0.76 -5.00 6.71
C VAL B 82 1.15 -6.45 6.68
N HIS B 83 0.94 -7.12 7.76
CA HIS B 83 1.28 -8.48 7.88
C HIS B 83 0.23 -9.29 7.16
N GLY B 84 0.57 -9.70 5.98
CA GLY B 84 -0.31 -10.48 5.18
C GLY B 84 -0.53 -9.82 3.84
N THR B 85 -0.31 -10.55 2.78
CA THR B 85 -0.47 -10.03 1.46
C THR B 85 -1.88 -10.22 0.96
N TYR B 86 -2.51 -9.15 0.56
CA TYR B 86 -3.86 -9.19 0.07
C TYR B 86 -3.90 -8.47 -1.26
N PRO B 87 -4.75 -8.91 -2.18
CA PRO B 87 -4.86 -8.30 -3.50
C PRO B 87 -5.38 -6.85 -3.49
N PHE B 88 -5.98 -6.45 -2.40
CA PHE B 88 -6.46 -5.09 -2.25
C PHE B 88 -6.24 -4.64 -0.83
N LEU B 89 -5.89 -3.40 -0.65
CA LEU B 89 -5.70 -2.84 0.67
C LEU B 89 -6.42 -1.52 0.74
N VAL B 90 -6.74 -1.09 1.92
CA VAL B 90 -7.44 0.16 2.12
C VAL B 90 -6.73 0.95 3.20
N VAL B 91 -6.48 2.20 2.95
CA VAL B 91 -5.79 3.04 3.89
C VAL B 91 -6.66 4.26 4.13
N ARG B 92 -6.75 4.73 5.36
CA ARG B 92 -7.58 5.84 5.67
C ARG B 92 -6.87 6.77 6.60
N HIS B 93 -6.67 7.96 6.14
CA HIS B 93 -6.04 8.98 6.90
C HIS B 93 -7.12 9.95 7.31
N GLY B 94 -7.57 9.83 8.53
CA GLY B 94 -8.63 10.69 9.04
C GLY B 94 -9.95 10.54 8.28
N ASP B 95 -10.16 11.42 7.33
CA ASP B 95 -11.42 11.51 6.57
C ASP B 95 -11.14 11.18 5.11
N ASN B 96 -9.90 10.91 4.86
CA ASN B 96 -9.39 10.65 3.56
C ASN B 96 -9.11 9.19 3.45
N VAL B 97 -9.23 8.68 2.29
CA VAL B 97 -9.08 7.28 2.12
C VAL B 97 -8.42 6.97 0.77
N VAL B 98 -7.65 5.93 0.72
CA VAL B 98 -6.96 5.49 -0.46
C VAL B 98 -7.16 3.99 -0.62
N GLY B 99 -7.39 3.55 -1.82
CA GLY B 99 -7.55 2.15 -2.09
C GLY B 99 -6.39 1.66 -2.89
N LEU B 100 -5.87 0.52 -2.53
CA LEU B 100 -4.73 -0.07 -3.20
C LEU B 100 -5.10 -1.33 -3.92
N ARG B 101 -4.62 -1.45 -5.11
CA ARG B 101 -4.82 -2.61 -5.92
C ARG B 101 -3.49 -3.27 -6.13
N ARG B 102 -3.36 -4.49 -5.69
CA ARG B 102 -2.16 -5.23 -5.91
C ARG B 102 -2.29 -5.83 -7.28
N ASN B 103 -1.31 -5.65 -8.09
CA ASN B 103 -1.38 -6.18 -9.44
C ASN B 103 -0.96 -7.59 -9.50
N LYS B 104 -1.68 -8.39 -10.26
CA LYS B 104 -1.28 -9.75 -10.52
C LYS B 104 0.03 -9.80 -11.26
N GLN B 105 0.74 -10.90 -11.10
CA GLN B 105 2.07 -11.06 -11.63
C GLN B 105 2.11 -10.93 -13.14
N LYS B 106 2.53 -9.80 -13.56
CA LYS B 106 2.76 -9.50 -14.94
C LYS B 106 4.01 -10.25 -15.38
N THR A 2 -22.21 10.63 10.48
CA THR A 2 -22.78 9.63 9.62
C THR A 2 -21.63 8.86 8.96
N LYS A 3 -21.85 7.62 8.60
CA LYS A 3 -20.79 6.82 8.08
C LYS A 3 -21.21 6.08 6.84
N PRO A 4 -20.75 6.52 5.69
CA PRO A 4 -21.00 5.82 4.46
C PRO A 4 -19.84 4.89 4.14
N ALA A 5 -19.84 4.31 2.98
CA ALA A 5 -18.76 3.45 2.55
C ALA A 5 -17.65 4.29 1.93
N PRO A 6 -16.49 4.40 2.59
CA PRO A 6 -15.38 5.14 2.06
C PRO A 6 -14.58 4.28 1.10
N ASP A 7 -14.87 4.43 -0.17
CA ASP A 7 -14.20 3.65 -1.18
C ASP A 7 -13.15 4.46 -1.89
N PHE A 8 -12.43 3.80 -2.72
CA PHE A 8 -11.33 4.36 -3.45
C PHE A 8 -11.62 4.30 -4.93
N GLY A 9 -10.84 4.99 -5.73
CA GLY A 9 -11.04 4.94 -7.15
C GLY A 9 -10.68 6.23 -7.81
N GLY A 10 -11.03 6.35 -9.07
CA GLY A 10 -10.76 7.54 -9.85
C GLY A 10 -9.32 7.62 -10.27
N ARG A 11 -8.52 8.15 -9.37
CA ARG A 11 -7.11 8.37 -9.57
C ARG A 11 -6.34 7.06 -9.40
N TRP A 12 -6.45 6.22 -10.38
CA TRP A 12 -5.72 4.96 -10.43
C TRP A 12 -4.36 5.17 -11.06
N LYS A 13 -3.33 5.12 -10.26
CA LYS A 13 -1.99 5.28 -10.80
C LYS A 13 -1.02 4.26 -10.16
N HIS A 14 -0.06 3.78 -10.97
CA HIS A 14 0.96 2.83 -10.52
C HIS A 14 1.82 3.47 -9.44
N VAL A 15 2.15 2.72 -8.44
CA VAL A 15 3.06 3.17 -7.40
C VAL A 15 4.28 2.22 -7.37
N ASN A 16 4.51 1.63 -8.55
CA ASN A 16 5.59 0.66 -8.82
C ASN A 16 6.94 1.32 -8.52
N HIS A 17 7.55 0.94 -7.36
CA HIS A 17 8.82 1.50 -6.86
C HIS A 17 8.60 2.85 -6.23
N PHE A 18 8.14 3.73 -7.02
CA PHE A 18 7.83 5.10 -6.66
C PHE A 18 6.80 5.60 -7.62
N ASP A 19 6.35 6.79 -7.42
CA ASP A 19 5.43 7.41 -8.36
C ASP A 19 6.28 8.05 -9.45
N GLU A 20 7.20 8.88 -9.00
CA GLU A 20 8.16 9.64 -9.82
C GLU A 20 7.51 10.53 -10.85
N ALA A 21 7.43 11.81 -10.47
CA ALA A 21 6.80 12.87 -11.23
C ALA A 21 5.28 12.69 -11.24
N PRO A 22 4.59 13.35 -10.29
CA PRO A 22 3.14 13.27 -10.17
C PRO A 22 2.44 14.25 -11.12
N THR A 23 3.17 14.69 -12.13
CA THR A 23 2.67 15.56 -13.16
C THR A 23 1.63 14.78 -13.99
N GLU A 24 1.84 13.49 -14.06
CA GLU A 24 0.94 12.59 -14.69
C GLU A 24 0.08 11.98 -13.60
N GLY B 1 17.49 2.33 -10.95
CA GLY B 1 18.74 3.08 -10.86
C GLY B 1 19.00 3.86 -12.13
N SER B 2 19.48 5.08 -11.99
CA SER B 2 19.73 5.95 -13.13
C SER B 2 20.97 5.50 -13.92
N HIS B 3 20.75 5.09 -15.18
CA HIS B 3 21.83 4.67 -16.10
C HIS B 3 22.61 3.47 -15.59
N MET B 4 21.98 2.64 -14.80
CA MET B 4 22.64 1.46 -14.24
C MET B 4 22.80 0.40 -15.32
N ASN B 5 21.73 0.22 -16.05
CA ASN B 5 21.59 -0.83 -17.09
C ASN B 5 21.72 -2.22 -16.53
N ALA B 6 20.60 -2.87 -16.43
CA ALA B 6 20.56 -4.17 -15.87
C ALA B 6 19.57 -5.02 -16.63
N LYS B 7 19.89 -6.28 -16.78
CA LYS B 7 18.98 -7.22 -17.37
C LYS B 7 17.92 -7.50 -16.32
N ILE B 8 16.73 -7.11 -16.64
CA ILE B 8 15.64 -7.06 -15.69
C ILE B 8 15.29 -8.41 -15.12
N LEU B 9 15.39 -8.47 -13.84
CA LEU B 9 14.90 -9.56 -13.07
C LEU B 9 13.60 -9.09 -12.55
N LYS B 10 12.62 -9.86 -12.80
CA LYS B 10 11.23 -9.47 -12.65
C LYS B 10 10.74 -9.22 -11.22
N ASP B 11 9.42 -9.02 -11.14
CA ASP B 11 8.60 -8.70 -9.94
C ASP B 11 8.65 -9.77 -8.87
N ARG B 12 9.48 -10.70 -9.06
CA ARG B 12 9.62 -11.82 -8.19
C ARG B 12 10.62 -11.50 -7.10
N ARG B 13 11.34 -10.40 -7.28
CA ARG B 13 12.33 -9.94 -6.30
C ARG B 13 11.63 -9.45 -5.04
N TYR B 14 10.66 -8.70 -5.29
CA TYR B 14 9.75 -8.05 -4.37
C TYR B 14 8.62 -7.65 -5.26
N TYR B 15 7.43 -7.57 -4.75
CA TYR B 15 6.36 -7.18 -5.64
C TYR B 15 6.13 -5.70 -5.50
N TYR B 16 6.42 -4.96 -6.55
CA TYR B 16 6.28 -3.51 -6.51
C TYR B 16 5.07 -3.06 -7.29
N ASP B 17 4.46 -3.94 -8.07
CA ASP B 17 3.36 -3.49 -8.90
C ASP B 17 2.10 -3.39 -8.10
N TYR B 18 1.70 -2.19 -7.91
CA TYR B 18 0.56 -1.82 -7.12
C TYR B 18 0.08 -0.53 -7.66
N ASP B 19 -1.17 -0.29 -7.53
CA ASP B 19 -1.74 0.95 -7.98
C ASP B 19 -2.45 1.55 -6.82
N TYR B 20 -2.45 2.85 -6.75
CA TYR B 20 -3.20 3.51 -5.72
C TYR B 20 -4.34 4.26 -6.35
N ALA B 21 -5.42 4.37 -5.63
CA ALA B 21 -6.54 5.13 -6.07
C ALA B 21 -7.09 5.91 -4.94
N THR B 22 -7.47 7.12 -5.21
CA THR B 22 -8.05 7.96 -4.21
C THR B 22 -8.65 9.19 -4.86
N ARG B 23 -9.46 9.90 -4.11
CA ARG B 23 -10.10 11.10 -4.57
C ARG B 23 -9.51 12.31 -3.86
N THR B 24 -8.39 12.10 -3.19
CA THR B 24 -7.75 13.16 -2.47
C THR B 24 -6.57 13.72 -3.29
N LYS B 25 -6.22 14.94 -3.02
CA LYS B 25 -5.10 15.59 -3.66
C LYS B 25 -3.95 15.70 -2.70
N LYS B 26 -4.21 15.40 -1.43
CA LYS B 26 -3.20 15.53 -0.40
C LYS B 26 -2.14 14.46 -0.55
N SER B 27 -0.94 14.92 -0.87
CA SER B 27 0.20 14.07 -1.13
C SER B 27 0.66 13.34 0.13
N TRP B 28 0.23 13.82 1.26
CA TRP B 28 0.60 13.24 2.54
C TRP B 28 -0.37 12.13 2.97
N LEU B 29 -1.36 11.88 2.13
CA LEU B 29 -2.33 10.82 2.37
C LEU B 29 -2.06 9.66 1.42
N ILE B 30 -1.35 9.95 0.35
CA ILE B 30 -1.05 8.98 -0.68
C ILE B 30 0.33 8.33 -0.42
N PRO B 31 0.43 6.99 -0.57
CA PRO B 31 1.70 6.28 -0.42
C PRO B 31 2.70 6.65 -1.51
N SER B 32 3.94 6.75 -1.15
CA SER B 32 4.99 7.09 -2.07
C SER B 32 5.70 5.84 -2.60
N ARG B 33 5.64 4.77 -1.83
CA ARG B 33 6.30 3.53 -2.21
C ARG B 33 5.48 2.37 -1.69
N VAL B 34 5.26 1.36 -2.50
CA VAL B 34 4.56 0.16 -2.05
C VAL B 34 5.24 -1.06 -2.64
N TYR B 35 5.62 -1.98 -1.78
CA TYR B 35 6.15 -3.26 -2.22
C TYR B 35 6.08 -4.26 -1.10
N ASP B 36 5.83 -5.48 -1.44
CA ASP B 36 5.78 -6.55 -0.45
C ASP B 36 6.73 -7.62 -0.80
N ASP B 37 6.92 -8.48 0.14
CA ASP B 37 7.65 -9.68 -0.07
C ASP B 37 6.90 -10.76 0.64
N GLY B 38 6.32 -11.63 -0.15
CA GLY B 38 5.55 -12.74 0.33
C GLY B 38 4.23 -12.33 0.99
N LYS B 39 4.34 -11.65 2.11
CA LYS B 39 3.24 -11.32 2.96
C LYS B 39 3.38 -9.91 3.49
N PHE B 40 4.56 -9.56 3.91
CA PHE B 40 4.77 -8.28 4.53
C PHE B 40 4.80 -7.21 3.47
N THR B 41 3.86 -6.33 3.54
CA THR B 41 3.72 -5.29 2.58
C THR B 41 4.25 -4.01 3.18
N TYR B 42 5.21 -3.42 2.54
CA TYR B 42 5.85 -2.22 3.01
C TYR B 42 5.29 -1.03 2.27
N ILE B 43 4.56 -0.22 2.97
CA ILE B 43 3.92 0.94 2.38
C ILE B 43 4.52 2.20 2.96
N ASN B 44 5.32 2.87 2.18
CA ASN B 44 5.92 4.11 2.62
C ASN B 44 4.98 5.22 2.35
N MET B 45 4.57 5.88 3.40
CA MET B 45 3.61 6.94 3.28
C MET B 45 4.12 8.15 4.04
N ASP B 46 3.39 9.24 4.01
CA ASP B 46 3.85 10.47 4.64
C ASP B 46 3.33 10.50 6.08
N LEU B 47 3.57 9.40 6.80
CA LEU B 47 3.07 9.19 8.17
C LEU B 47 3.67 10.15 9.17
N THR B 48 4.70 10.85 8.75
CA THR B 48 5.37 11.84 9.58
C THR B 48 4.40 12.97 10.01
N ARG B 49 3.28 13.11 9.29
CA ARG B 49 2.27 14.14 9.58
C ARG B 49 1.41 13.72 10.75
N PHE B 50 1.62 12.51 11.18
CA PHE B 50 0.86 11.91 12.26
C PHE B 50 1.75 11.64 13.46
N PRO B 51 1.81 12.62 14.39
CA PRO B 51 2.63 12.53 15.57
C PRO B 51 1.89 11.88 16.73
N THR B 52 2.60 11.66 17.83
CA THR B 52 2.07 11.10 19.08
C THR B 52 1.71 9.59 18.91
N GLY B 53 2.02 9.05 17.76
CA GLY B 53 1.65 7.70 17.45
C GLY B 53 0.25 7.65 16.89
N ASN B 54 -0.25 8.79 16.44
CA ASN B 54 -1.60 8.92 15.89
C ASN B 54 -1.56 8.54 14.41
N PHE B 55 -1.11 7.34 14.17
CA PHE B 55 -0.97 6.82 12.84
C PHE B 55 -2.32 6.48 12.24
N PRO B 56 -2.43 6.52 10.89
CA PRO B 56 -3.67 6.21 10.19
C PRO B 56 -4.06 4.73 10.31
N ALA B 57 -5.26 4.45 9.91
CA ALA B 57 -5.77 3.12 10.00
C ALA B 57 -5.69 2.45 8.65
N VAL B 58 -4.93 1.42 8.57
CA VAL B 58 -4.80 0.68 7.34
C VAL B 58 -5.58 -0.63 7.46
N PHE B 59 -6.26 -0.94 6.41
CA PHE B 59 -7.08 -2.08 6.32
C PHE B 59 -6.76 -2.83 5.05
N ALA B 60 -7.21 -4.02 4.97
CA ALA B 60 -7.05 -4.86 3.84
C ALA B 60 -8.40 -5.23 3.30
N ARG B 61 -8.49 -5.47 2.03
CA ARG B 61 -9.74 -5.90 1.42
C ARG B 61 -9.48 -7.09 0.49
N GLU B 62 -10.43 -8.02 0.46
CA GLU B 62 -10.27 -9.20 -0.39
C GLU B 62 -10.94 -9.02 -1.75
N LYS B 63 -11.66 -7.94 -1.87
CA LYS B 63 -12.22 -7.50 -3.12
C LYS B 63 -12.32 -6.01 -3.00
N GLU B 64 -12.64 -5.32 -4.06
CA GLU B 64 -12.62 -3.86 -4.03
C GLU B 64 -13.70 -3.30 -3.09
N HIS B 65 -14.80 -4.02 -2.98
CA HIS B 65 -15.90 -3.62 -2.11
C HIS B 65 -16.05 -4.55 -0.92
N ALA B 66 -14.96 -5.23 -0.54
CA ALA B 66 -14.95 -6.06 0.66
C ALA B 66 -14.99 -5.18 1.86
N GLU B 67 -15.14 -5.78 3.01
CA GLU B 67 -15.09 -5.03 4.21
C GLU B 67 -13.64 -4.70 4.52
N ASP B 68 -13.44 -3.65 5.22
CA ASP B 68 -12.13 -3.21 5.59
C ASP B 68 -11.65 -4.09 6.73
N PHE B 69 -10.65 -4.88 6.48
CA PHE B 69 -10.07 -5.75 7.47
C PHE B 69 -8.98 -5.05 8.18
N LEU B 70 -9.10 -4.98 9.48
CA LEU B 70 -8.17 -4.25 10.34
C LEU B 70 -6.74 -4.78 10.25
N VAL B 71 -6.64 -6.08 9.92
CA VAL B 71 -5.41 -6.88 9.80
C VAL B 71 -4.28 -6.55 10.82
N ASN B 72 -3.11 -7.04 10.55
CA ASN B 72 -1.99 -6.80 11.40
C ASN B 72 -1.03 -5.91 10.68
N THR B 73 -0.66 -4.82 11.28
CA THR B 73 0.24 -3.89 10.66
C THR B 73 1.20 -3.35 11.69
N THR B 74 2.44 -3.27 11.32
CA THR B 74 3.44 -2.71 12.16
C THR B 74 3.86 -1.40 11.50
N VAL B 75 4.11 -0.39 12.28
CA VAL B 75 4.40 0.93 11.74
C VAL B 75 5.81 1.33 12.06
N GLU B 76 6.66 1.24 11.10
CA GLU B 76 8.02 1.56 11.31
C GLU B 76 8.35 2.84 10.62
N GLY B 77 8.32 3.89 11.39
CA GLY B 77 8.63 5.20 10.94
C GLY B 77 7.53 5.77 10.08
N ASN B 78 7.70 5.65 8.81
CA ASN B 78 6.75 6.14 7.85
C ASN B 78 6.30 5.00 6.96
N THR B 79 6.58 3.78 7.38
CA THR B 79 6.27 2.62 6.60
C THR B 79 5.22 1.76 7.33
N LEU B 80 4.17 1.41 6.64
CA LEU B 80 3.17 0.53 7.18
C LEU B 80 3.47 -0.85 6.68
N ILE B 81 3.86 -1.71 7.56
CA ILE B 81 4.15 -3.07 7.22
C ILE B 81 2.93 -3.89 7.50
N VAL B 82 2.18 -4.16 6.48
CA VAL B 82 0.97 -4.94 6.59
C VAL B 82 1.34 -6.41 6.52
N HIS B 83 1.05 -7.11 7.56
CA HIS B 83 1.38 -8.48 7.60
C HIS B 83 0.30 -9.25 6.91
N GLY B 84 0.60 -9.61 5.70
CA GLY B 84 -0.29 -10.39 4.89
C GLY B 84 -0.62 -9.68 3.61
N THR B 85 -0.47 -10.36 2.51
CA THR B 85 -0.71 -9.79 1.21
C THR B 85 -2.15 -10.06 0.77
N TYR B 86 -2.81 -9.01 0.33
CA TYR B 86 -4.18 -9.08 -0.11
C TYR B 86 -4.28 -8.41 -1.47
N PRO B 87 -5.29 -8.78 -2.29
CA PRO B 87 -5.47 -8.18 -3.62
C PRO B 87 -5.74 -6.67 -3.57
N PHE B 88 -6.34 -6.22 -2.48
CA PHE B 88 -6.66 -4.82 -2.30
C PHE B 88 -6.37 -4.40 -0.88
N LEU B 89 -5.87 -3.23 -0.72
CA LEU B 89 -5.62 -2.66 0.59
C LEU B 89 -6.27 -1.32 0.64
N VAL B 90 -6.56 -0.83 1.82
CA VAL B 90 -7.21 0.46 1.97
C VAL B 90 -6.60 1.17 3.15
N VAL B 91 -6.07 2.30 2.91
CA VAL B 91 -5.51 3.10 3.98
C VAL B 91 -6.45 4.25 4.23
N ARG B 92 -6.72 4.53 5.46
CA ARG B 92 -7.68 5.51 5.82
C ARG B 92 -7.04 6.57 6.67
N HIS B 93 -7.09 7.75 6.19
CA HIS B 93 -6.58 8.88 6.88
C HIS B 93 -7.75 9.82 7.10
N GLY B 94 -8.28 9.78 8.30
CA GLY B 94 -9.41 10.62 8.62
C GLY B 94 -10.67 10.20 7.87
N ASP B 95 -11.08 11.03 6.93
CA ASP B 95 -12.28 10.74 6.14
C ASP B 95 -11.87 10.33 4.72
N ASN B 96 -10.58 10.46 4.42
CA ASN B 96 -10.09 10.16 3.08
C ASN B 96 -9.38 8.84 3.07
N VAL B 97 -9.54 8.11 2.00
CA VAL B 97 -9.01 6.77 1.90
C VAL B 97 -8.27 6.59 0.59
N VAL B 98 -7.28 5.75 0.63
CA VAL B 98 -6.53 5.40 -0.54
C VAL B 98 -6.58 3.89 -0.69
N GLY B 99 -6.94 3.44 -1.85
CA GLY B 99 -7.04 2.04 -2.09
C GLY B 99 -5.91 1.58 -2.93
N LEU B 100 -5.41 0.45 -2.62
CA LEU B 100 -4.28 -0.10 -3.31
C LEU B 100 -4.66 -1.39 -3.96
N ARG B 101 -4.30 -1.52 -5.19
CA ARG B 101 -4.59 -2.70 -5.97
C ARG B 101 -3.32 -3.45 -6.25
N ARG B 102 -3.30 -4.70 -5.90
CA ARG B 102 -2.18 -5.54 -6.20
C ARG B 102 -2.35 -6.11 -7.58
N ASN B 103 -1.38 -5.88 -8.42
CA ASN B 103 -1.42 -6.39 -9.80
C ASN B 103 -1.14 -7.88 -9.85
N LYS B 104 -1.40 -8.52 -10.98
CA LYS B 104 -1.12 -9.94 -11.10
C LYS B 104 0.36 -10.14 -11.37
N GLN B 105 0.97 -11.04 -10.63
CA GLN B 105 2.39 -11.22 -10.75
C GLN B 105 2.81 -12.14 -11.87
N LYS B 106 3.20 -11.48 -12.94
CA LYS B 106 3.77 -12.01 -14.15
C LYS B 106 3.63 -10.92 -15.17
N THR A 2 -21.38 18.34 4.29
CA THR A 2 -20.18 18.90 4.88
C THR A 2 -19.10 17.82 5.09
N LYS A 3 -19.53 16.64 5.46
CA LYS A 3 -18.62 15.55 5.67
C LYS A 3 -18.90 14.44 4.69
N PRO A 4 -18.17 14.41 3.59
CA PRO A 4 -18.22 13.35 2.65
C PRO A 4 -17.00 12.45 2.86
N ALA A 5 -16.54 11.83 1.81
CA ALA A 5 -15.35 11.04 1.88
C ALA A 5 -14.68 11.08 0.54
N PRO A 6 -13.42 11.53 0.46
CA PRO A 6 -12.61 11.36 -0.76
C PRO A 6 -12.44 9.88 -1.02
N ASP A 7 -13.33 9.37 -1.84
CA ASP A 7 -13.47 7.96 -2.16
C ASP A 7 -12.22 7.42 -2.80
N PHE A 8 -11.99 6.14 -2.65
CA PHE A 8 -10.93 5.53 -3.37
C PHE A 8 -11.43 5.20 -4.75
N GLY A 9 -10.72 5.67 -5.72
CA GLY A 9 -11.10 5.48 -7.08
C GLY A 9 -10.81 6.73 -7.85
N GLY A 10 -11.45 6.91 -8.96
CA GLY A 10 -11.28 8.11 -9.74
C GLY A 10 -10.10 8.02 -10.64
N ARG A 11 -8.92 7.99 -10.07
CA ARG A 11 -7.70 7.96 -10.79
C ARG A 11 -6.81 6.84 -10.30
N TRP A 12 -6.88 5.72 -10.97
CA TRP A 12 -5.96 4.62 -10.74
C TRP A 12 -4.60 4.99 -11.30
N LYS A 13 -3.69 5.25 -10.43
CA LYS A 13 -2.39 5.68 -10.78
C LYS A 13 -1.39 4.73 -10.14
N HIS A 14 -0.21 4.64 -10.68
CA HIS A 14 0.76 3.65 -10.21
C HIS A 14 1.52 4.16 -9.01
N VAL A 15 1.69 3.31 -8.01
CA VAL A 15 2.49 3.64 -6.84
C VAL A 15 3.68 2.66 -6.80
N ASN A 16 3.90 2.06 -7.94
CA ASN A 16 4.97 1.11 -8.18
C ASN A 16 6.32 1.80 -7.97
N HIS A 17 7.25 1.10 -7.33
CA HIS A 17 8.62 1.56 -7.07
C HIS A 17 9.39 1.94 -8.34
N PHE A 18 8.94 1.46 -9.47
CA PHE A 18 9.58 1.76 -10.73
C PHE A 18 9.38 3.22 -11.13
N ASP A 19 10.18 4.04 -10.55
CA ASP A 19 10.30 5.41 -10.87
C ASP A 19 11.62 5.53 -11.56
N GLU A 20 11.58 5.43 -12.88
CA GLU A 20 12.79 5.35 -13.70
C GLU A 20 13.71 6.54 -13.50
N ALA A 21 13.11 7.68 -13.16
CA ALA A 21 13.81 8.93 -12.95
C ALA A 21 14.34 9.49 -14.25
N PRO A 22 13.65 10.50 -14.80
CA PRO A 22 14.12 11.18 -15.99
C PRO A 22 15.48 11.82 -15.74
N THR A 23 16.49 11.14 -16.18
CA THR A 23 17.86 11.55 -16.06
C THR A 23 18.63 10.82 -17.16
N GLU A 24 19.43 11.53 -17.89
CA GLU A 24 20.19 10.94 -18.95
C GLU A 24 21.64 10.84 -18.53
N GLY B 1 24.43 -31.38 -17.80
CA GLY B 1 23.27 -30.94 -18.56
C GLY B 1 22.34 -32.10 -18.85
N SER B 2 21.72 -32.63 -17.82
CA SER B 2 20.80 -33.73 -17.97
C SER B 2 19.75 -33.65 -16.86
N HIS B 3 20.19 -33.59 -15.63
CA HIS B 3 19.32 -33.51 -14.52
C HIS B 3 19.44 -32.13 -13.91
N MET B 4 18.32 -31.48 -13.76
CA MET B 4 18.20 -30.13 -13.22
C MET B 4 18.75 -29.08 -14.16
N ASN B 5 18.00 -28.84 -15.20
CA ASN B 5 18.31 -27.77 -16.12
C ASN B 5 17.30 -26.65 -15.89
N ALA B 6 16.66 -26.77 -14.75
CA ALA B 6 15.69 -25.81 -14.32
C ALA B 6 16.44 -24.66 -13.69
N LYS B 7 16.72 -23.68 -14.49
CA LYS B 7 17.51 -22.56 -14.10
C LYS B 7 16.66 -21.54 -13.41
N ILE B 8 16.98 -21.29 -12.18
CA ILE B 8 16.27 -20.31 -11.38
C ILE B 8 16.68 -18.93 -11.84
N LEU B 9 15.75 -18.05 -11.97
CA LEU B 9 16.02 -16.72 -12.41
C LEU B 9 15.93 -15.76 -11.27
N LYS B 10 16.50 -14.62 -11.45
CA LYS B 10 16.50 -13.61 -10.43
C LYS B 10 15.23 -12.80 -10.46
N ASP B 11 14.19 -13.39 -9.97
CA ASP B 11 12.94 -12.72 -9.83
C ASP B 11 12.86 -12.24 -8.42
N ARG B 12 12.82 -10.96 -8.26
CA ARG B 12 12.84 -10.34 -6.94
C ARG B 12 11.59 -10.70 -6.16
N ARG B 13 11.75 -10.92 -4.87
CA ARG B 13 10.61 -11.34 -4.05
C ARG B 13 9.78 -10.15 -3.61
N TYR B 14 10.29 -9.02 -3.91
CA TYR B 14 9.61 -7.79 -3.66
C TYR B 14 8.67 -7.54 -4.80
N TYR B 15 7.42 -7.45 -4.50
CA TYR B 15 6.45 -7.22 -5.50
C TYR B 15 6.14 -5.75 -5.49
N TYR B 16 6.45 -5.10 -6.58
CA TYR B 16 6.37 -3.66 -6.64
C TYR B 16 5.14 -3.19 -7.38
N ASP B 17 4.47 -4.08 -8.09
CA ASP B 17 3.33 -3.63 -8.87
C ASP B 17 2.10 -3.47 -7.99
N TYR B 18 1.73 -2.23 -7.81
CA TYR B 18 0.63 -1.79 -6.98
C TYR B 18 0.10 -0.52 -7.57
N ASP B 19 -1.18 -0.31 -7.47
CA ASP B 19 -1.76 0.90 -7.98
C ASP B 19 -2.57 1.50 -6.88
N TYR B 20 -2.79 2.78 -6.94
CA TYR B 20 -3.58 3.45 -5.95
C TYR B 20 -4.60 4.32 -6.61
N ALA B 21 -5.69 4.49 -5.97
CA ALA B 21 -6.72 5.36 -6.42
C ALA B 21 -7.28 6.09 -5.24
N THR B 22 -7.49 7.37 -5.40
CA THR B 22 -8.04 8.18 -4.37
C THR B 22 -8.47 9.50 -4.98
N ARG B 23 -9.23 10.24 -4.23
CA ARG B 23 -9.72 11.53 -4.65
C ARG B 23 -9.05 12.61 -3.85
N THR B 24 -8.15 12.23 -2.98
CA THR B 24 -7.43 13.19 -2.21
C THR B 24 -6.26 13.74 -3.03
N LYS B 25 -6.00 14.99 -2.87
CA LYS B 25 -4.99 15.67 -3.63
C LYS B 25 -3.77 15.95 -2.76
N LYS B 26 -3.75 15.36 -1.59
CA LYS B 26 -2.68 15.57 -0.65
C LYS B 26 -1.64 14.46 -0.80
N SER B 27 -0.45 14.83 -1.16
CA SER B 27 0.63 13.87 -1.38
C SER B 27 1.12 13.24 -0.07
N TRP B 28 0.70 13.79 1.04
CA TRP B 28 1.05 13.27 2.36
C TRP B 28 0.02 12.27 2.86
N LEU B 29 -0.92 12.00 2.01
CA LEU B 29 -1.97 11.03 2.26
C LEU B 29 -1.86 9.90 1.26
N ILE B 30 -1.19 10.20 0.18
CA ILE B 30 -0.96 9.27 -0.87
C ILE B 30 0.38 8.57 -0.66
N PRO B 31 0.39 7.23 -0.73
CA PRO B 31 1.61 6.46 -0.63
C PRO B 31 2.61 6.82 -1.73
N SER B 32 3.84 6.90 -1.36
CA SER B 32 4.87 7.26 -2.29
C SER B 32 5.62 6.02 -2.78
N ARG B 33 5.50 4.91 -2.05
CA ARG B 33 6.13 3.67 -2.43
C ARG B 33 5.36 2.54 -1.80
N VAL B 34 5.03 1.51 -2.56
CA VAL B 34 4.34 0.36 -2.00
C VAL B 34 4.91 -0.90 -2.62
N TYR B 35 5.29 -1.84 -1.80
CA TYR B 35 5.83 -3.10 -2.25
C TYR B 35 5.71 -4.12 -1.15
N ASP B 36 5.59 -5.35 -1.49
CA ASP B 36 5.59 -6.40 -0.48
C ASP B 36 6.71 -7.32 -0.70
N ASP B 37 7.01 -8.06 0.31
CA ASP B 37 7.99 -9.10 0.22
C ASP B 37 7.45 -10.29 0.96
N GLY B 38 7.13 -11.32 0.21
CA GLY B 38 6.63 -12.56 0.77
C GLY B 38 5.19 -12.45 1.24
N LYS B 39 5.00 -11.65 2.27
CA LYS B 39 3.75 -11.48 2.98
C LYS B 39 3.64 -10.08 3.50
N PHE B 40 4.72 -9.53 3.87
CA PHE B 40 4.72 -8.24 4.48
C PHE B 40 4.71 -7.16 3.43
N THR B 41 3.69 -6.36 3.46
CA THR B 41 3.54 -5.29 2.52
C THR B 41 4.01 -4.01 3.16
N TYR B 42 4.98 -3.39 2.58
CA TYR B 42 5.57 -2.18 3.06
C TYR B 42 5.00 -1.01 2.28
N ILE B 43 4.32 -0.15 2.97
CA ILE B 43 3.70 1.00 2.35
C ILE B 43 4.35 2.27 2.88
N ASN B 44 5.14 2.92 2.06
CA ASN B 44 5.79 4.16 2.44
C ASN B 44 4.86 5.28 2.18
N MET B 45 4.43 5.91 3.24
CA MET B 45 3.52 7.03 3.16
C MET B 45 4.05 8.12 4.05
N ASP B 46 3.39 9.25 4.10
CA ASP B 46 3.91 10.36 4.87
C ASP B 46 3.34 10.28 6.28
N LEU B 47 3.74 9.25 6.98
CA LEU B 47 3.24 8.99 8.31
C LEU B 47 3.83 9.96 9.31
N THR B 48 4.81 10.68 8.88
CA THR B 48 5.47 11.67 9.67
C THR B 48 4.58 12.87 9.99
N ARG B 49 3.40 12.93 9.38
CA ARG B 49 2.41 14.00 9.66
C ARG B 49 1.61 13.62 10.88
N PHE B 50 1.76 12.39 11.26
CA PHE B 50 1.05 11.82 12.37
C PHE B 50 2.00 11.49 13.52
N PRO B 51 2.08 12.37 14.50
CA PRO B 51 2.94 12.19 15.65
C PRO B 51 2.21 11.49 16.80
N THR B 52 2.94 11.18 17.86
CA THR B 52 2.40 10.58 19.09
C THR B 52 1.83 9.16 18.81
N GLY B 53 2.26 8.55 17.72
CA GLY B 53 1.77 7.24 17.38
C GLY B 53 0.35 7.28 16.82
N ASN B 54 -0.09 8.46 16.44
CA ASN B 54 -1.44 8.65 15.91
C ASN B 54 -1.46 8.39 14.43
N PHE B 55 -0.90 7.27 14.06
CA PHE B 55 -0.80 6.86 12.68
C PHE B 55 -2.18 6.51 12.10
N PRO B 56 -2.33 6.60 10.77
CA PRO B 56 -3.59 6.30 10.10
C PRO B 56 -3.96 4.82 10.18
N ALA B 57 -5.16 4.52 9.80
CA ALA B 57 -5.67 3.19 9.85
C ALA B 57 -5.59 2.56 8.48
N VAL B 58 -5.10 1.36 8.44
CA VAL B 58 -5.03 0.62 7.22
C VAL B 58 -5.89 -0.62 7.36
N PHE B 59 -6.52 -0.97 6.29
CA PHE B 59 -7.38 -2.10 6.22
C PHE B 59 -7.00 -2.90 4.99
N ALA B 60 -7.34 -4.12 5.02
CA ALA B 60 -7.07 -5.01 3.95
C ALA B 60 -8.36 -5.52 3.38
N ARG B 61 -8.35 -5.82 2.12
CA ARG B 61 -9.50 -6.43 1.46
C ARG B 61 -9.13 -7.63 0.60
N GLU B 62 -10.00 -8.62 0.58
CA GLU B 62 -9.82 -9.79 -0.25
C GLU B 62 -10.38 -9.53 -1.65
N LYS B 63 -11.24 -8.53 -1.74
CA LYS B 63 -11.81 -8.02 -2.97
C LYS B 63 -12.12 -6.56 -2.76
N GLU B 64 -12.38 -5.85 -3.83
CA GLU B 64 -12.67 -4.44 -3.76
C GLU B 64 -14.07 -4.25 -3.18
N HIS B 65 -14.89 -5.26 -3.38
CA HIS B 65 -16.24 -5.28 -2.87
C HIS B 65 -16.35 -6.14 -1.63
N ALA B 66 -15.22 -6.49 -1.04
CA ALA B 66 -15.24 -7.23 0.19
C ALA B 66 -15.18 -6.21 1.28
N GLU B 67 -15.28 -6.62 2.51
CA GLU B 67 -15.23 -5.65 3.55
C GLU B 67 -13.81 -5.39 3.98
N ASP B 68 -13.60 -4.29 4.64
CA ASP B 68 -12.31 -3.85 5.06
C ASP B 68 -11.95 -4.43 6.39
N PHE B 69 -10.85 -5.10 6.42
CA PHE B 69 -10.39 -5.78 7.60
C PHE B 69 -9.27 -5.00 8.20
N LEU B 70 -9.36 -4.77 9.48
CA LEU B 70 -8.40 -3.98 10.25
C LEU B 70 -6.97 -4.57 10.21
N VAL B 71 -6.90 -5.88 10.00
CA VAL B 71 -5.67 -6.72 9.93
C VAL B 71 -4.55 -6.40 10.94
N ASN B 72 -3.42 -7.03 10.72
CA ASN B 72 -2.23 -6.80 11.52
C ASN B 72 -1.26 -5.97 10.73
N THR B 73 -0.89 -4.85 11.26
CA THR B 73 0.03 -3.99 10.60
C THR B 73 0.97 -3.36 11.63
N THR B 74 2.22 -3.34 11.32
CA THR B 74 3.22 -2.74 12.16
C THR B 74 3.73 -1.50 11.45
N VAL B 75 4.02 -0.48 12.17
CA VAL B 75 4.46 0.74 11.59
C VAL B 75 5.91 1.04 11.91
N GLU B 76 6.69 1.13 10.88
CA GLU B 76 8.08 1.47 10.99
C GLU B 76 8.31 2.84 10.42
N GLY B 77 8.09 3.82 11.25
CA GLY B 77 8.28 5.20 10.90
C GLY B 77 7.30 5.68 9.86
N ASN B 78 7.70 5.59 8.61
CA ASN B 78 6.86 6.06 7.51
C ASN B 78 6.35 4.89 6.68
N THR B 79 6.55 3.69 7.18
CA THR B 79 6.21 2.53 6.42
C THR B 79 5.24 1.65 7.21
N LEU B 80 4.09 1.34 6.62
CA LEU B 80 3.18 0.40 7.23
C LEU B 80 3.46 -0.97 6.69
N ILE B 81 3.67 -1.90 7.56
CA ILE B 81 3.94 -3.28 7.21
C ILE B 81 2.68 -4.09 7.47
N VAL B 82 1.97 -4.39 6.41
CA VAL B 82 0.75 -5.18 6.50
C VAL B 82 1.11 -6.67 6.45
N HIS B 83 0.75 -7.37 7.48
CA HIS B 83 1.12 -8.74 7.59
C HIS B 83 0.22 -9.66 6.81
N GLY B 84 0.71 -10.08 5.67
CA GLY B 84 0.06 -11.18 4.96
C GLY B 84 -0.64 -10.83 3.67
N THR B 85 0.11 -10.23 2.79
CA THR B 85 -0.24 -9.83 1.38
C THR B 85 -1.71 -10.02 0.95
N TYR B 86 -2.37 -8.93 0.68
CA TYR B 86 -3.76 -8.96 0.30
C TYR B 86 -3.86 -8.36 -1.08
N PRO B 87 -4.82 -8.82 -1.90
CA PRO B 87 -5.00 -8.32 -3.26
C PRO B 87 -5.45 -6.85 -3.29
N PHE B 88 -6.06 -6.39 -2.22
CA PHE B 88 -6.54 -5.03 -2.15
C PHE B 88 -6.31 -4.50 -0.75
N LEU B 89 -5.93 -3.27 -0.65
CA LEU B 89 -5.71 -2.62 0.62
C LEU B 89 -6.41 -1.28 0.60
N VAL B 90 -6.82 -0.85 1.74
CA VAL B 90 -7.52 0.42 1.88
C VAL B 90 -6.91 1.17 3.03
N VAL B 91 -6.50 2.36 2.79
CA VAL B 91 -5.90 3.17 3.83
C VAL B 91 -6.83 4.34 4.13
N ARG B 92 -6.90 4.76 5.37
CA ARG B 92 -7.77 5.82 5.77
C ARG B 92 -7.01 6.84 6.59
N HIS B 93 -6.95 8.03 6.06
CA HIS B 93 -6.31 9.15 6.71
C HIS B 93 -7.35 10.21 6.98
N GLY B 94 -7.80 10.26 8.21
CA GLY B 94 -8.78 11.24 8.61
C GLY B 94 -10.11 11.07 7.89
N ASP B 95 -10.35 11.93 6.94
CA ASP B 95 -11.60 11.92 6.17
C ASP B 95 -11.39 11.23 4.82
N ASN B 96 -10.13 10.98 4.50
CA ASN B 96 -9.72 10.56 3.16
C ASN B 96 -9.40 9.10 3.17
N VAL B 97 -9.67 8.43 2.09
CA VAL B 97 -9.30 7.05 1.97
C VAL B 97 -8.56 6.82 0.66
N VAL B 98 -7.63 5.91 0.67
CA VAL B 98 -6.86 5.58 -0.52
C VAL B 98 -7.00 4.09 -0.76
N GLY B 99 -7.26 3.73 -1.99
CA GLY B 99 -7.43 2.36 -2.33
C GLY B 99 -6.24 1.87 -3.08
N LEU B 100 -5.64 0.85 -2.57
CA LEU B 100 -4.47 0.26 -3.16
C LEU B 100 -4.79 -1.11 -3.67
N ARG B 101 -4.28 -1.45 -4.80
CA ARG B 101 -4.49 -2.77 -5.32
C ARG B 101 -3.16 -3.41 -5.57
N ARG B 102 -3.08 -4.65 -5.25
CA ARG B 102 -1.90 -5.41 -5.50
C ARG B 102 -2.14 -6.06 -6.81
N ASN B 103 -1.23 -5.94 -7.70
CA ASN B 103 -1.40 -6.58 -8.97
C ASN B 103 -1.22 -8.07 -8.82
N LYS B 104 -2.12 -8.80 -9.41
CA LYS B 104 -2.13 -10.24 -9.30
C LYS B 104 -1.01 -10.89 -10.07
N GLN B 105 -0.77 -12.15 -9.77
CA GLN B 105 0.22 -12.94 -10.47
C GLN B 105 -0.23 -13.10 -11.91
N LYS B 106 0.33 -12.30 -12.76
CA LYS B 106 -0.03 -12.18 -14.15
C LYS B 106 0.17 -13.50 -14.90
N THR A 2 -26.52 14.56 2.13
CA THR A 2 -25.13 14.23 2.36
C THR A 2 -24.99 12.70 2.41
N LYS A 3 -23.86 12.18 2.01
CA LYS A 3 -23.63 10.76 2.01
C LYS A 3 -22.18 10.51 2.43
N PRO A 4 -21.94 10.29 3.72
CA PRO A 4 -20.60 10.07 4.21
C PRO A 4 -20.14 8.63 4.00
N ALA A 5 -19.45 8.42 2.92
CA ALA A 5 -18.99 7.11 2.58
C ALA A 5 -17.62 7.19 1.95
N PRO A 6 -16.56 7.05 2.74
CA PRO A 6 -15.21 7.09 2.22
C PRO A 6 -14.83 5.78 1.54
N ASP A 7 -14.41 5.88 0.30
CA ASP A 7 -13.95 4.75 -0.47
C ASP A 7 -12.88 5.23 -1.42
N PHE A 8 -12.24 4.34 -2.12
CA PHE A 8 -11.17 4.70 -3.06
C PHE A 8 -11.68 5.57 -4.19
N GLY A 9 -10.80 6.36 -4.75
CA GLY A 9 -11.20 7.28 -5.78
C GLY A 9 -11.08 6.68 -7.14
N GLY A 10 -10.98 7.53 -8.12
CA GLY A 10 -10.83 7.10 -9.47
C GLY A 10 -9.70 7.82 -10.07
N ARG A 11 -8.57 7.64 -9.44
CA ARG A 11 -7.32 8.25 -9.84
C ARG A 11 -6.26 7.19 -9.84
N TRP A 12 -6.64 5.99 -10.31
CA TRP A 12 -5.75 4.84 -10.40
C TRP A 12 -4.44 5.18 -11.06
N LYS A 13 -3.45 5.37 -10.26
CA LYS A 13 -2.14 5.70 -10.70
C LYS A 13 -1.21 4.57 -10.36
N HIS A 14 -0.31 4.27 -11.24
CA HIS A 14 0.60 3.15 -11.06
C HIS A 14 1.68 3.49 -10.05
N VAL A 15 1.73 2.73 -8.96
CA VAL A 15 2.74 2.91 -7.96
C VAL A 15 3.63 1.66 -7.87
N ASN A 16 4.74 1.71 -8.54
CA ASN A 16 5.64 0.57 -8.60
C ASN A 16 7.09 1.01 -8.57
N HIS A 17 7.86 0.37 -7.66
CA HIS A 17 9.31 0.59 -7.48
C HIS A 17 9.66 2.09 -7.53
N PHE A 18 9.13 2.80 -6.60
CA PHE A 18 9.32 4.22 -6.54
C PHE A 18 10.60 4.53 -5.79
N ASP A 19 11.67 4.65 -6.53
CA ASP A 19 12.98 4.96 -5.95
C ASP A 19 13.14 6.45 -5.81
N GLU A 20 12.34 7.15 -6.59
CA GLU A 20 12.34 8.60 -6.72
C GLU A 20 12.27 9.31 -5.37
N ALA A 21 13.42 9.63 -4.84
CA ALA A 21 13.50 10.34 -3.62
C ALA A 21 13.66 11.80 -3.94
N PRO A 22 12.66 12.64 -3.60
CA PRO A 22 12.71 14.05 -3.88
C PRO A 22 13.77 14.76 -3.06
N THR A 23 14.96 14.77 -3.59
CA THR A 23 16.06 15.40 -2.94
C THR A 23 15.97 16.91 -3.19
N GLU A 24 15.41 17.24 -4.36
CA GLU A 24 15.06 18.60 -4.76
C GLU A 24 16.29 19.50 -4.84
N GLY B 1 14.16 9.07 -12.35
CA GLY B 1 15.56 9.06 -11.96
C GLY B 1 16.44 8.90 -13.16
N SER B 2 16.28 9.80 -14.12
CA SER B 2 17.00 9.81 -15.38
C SER B 2 16.62 8.61 -16.29
N HIS B 3 16.89 8.75 -17.59
CA HIS B 3 16.59 7.77 -18.63
C HIS B 3 15.09 7.74 -18.97
N MET B 4 14.79 7.92 -20.24
CA MET B 4 13.42 7.86 -20.73
C MET B 4 12.95 6.42 -20.68
N ASN B 5 11.91 6.20 -19.91
CA ASN B 5 11.36 4.87 -19.62
C ASN B 5 12.27 4.15 -18.70
N ALA B 6 12.12 4.46 -17.44
CA ALA B 6 12.92 3.92 -16.37
C ALA B 6 12.78 2.41 -16.28
N LYS B 7 13.88 1.76 -16.00
CA LYS B 7 13.88 0.32 -15.87
C LYS B 7 13.42 -0.05 -14.47
N ILE B 8 12.31 -0.71 -14.41
CA ILE B 8 11.74 -1.13 -13.15
C ILE B 8 11.95 -2.63 -12.99
N LEU B 9 12.34 -3.04 -11.83
CA LEU B 9 12.66 -4.42 -11.55
C LEU B 9 12.03 -4.83 -10.24
N LYS B 10 12.26 -6.06 -9.85
CA LYS B 10 11.81 -6.58 -8.59
C LYS B 10 13.05 -7.10 -7.85
N ASP B 11 12.89 -7.50 -6.61
CA ASP B 11 14.01 -8.02 -5.82
C ASP B 11 13.47 -9.12 -4.96
N ARG B 12 14.25 -10.18 -4.74
CA ARG B 12 13.87 -11.34 -3.93
C ARG B 12 12.46 -11.87 -4.19
N ARG B 13 11.54 -11.49 -3.30
CA ARG B 13 10.16 -11.86 -3.40
C ARG B 13 9.33 -10.59 -3.17
N TYR B 14 9.99 -9.47 -3.35
CA TYR B 14 9.39 -8.17 -3.23
C TYR B 14 8.53 -7.89 -4.42
N TYR B 15 7.30 -7.75 -4.14
CA TYR B 15 6.30 -7.52 -5.10
C TYR B 15 6.09 -6.02 -5.15
N TYR B 16 6.44 -5.41 -6.25
CA TYR B 16 6.40 -3.96 -6.38
C TYR B 16 5.24 -3.51 -7.20
N ASP B 17 4.46 -4.43 -7.67
CA ASP B 17 3.42 -4.07 -8.62
C ASP B 17 2.17 -3.69 -7.87
N TYR B 18 1.84 -2.41 -7.93
CA TYR B 18 0.72 -1.83 -7.20
C TYR B 18 0.20 -0.60 -7.93
N ASP B 19 -1.02 -0.23 -7.60
CA ASP B 19 -1.63 1.01 -8.08
C ASP B 19 -2.37 1.63 -6.92
N TYR B 20 -2.56 2.93 -6.94
CA TYR B 20 -3.35 3.56 -5.86
C TYR B 20 -4.44 4.47 -6.42
N ALA B 21 -5.59 4.50 -5.74
CA ALA B 21 -6.70 5.34 -6.10
C ALA B 21 -7.35 5.99 -4.90
N THR B 22 -7.32 7.27 -4.88
CA THR B 22 -7.97 8.09 -3.92
C THR B 22 -8.44 9.32 -4.64
N ARG B 23 -9.22 10.13 -4.00
CA ARG B 23 -9.66 11.35 -4.61
C ARG B 23 -9.29 12.56 -3.78
N THR B 24 -8.39 12.33 -2.85
CA THR B 24 -7.86 13.40 -2.05
C THR B 24 -6.63 13.97 -2.78
N LYS B 25 -6.27 15.18 -2.46
CA LYS B 25 -5.15 15.85 -3.11
C LYS B 25 -3.99 15.95 -2.14
N LYS B 26 -4.21 15.48 -0.94
CA LYS B 26 -3.21 15.60 0.11
C LYS B 26 -2.18 14.51 -0.04
N SER B 27 -0.96 14.89 -0.32
CA SER B 27 0.13 13.95 -0.56
C SER B 27 0.54 13.24 0.73
N TRP B 28 0.09 13.75 1.84
CA TRP B 28 0.37 13.18 3.15
C TRP B 28 -0.63 12.09 3.52
N LEU B 29 -1.48 11.76 2.56
CA LEU B 29 -2.46 10.71 2.71
C LEU B 29 -2.25 9.67 1.61
N ILE B 30 -1.41 10.01 0.67
CA ILE B 30 -1.11 9.18 -0.46
C ILE B 30 0.22 8.43 -0.27
N PRO B 31 0.26 7.13 -0.62
CA PRO B 31 1.50 6.37 -0.60
C PRO B 31 2.38 6.70 -1.79
N SER B 32 3.65 6.63 -1.60
CA SER B 32 4.57 6.90 -2.66
C SER B 32 5.21 5.62 -3.17
N ARG B 33 5.44 4.68 -2.26
CA ARG B 33 6.12 3.46 -2.62
C ARG B 33 5.39 2.32 -1.96
N VAL B 34 5.10 1.29 -2.68
CA VAL B 34 4.40 0.15 -2.13
C VAL B 34 5.03 -1.11 -2.65
N TYR B 35 5.38 -2.00 -1.75
CA TYR B 35 5.94 -3.28 -2.11
C TYR B 35 5.81 -4.24 -0.95
N ASP B 36 5.54 -5.46 -1.23
CA ASP B 36 5.48 -6.48 -0.20
C ASP B 36 6.51 -7.48 -0.44
N ASP B 37 6.75 -8.28 0.54
CA ASP B 37 7.60 -9.43 0.36
C ASP B 37 6.92 -10.55 1.06
N GLY B 38 6.44 -11.48 0.28
CA GLY B 38 5.75 -12.65 0.79
C GLY B 38 4.37 -12.33 1.40
N LYS B 39 4.39 -11.60 2.49
CA LYS B 39 3.22 -11.32 3.28
C LYS B 39 3.29 -9.91 3.84
N PHE B 40 4.45 -9.48 4.23
CA PHE B 40 4.57 -8.17 4.83
C PHE B 40 4.58 -7.13 3.74
N THR B 41 3.61 -6.29 3.77
CA THR B 41 3.45 -5.27 2.78
C THR B 41 3.97 -3.96 3.34
N TYR B 42 4.97 -3.41 2.72
CA TYR B 42 5.59 -2.18 3.12
C TYR B 42 5.06 -1.03 2.28
N ILE B 43 4.37 -0.14 2.92
CA ILE B 43 3.79 0.99 2.24
C ILE B 43 4.47 2.27 2.74
N ASN B 44 5.28 2.87 1.90
CA ASN B 44 5.93 4.13 2.23
C ASN B 44 4.98 5.25 1.96
N MET B 45 4.62 5.93 2.99
CA MET B 45 3.70 7.03 2.90
C MET B 45 4.28 8.19 3.66
N ASP B 46 3.61 9.30 3.63
CA ASP B 46 4.10 10.51 4.29
C ASP B 46 3.60 10.52 5.74
N LEU B 47 3.84 9.41 6.43
CA LEU B 47 3.34 9.19 7.81
C LEU B 47 4.02 10.10 8.81
N THR B 48 5.07 10.73 8.35
CA THR B 48 5.84 11.68 9.13
C THR B 48 5.01 12.89 9.58
N ARG B 49 3.84 13.06 9.00
CA ARG B 49 2.96 14.17 9.35
C ARG B 49 2.04 13.76 10.48
N PHE B 50 2.11 12.52 10.85
CA PHE B 50 1.31 11.97 11.92
C PHE B 50 2.18 11.56 13.12
N PRO B 51 2.39 12.48 14.07
CA PRO B 51 3.17 12.24 15.26
C PRO B 51 2.27 11.87 16.45
N THR B 52 2.87 11.53 17.59
CA THR B 52 2.15 11.28 18.85
C THR B 52 1.29 9.98 18.76
N GLY B 53 1.58 9.17 17.76
CA GLY B 53 0.86 7.94 17.57
C GLY B 53 -0.38 8.11 16.71
N ASN B 54 -0.49 9.26 16.06
CA ASN B 54 -1.66 9.58 15.20
C ASN B 54 -1.54 8.97 13.82
N PHE B 55 -0.91 7.82 13.75
CA PHE B 55 -0.73 7.10 12.52
C PHE B 55 -2.08 6.63 11.97
N PRO B 56 -2.22 6.55 10.65
CA PRO B 56 -3.48 6.14 10.00
C PRO B 56 -3.79 4.66 10.20
N ALA B 57 -4.98 4.29 9.86
CA ALA B 57 -5.42 2.94 9.97
C ALA B 57 -5.39 2.32 8.60
N VAL B 58 -4.88 1.12 8.51
CA VAL B 58 -4.82 0.45 7.24
C VAL B 58 -5.59 -0.83 7.32
N PHE B 59 -6.28 -1.12 6.27
CA PHE B 59 -7.11 -2.27 6.18
C PHE B 59 -6.76 -3.02 4.91
N ALA B 60 -7.20 -4.23 4.84
CA ALA B 60 -6.96 -5.07 3.71
C ALA B 60 -8.28 -5.49 3.08
N ARG B 61 -8.24 -5.83 1.81
CA ARG B 61 -9.43 -6.33 1.11
C ARG B 61 -9.13 -7.49 0.17
N GLU B 62 -10.07 -8.40 0.10
CA GLU B 62 -10.03 -9.50 -0.84
C GLU B 62 -10.48 -9.02 -2.21
N LYS B 63 -11.40 -8.10 -2.22
CA LYS B 63 -11.92 -7.55 -3.44
C LYS B 63 -12.09 -6.08 -3.22
N GLU B 64 -12.22 -5.36 -4.31
CA GLU B 64 -12.46 -3.92 -4.28
C GLU B 64 -13.74 -3.63 -3.55
N HIS B 65 -14.70 -4.50 -3.72
CA HIS B 65 -16.01 -4.35 -3.11
C HIS B 65 -16.20 -5.25 -1.90
N ALA B 66 -15.11 -5.77 -1.35
CA ALA B 66 -15.20 -6.57 -0.14
C ALA B 66 -15.14 -5.62 1.03
N GLU B 67 -15.28 -6.11 2.22
CA GLU B 67 -15.15 -5.24 3.35
C GLU B 67 -13.69 -5.12 3.70
N ASP B 68 -13.34 -4.06 4.36
CA ASP B 68 -11.99 -3.80 4.73
C ASP B 68 -11.69 -4.35 6.08
N PHE B 69 -10.72 -5.18 6.11
CA PHE B 69 -10.33 -5.93 7.27
C PHE B 69 -9.24 -5.18 7.96
N LEU B 70 -9.38 -5.03 9.25
CA LEU B 70 -8.48 -4.22 10.07
C LEU B 70 -7.03 -4.70 10.06
N VAL B 71 -6.85 -6.00 9.82
CA VAL B 71 -5.55 -6.72 9.79
C VAL B 71 -4.53 -6.32 10.88
N ASN B 72 -3.35 -6.87 10.80
CA ASN B 72 -2.30 -6.52 11.71
C ASN B 72 -1.29 -5.66 11.00
N THR B 73 -0.78 -4.69 11.66
CA THR B 73 0.12 -3.74 11.07
C THR B 73 1.25 -3.37 12.03
N THR B 74 2.38 -3.03 11.48
CA THR B 74 3.48 -2.47 12.22
C THR B 74 3.86 -1.18 11.50
N VAL B 75 4.27 -0.18 12.21
CA VAL B 75 4.59 1.10 11.62
C VAL B 75 6.02 1.42 11.88
N GLU B 76 6.80 1.43 10.85
CA GLU B 76 8.19 1.73 10.97
C GLU B 76 8.53 2.96 10.21
N GLY B 77 8.68 4.04 10.95
CA GLY B 77 9.05 5.32 10.40
C GLY B 77 7.93 5.93 9.59
N ASN B 78 7.96 5.67 8.32
CA ASN B 78 6.98 6.18 7.39
C ASN B 78 6.41 5.05 6.56
N THR B 79 6.61 3.85 7.02
CA THR B 79 6.21 2.70 6.28
C THR B 79 5.25 1.85 7.10
N LEU B 80 4.11 1.54 6.51
CA LEU B 80 3.15 0.66 7.13
C LEU B 80 3.49 -0.74 6.70
N ILE B 81 3.68 -1.58 7.64
CA ILE B 81 3.94 -2.97 7.38
C ILE B 81 2.67 -3.73 7.66
N VAL B 82 1.96 -4.05 6.62
CA VAL B 82 0.73 -4.79 6.74
C VAL B 82 1.07 -6.25 6.77
N HIS B 83 0.72 -6.89 7.85
CA HIS B 83 1.00 -8.28 7.97
C HIS B 83 -0.03 -9.05 7.19
N GLY B 84 0.38 -9.48 6.03
CA GLY B 84 -0.49 -10.27 5.20
C GLY B 84 -0.75 -9.59 3.87
N THR B 85 -0.49 -10.28 2.80
CA THR B 85 -0.66 -9.77 1.49
C THR B 85 -2.05 -10.08 0.93
N TYR B 86 -2.70 -9.06 0.47
CA TYR B 86 -4.03 -9.16 -0.08
C TYR B 86 -4.02 -8.52 -1.45
N PRO B 87 -4.93 -8.91 -2.34
CA PRO B 87 -5.01 -8.33 -3.68
C PRO B 87 -5.34 -6.83 -3.67
N PHE B 88 -6.02 -6.38 -2.62
CA PHE B 88 -6.39 -4.99 -2.50
C PHE B 88 -6.15 -4.55 -1.07
N LEU B 89 -5.67 -3.36 -0.91
CA LEU B 89 -5.45 -2.80 0.42
C LEU B 89 -6.13 -1.47 0.49
N VAL B 90 -6.41 -0.99 1.67
CA VAL B 90 -7.11 0.26 1.84
C VAL B 90 -6.49 1.01 3.00
N VAL B 91 -6.06 2.21 2.77
CA VAL B 91 -5.46 3.00 3.83
C VAL B 91 -6.43 4.13 4.15
N ARG B 92 -6.76 4.29 5.40
CA ARG B 92 -7.77 5.21 5.80
C ARG B 92 -7.19 6.18 6.80
N HIS B 93 -7.17 7.40 6.44
CA HIS B 93 -6.67 8.47 7.26
C HIS B 93 -7.85 9.30 7.65
N GLY B 94 -8.34 9.10 8.84
CA GLY B 94 -9.50 9.82 9.33
C GLY B 94 -10.74 9.59 8.47
N ASP B 95 -11.07 10.56 7.64
CA ASP B 95 -12.23 10.45 6.75
C ASP B 95 -11.80 10.42 5.28
N ASN B 96 -10.50 10.34 5.06
CA ASN B 96 -9.95 10.24 3.71
C ASN B 96 -9.40 8.87 3.55
N VAL B 97 -9.39 8.35 2.38
CA VAL B 97 -9.01 6.98 2.20
C VAL B 97 -8.47 6.75 0.78
N VAL B 98 -7.54 5.83 0.65
CA VAL B 98 -6.99 5.45 -0.63
C VAL B 98 -6.94 3.93 -0.77
N GLY B 99 -7.32 3.43 -1.93
CA GLY B 99 -7.29 2.02 -2.18
C GLY B 99 -6.09 1.66 -3.00
N LEU B 100 -5.47 0.58 -2.67
CA LEU B 100 -4.28 0.10 -3.34
C LEU B 100 -4.58 -1.23 -3.99
N ARG B 101 -4.11 -1.39 -5.18
CA ARG B 101 -4.32 -2.58 -5.95
C ARG B 101 -3.03 -3.30 -6.15
N ARG B 102 -2.96 -4.53 -5.71
CA ARG B 102 -1.80 -5.33 -5.90
C ARG B 102 -1.98 -6.01 -7.25
N ASN B 103 -1.07 -5.79 -8.12
CA ASN B 103 -1.19 -6.30 -9.49
C ASN B 103 -0.72 -7.71 -9.60
N LYS B 104 -1.66 -8.60 -9.82
CA LYS B 104 -1.40 -10.02 -9.88
C LYS B 104 -0.56 -10.41 -11.09
N GLN B 105 0.20 -11.45 -10.93
CA GLN B 105 0.97 -12.02 -11.99
C GLN B 105 0.15 -13.14 -12.57
N LYS B 106 -0.22 -13.01 -13.81
CA LYS B 106 -1.05 -13.98 -14.45
C LYS B 106 -0.20 -14.84 -15.35
N THR A 2 -26.84 10.21 -3.33
CA THR A 2 -26.18 11.33 -2.72
C THR A 2 -24.87 10.84 -2.13
N LYS A 3 -23.76 11.34 -2.63
CA LYS A 3 -22.46 10.92 -2.15
C LYS A 3 -21.41 12.00 -2.38
N PRO A 4 -21.19 12.86 -1.38
CA PRO A 4 -20.12 13.84 -1.43
C PRO A 4 -18.86 13.33 -0.71
N ALA A 5 -18.92 12.10 -0.25
CA ALA A 5 -17.84 11.49 0.51
C ALA A 5 -16.82 10.85 -0.43
N PRO A 6 -15.52 11.04 -0.17
CA PRO A 6 -14.47 10.46 -0.98
C PRO A 6 -14.32 8.95 -0.76
N ASP A 7 -14.04 8.27 -1.83
CA ASP A 7 -13.83 6.83 -1.83
C ASP A 7 -12.64 6.55 -2.72
N PHE A 8 -12.32 5.31 -2.92
CA PHE A 8 -11.17 4.97 -3.72
C PHE A 8 -11.58 4.78 -5.18
N GLY A 9 -10.86 5.42 -6.04
CA GLY A 9 -11.14 5.36 -7.42
C GLY A 9 -10.77 6.65 -8.04
N GLY A 10 -11.33 6.96 -9.17
CA GLY A 10 -11.09 8.21 -9.81
C GLY A 10 -9.84 8.15 -10.64
N ARG A 11 -8.72 8.05 -9.99
CA ARG A 11 -7.45 8.01 -10.66
C ARG A 11 -6.63 6.85 -10.21
N TRP A 12 -6.69 5.78 -10.97
CA TRP A 12 -5.82 4.65 -10.78
C TRP A 12 -4.45 4.99 -11.35
N LYS A 13 -3.52 5.20 -10.48
CA LYS A 13 -2.16 5.53 -10.86
C LYS A 13 -1.25 4.52 -10.21
N HIS A 14 -0.14 4.23 -10.83
CA HIS A 14 0.79 3.27 -10.27
C HIS A 14 1.53 3.91 -9.09
N VAL A 15 1.89 3.11 -8.12
CA VAL A 15 2.62 3.62 -6.96
C VAL A 15 3.95 2.86 -6.78
N ASN A 16 4.37 2.21 -7.84
CA ASN A 16 5.62 1.47 -7.85
C ASN A 16 6.80 2.43 -7.94
N HIS A 17 7.35 2.82 -6.79
CA HIS A 17 8.46 3.80 -6.74
C HIS A 17 8.07 5.18 -7.31
N PHE A 18 7.38 5.96 -6.50
CA PHE A 18 7.00 7.34 -6.82
C PHE A 18 7.34 8.20 -5.65
N ASP A 19 8.28 7.71 -4.89
CA ASP A 19 8.78 8.34 -3.70
C ASP A 19 9.82 9.34 -4.08
N GLU A 20 10.63 8.96 -5.02
CA GLU A 20 11.64 9.81 -5.50
C GLU A 20 11.09 10.58 -6.69
N ALA A 21 10.86 9.85 -7.78
CA ALA A 21 10.35 10.39 -9.04
C ALA A 21 11.20 11.55 -9.54
N PRO A 22 12.28 11.23 -10.28
CA PRO A 22 13.18 12.25 -10.83
C PRO A 22 12.46 13.24 -11.75
N THR A 23 11.95 12.78 -12.86
CA THR A 23 11.27 13.68 -13.77
C THR A 23 10.03 13.01 -14.38
N GLU A 24 8.87 13.34 -13.86
CA GLU A 24 7.62 12.87 -14.40
C GLU A 24 6.58 13.92 -14.05
N GLY B 1 31.15 7.82 -18.56
CA GLY B 1 30.90 6.47 -19.08
C GLY B 1 29.45 6.29 -19.43
N SER B 2 28.80 5.35 -18.81
CA SER B 2 27.40 5.07 -19.09
C SER B 2 26.49 6.06 -18.35
N HIS B 3 27.09 6.74 -17.35
CA HIS B 3 26.39 7.68 -16.47
C HIS B 3 25.47 6.97 -15.52
N MET B 4 25.64 5.65 -15.45
CA MET B 4 24.88 4.84 -14.56
C MET B 4 25.46 4.96 -13.17
N ASN B 5 24.85 5.79 -12.38
CA ASN B 5 25.31 6.08 -11.03
C ASN B 5 24.60 5.22 -10.01
N ALA B 6 24.14 4.13 -10.50
CA ALA B 6 23.47 3.13 -9.70
C ALA B 6 24.20 1.80 -9.84
N LYS B 7 23.83 0.85 -9.02
CA LYS B 7 24.43 -0.46 -9.04
C LYS B 7 23.59 -1.35 -9.93
N ILE B 8 24.07 -2.51 -10.17
CA ILE B 8 23.34 -3.47 -10.95
C ILE B 8 22.47 -4.26 -9.98
N LEU B 9 21.22 -4.00 -10.05
CA LEU B 9 20.26 -4.62 -9.18
C LEU B 9 19.68 -5.84 -9.84
N LYS B 10 19.61 -6.92 -9.12
CA LYS B 10 19.05 -8.14 -9.65
C LYS B 10 17.59 -8.29 -9.21
N ASP B 11 16.98 -9.37 -9.65
CA ASP B 11 15.58 -9.68 -9.35
C ASP B 11 15.41 -10.04 -7.89
N ARG B 12 14.33 -9.54 -7.31
CA ARG B 12 14.02 -9.81 -5.91
C ARG B 12 12.58 -10.26 -5.82
N ARG B 13 12.14 -10.57 -4.61
CA ARG B 13 10.77 -11.00 -4.39
C ARG B 13 9.92 -9.82 -3.93
N TYR B 14 10.54 -8.68 -3.92
CA TYR B 14 9.84 -7.46 -3.60
C TYR B 14 8.97 -7.09 -4.77
N TYR B 15 7.69 -7.23 -4.60
CA TYR B 15 6.75 -6.97 -5.63
C TYR B 15 6.31 -5.53 -5.49
N TYR B 16 6.66 -4.71 -6.45
CA TYR B 16 6.41 -3.27 -6.36
C TYR B 16 5.15 -2.87 -7.07
N ASP B 17 4.56 -3.78 -7.79
CA ASP B 17 3.45 -3.40 -8.61
C ASP B 17 2.19 -3.31 -7.80
N TYR B 18 1.75 -2.10 -7.65
CA TYR B 18 0.60 -1.71 -6.88
C TYR B 18 0.07 -0.46 -7.49
N ASP B 19 -1.20 -0.26 -7.42
CA ASP B 19 -1.79 0.94 -7.94
C ASP B 19 -2.56 1.59 -6.84
N TYR B 20 -2.70 2.89 -6.87
CA TYR B 20 -3.48 3.56 -5.88
C TYR B 20 -4.56 4.35 -6.58
N ALA B 21 -5.68 4.47 -5.95
CA ALA B 21 -6.76 5.27 -6.42
C ALA B 21 -7.37 6.00 -5.26
N THR B 22 -7.61 7.25 -5.45
CA THR B 22 -8.21 8.08 -4.45
C THR B 22 -8.62 9.39 -5.08
N ARG B 23 -9.51 10.09 -4.42
CA ARG B 23 -9.96 11.37 -4.89
C ARG B 23 -9.21 12.48 -4.18
N THR B 24 -8.28 12.09 -3.32
CA THR B 24 -7.48 13.06 -2.63
C THR B 24 -6.19 13.26 -3.42
N LYS B 25 -5.56 14.38 -3.22
CA LYS B 25 -4.29 14.69 -3.84
C LYS B 25 -3.29 15.04 -2.77
N LYS B 26 -3.64 14.72 -1.54
CA LYS B 26 -2.77 15.00 -0.44
C LYS B 26 -1.68 13.96 -0.39
N SER B 27 -0.48 14.40 -0.63
CA SER B 27 0.69 13.54 -0.69
C SER B 27 1.03 12.91 0.67
N TRP B 28 0.37 13.40 1.69
CA TRP B 28 0.53 12.89 3.03
C TRP B 28 -0.55 11.87 3.37
N LEU B 29 -1.39 11.61 2.40
CA LEU B 29 -2.43 10.60 2.50
C LEU B 29 -2.14 9.50 1.48
N ILE B 30 -1.46 9.90 0.42
CA ILE B 30 -1.10 9.00 -0.65
C ILE B 30 0.30 8.43 -0.42
N PRO B 31 0.45 7.10 -0.51
CA PRO B 31 1.75 6.42 -0.36
C PRO B 31 2.78 6.86 -1.40
N SER B 32 4.02 6.81 -1.01
CA SER B 32 5.12 7.19 -1.81
C SER B 32 5.68 5.96 -2.55
N ARG B 33 5.67 4.82 -1.86
CA ARG B 33 6.22 3.59 -2.42
C ARG B 33 5.48 2.43 -1.80
N VAL B 34 4.99 1.51 -2.58
CA VAL B 34 4.33 0.35 -2.03
C VAL B 34 4.89 -0.89 -2.67
N TYR B 35 5.32 -1.83 -1.87
CA TYR B 35 5.88 -3.08 -2.34
C TYR B 35 5.83 -4.11 -1.25
N ASP B 36 5.59 -5.34 -1.58
CA ASP B 36 5.57 -6.40 -0.58
C ASP B 36 6.68 -7.35 -0.79
N ASP B 37 6.88 -8.15 0.19
CA ASP B 37 7.78 -9.25 0.10
C ASP B 37 7.07 -10.41 0.70
N GLY B 38 6.66 -11.34 -0.13
CA GLY B 38 6.03 -12.57 0.29
C GLY B 38 4.61 -12.38 0.85
N LYS B 39 4.54 -11.65 1.94
CA LYS B 39 3.36 -11.46 2.73
C LYS B 39 3.38 -10.09 3.37
N PHE B 40 4.54 -9.61 3.71
CA PHE B 40 4.64 -8.34 4.37
C PHE B 40 4.63 -7.24 3.35
N THR B 41 3.67 -6.40 3.43
CA THR B 41 3.52 -5.33 2.49
C THR B 41 4.07 -4.07 3.11
N TYR B 42 5.07 -3.51 2.49
CA TYR B 42 5.73 -2.32 2.96
C TYR B 42 5.17 -1.12 2.24
N ILE B 43 4.51 -0.27 2.96
CA ILE B 43 3.90 0.89 2.40
C ILE B 43 4.60 2.12 2.94
N ASN B 44 5.44 2.72 2.13
CA ASN B 44 6.15 3.93 2.49
C ASN B 44 5.21 5.07 2.31
N MET B 45 4.87 5.71 3.38
CA MET B 45 3.92 6.80 3.32
C MET B 45 4.45 7.99 4.08
N ASP B 46 3.75 9.09 4.00
CA ASP B 46 4.16 10.32 4.67
C ASP B 46 3.57 10.31 6.09
N LEU B 47 3.88 9.25 6.83
CA LEU B 47 3.32 9.03 8.19
C LEU B 47 3.91 9.98 9.21
N THR B 48 4.94 10.66 8.80
CA THR B 48 5.64 11.64 9.60
C THR B 48 4.78 12.89 9.85
N ARG B 49 3.65 12.94 9.17
CA ARG B 49 2.69 14.03 9.29
C ARG B 49 1.69 13.69 10.37
N PHE B 50 1.82 12.50 10.88
CA PHE B 50 0.96 12.00 11.92
C PHE B 50 1.76 11.77 13.19
N PRO B 51 1.73 12.76 14.09
CA PRO B 51 2.47 12.70 15.32
C PRO B 51 1.68 12.09 16.48
N THR B 52 2.38 11.88 17.58
CA THR B 52 1.84 11.36 18.83
C THR B 52 1.29 9.92 18.66
N GLY B 53 1.80 9.24 17.65
CA GLY B 53 1.38 7.88 17.38
C GLY B 53 0.02 7.81 16.70
N ASN B 54 -0.42 8.93 16.14
CA ASN B 54 -1.73 9.00 15.48
C ASN B 54 -1.63 8.57 14.04
N PHE B 55 -0.98 7.46 13.83
CA PHE B 55 -0.80 6.87 12.53
C PHE B 55 -2.16 6.45 11.98
N PRO B 56 -2.35 6.55 10.66
CA PRO B 56 -3.61 6.18 10.02
C PRO B 56 -3.90 4.69 10.14
N ALA B 57 -5.13 4.35 9.88
CA ALA B 57 -5.54 2.99 9.97
C ALA B 57 -5.54 2.39 8.59
N VAL B 58 -4.80 1.34 8.42
CA VAL B 58 -4.74 0.66 7.17
C VAL B 58 -5.56 -0.61 7.28
N PHE B 59 -6.30 -0.86 6.26
CA PHE B 59 -7.15 -2.00 6.18
C PHE B 59 -6.81 -2.76 4.94
N ALA B 60 -7.24 -3.95 4.91
CA ALA B 60 -7.04 -4.83 3.81
C ALA B 60 -8.37 -5.29 3.34
N ARG B 61 -8.48 -5.56 2.08
CA ARG B 61 -9.69 -6.12 1.54
C ARG B 61 -9.37 -7.31 0.67
N GLU B 62 -10.22 -8.31 0.72
CA GLU B 62 -10.03 -9.49 -0.09
C GLU B 62 -10.71 -9.35 -1.43
N LYS B 63 -11.52 -8.33 -1.55
CA LYS B 63 -12.17 -7.96 -2.77
C LYS B 63 -12.36 -6.48 -2.65
N GLU B 64 -12.57 -5.80 -3.73
CA GLU B 64 -12.70 -4.34 -3.69
C GLU B 64 -13.99 -3.94 -2.99
N HIS B 65 -14.98 -4.79 -3.09
CA HIS B 65 -16.26 -4.55 -2.46
C HIS B 65 -16.39 -5.34 -1.16
N ALA B 66 -15.26 -5.80 -0.62
CA ALA B 66 -15.27 -6.54 0.63
C ALA B 66 -15.20 -5.56 1.78
N GLU B 67 -15.24 -6.05 2.97
CA GLU B 67 -15.16 -5.19 4.13
C GLU B 67 -13.70 -4.84 4.40
N ASP B 68 -13.51 -3.81 5.16
CA ASP B 68 -12.20 -3.36 5.54
C ASP B 68 -11.73 -4.17 6.72
N PHE B 69 -10.67 -4.90 6.52
CA PHE B 69 -10.08 -5.69 7.58
C PHE B 69 -8.97 -4.92 8.19
N LEU B 70 -8.99 -4.81 9.49
CA LEU B 70 -8.01 -4.00 10.21
C LEU B 70 -6.63 -4.64 10.19
N VAL B 71 -6.63 -5.96 9.87
CA VAL B 71 -5.45 -6.83 9.75
C VAL B 71 -4.34 -6.56 10.79
N ASN B 72 -3.18 -7.05 10.54
CA ASN B 72 -2.06 -6.79 11.40
C ASN B 72 -1.06 -5.96 10.66
N THR B 73 -0.66 -4.92 11.26
CA THR B 73 0.24 -3.99 10.64
C THR B 73 1.24 -3.46 11.66
N THR B 74 2.49 -3.41 11.27
CA THR B 74 3.51 -2.85 12.09
C THR B 74 3.98 -1.57 11.41
N VAL B 75 4.27 -0.56 12.17
CA VAL B 75 4.69 0.68 11.60
C VAL B 75 6.18 0.95 11.87
N GLU B 76 6.94 0.91 10.82
CA GLU B 76 8.35 1.17 10.89
C GLU B 76 8.64 2.51 10.29
N GLY B 77 8.72 3.46 11.15
CA GLY B 77 9.00 4.82 10.78
C GLY B 77 7.86 5.42 10.01
N ASN B 78 8.00 5.40 8.72
CA ASN B 78 7.00 5.94 7.83
C ASN B 78 6.46 4.83 6.94
N THR B 79 6.71 3.61 7.32
CA THR B 79 6.30 2.47 6.52
C THR B 79 5.31 1.60 7.28
N LEU B 80 4.20 1.30 6.66
CA LEU B 80 3.24 0.38 7.22
C LEU B 80 3.53 -0.99 6.67
N ILE B 81 3.82 -1.90 7.54
CA ILE B 81 4.05 -3.28 7.17
C ILE B 81 2.80 -4.06 7.43
N VAL B 82 2.07 -4.33 6.40
CA VAL B 82 0.85 -5.08 6.52
C VAL B 82 1.19 -6.55 6.44
N HIS B 83 0.91 -7.26 7.48
CA HIS B 83 1.19 -8.64 7.52
C HIS B 83 0.14 -9.38 6.77
N GLY B 84 0.48 -9.73 5.57
CA GLY B 84 -0.42 -10.45 4.73
C GLY B 84 -0.65 -9.70 3.45
N THR B 85 -0.48 -10.36 2.35
CA THR B 85 -0.66 -9.77 1.07
C THR B 85 -2.08 -10.01 0.58
N TYR B 86 -2.78 -8.95 0.34
CA TYR B 86 -4.15 -9.00 -0.10
C TYR B 86 -4.24 -8.33 -1.44
N PRO B 87 -5.20 -8.73 -2.28
CA PRO B 87 -5.37 -8.14 -3.60
C PRO B 87 -5.71 -6.65 -3.54
N PHE B 88 -6.34 -6.23 -2.45
CA PHE B 88 -6.74 -4.85 -2.29
C PHE B 88 -6.46 -4.39 -0.88
N LEU B 89 -6.04 -3.18 -0.74
CA LEU B 89 -5.78 -2.57 0.54
C LEU B 89 -6.43 -1.23 0.56
N VAL B 90 -6.81 -0.77 1.71
CA VAL B 90 -7.47 0.51 1.86
C VAL B 90 -6.89 1.23 3.05
N VAL B 91 -6.33 2.36 2.83
CA VAL B 91 -5.78 3.12 3.91
C VAL B 91 -6.77 4.23 4.24
N ARG B 92 -6.99 4.47 5.50
CA ARG B 92 -8.00 5.41 5.90
C ARG B 92 -7.36 6.46 6.77
N HIS B 93 -7.41 7.66 6.28
CA HIS B 93 -6.84 8.81 6.94
C HIS B 93 -7.94 9.79 7.23
N GLY B 94 -8.37 9.81 8.46
CA GLY B 94 -9.44 10.69 8.87
C GLY B 94 -10.72 10.40 8.11
N ASP B 95 -11.05 11.24 7.17
CA ASP B 95 -12.26 11.10 6.39
C ASP B 95 -11.93 10.80 4.93
N ASN B 96 -10.66 10.66 4.65
CA ASN B 96 -10.20 10.35 3.30
C ASN B 96 -9.67 8.94 3.25
N VAL B 97 -9.78 8.31 2.12
CA VAL B 97 -9.34 6.94 1.96
C VAL B 97 -8.57 6.78 0.68
N VAL B 98 -7.64 5.88 0.67
CA VAL B 98 -6.86 5.58 -0.51
C VAL B 98 -6.92 4.09 -0.73
N GLY B 99 -7.28 3.69 -1.93
CA GLY B 99 -7.36 2.30 -2.24
C GLY B 99 -6.17 1.87 -3.02
N LEU B 100 -5.55 0.85 -2.58
CA LEU B 100 -4.39 0.30 -3.21
C LEU B 100 -4.74 -1.07 -3.71
N ARG B 101 -4.24 -1.43 -4.82
CA ARG B 101 -4.44 -2.75 -5.29
C ARG B 101 -3.12 -3.39 -5.53
N ARG B 102 -3.04 -4.64 -5.22
CA ARG B 102 -1.86 -5.38 -5.46
C ARG B 102 -2.03 -6.02 -6.79
N ASN B 103 -1.08 -5.87 -7.64
CA ASN B 103 -1.18 -6.50 -8.92
C ASN B 103 -1.01 -7.99 -8.80
N LYS B 104 -1.87 -8.71 -9.44
CA LYS B 104 -1.85 -10.16 -9.41
C LYS B 104 -0.68 -10.72 -10.17
N GLN B 105 -0.33 -11.95 -9.87
CA GLN B 105 0.69 -12.64 -10.58
C GLN B 105 0.03 -13.38 -11.72
N LYS B 106 0.11 -12.81 -12.87
CA LYS B 106 -0.43 -13.40 -14.05
C LYS B 106 0.70 -14.00 -14.83
N THR A 2 -16.76 4.81 -17.13
CA THR A 2 -16.26 4.13 -15.95
C THR A 2 -17.37 4.07 -14.89
N LYS A 3 -17.01 3.68 -13.70
CA LYS A 3 -17.93 3.50 -12.62
C LYS A 3 -17.29 4.17 -11.45
N PRO A 4 -17.90 5.18 -10.90
CA PRO A 4 -17.33 5.88 -9.80
C PRO A 4 -17.58 5.15 -8.48
N ALA A 5 -16.58 4.39 -8.11
CA ALA A 5 -16.60 3.57 -6.94
C ALA A 5 -16.44 4.40 -5.67
N PRO A 6 -17.09 3.98 -4.58
CA PRO A 6 -16.99 4.66 -3.30
C PRO A 6 -15.63 4.42 -2.65
N ASP A 7 -15.21 5.39 -1.85
CA ASP A 7 -13.94 5.34 -1.11
C ASP A 7 -12.72 5.52 -2.01
N PHE A 8 -12.42 4.54 -2.81
CA PHE A 8 -11.27 4.60 -3.66
C PHE A 8 -11.65 4.38 -5.09
N GLY A 9 -11.11 5.20 -5.94
CA GLY A 9 -11.36 5.13 -7.33
C GLY A 9 -11.17 6.47 -7.91
N GLY A 10 -11.67 6.67 -9.11
CA GLY A 10 -11.57 7.94 -9.76
C GLY A 10 -10.24 8.14 -10.42
N ARG A 11 -9.19 8.06 -9.64
CA ARG A 11 -7.85 8.24 -10.12
C ARG A 11 -7.00 7.05 -9.79
N TRP A 12 -6.94 6.12 -10.70
CA TRP A 12 -6.06 4.97 -10.58
C TRP A 12 -4.69 5.28 -11.16
N LYS A 13 -3.72 5.48 -10.28
CA LYS A 13 -2.36 5.79 -10.70
C LYS A 13 -1.38 4.79 -10.10
N HIS A 14 -0.38 4.38 -10.87
CA HIS A 14 0.62 3.43 -10.38
C HIS A 14 1.46 4.05 -9.27
N VAL A 15 1.87 3.22 -8.35
CA VAL A 15 2.71 3.64 -7.25
C VAL A 15 3.84 2.61 -7.09
N ASN A 16 4.15 1.99 -8.22
CA ASN A 16 5.20 0.97 -8.34
C ASN A 16 6.56 1.59 -8.07
N HIS A 17 6.95 1.58 -6.79
CA HIS A 17 8.22 2.12 -6.30
C HIS A 17 8.40 3.61 -6.70
N PHE A 18 7.86 4.50 -5.87
CA PHE A 18 7.87 5.97 -6.05
C PHE A 18 6.69 6.48 -6.88
N ASP A 19 6.01 7.46 -6.34
CA ASP A 19 4.87 8.08 -6.99
C ASP A 19 5.37 9.10 -7.97
N GLU A 20 6.53 9.63 -7.65
CA GLU A 20 7.17 10.60 -8.48
C GLU A 20 8.12 9.95 -9.48
N ALA A 21 7.88 8.67 -9.75
CA ALA A 21 8.63 7.96 -10.77
C ALA A 21 7.83 8.02 -12.07
N PRO A 22 8.23 8.87 -13.02
CA PRO A 22 7.50 9.07 -14.24
C PRO A 22 7.66 7.91 -15.24
N THR A 23 6.56 7.33 -15.60
CA THR A 23 6.56 6.27 -16.57
C THR A 23 6.04 6.81 -17.91
N GLU A 24 5.17 7.79 -17.84
CA GLU A 24 4.61 8.44 -18.99
C GLU A 24 4.06 9.80 -18.59
N GLY B 1 40.38 -12.14 13.07
CA GLY B 1 39.13 -11.96 12.36
C GLY B 1 38.43 -10.73 12.85
N SER B 2 37.16 -10.67 12.64
CA SER B 2 36.38 -9.53 13.06
C SER B 2 35.35 -9.92 14.12
N HIS B 3 35.16 -11.24 14.29
CA HIS B 3 34.16 -11.82 15.20
C HIS B 3 32.75 -11.50 14.76
N MET B 4 32.63 -11.12 13.51
CA MET B 4 31.37 -10.84 12.88
C MET B 4 31.10 -11.92 11.87
N ASN B 5 29.89 -12.38 11.85
CA ASN B 5 29.53 -13.43 10.92
C ASN B 5 29.03 -12.81 9.63
N ALA B 6 29.59 -13.27 8.53
CA ALA B 6 29.24 -12.76 7.23
C ALA B 6 28.02 -13.47 6.71
N LYS B 7 26.92 -12.79 6.76
CA LYS B 7 25.68 -13.32 6.29
C LYS B 7 25.57 -13.05 4.83
N ILE B 8 25.40 -14.08 4.05
CA ILE B 8 25.18 -13.91 2.64
C ILE B 8 23.76 -13.47 2.49
N LEU B 9 23.63 -12.23 2.19
CA LEU B 9 22.35 -11.57 2.12
C LEU B 9 21.59 -12.02 0.93
N LYS B 10 20.39 -12.38 1.17
CA LYS B 10 19.54 -12.92 0.17
C LYS B 10 18.39 -11.96 -0.06
N ASP B 11 18.45 -11.24 -1.16
CA ASP B 11 17.43 -10.27 -1.48
C ASP B 11 16.13 -10.98 -1.82
N ARG B 12 15.09 -10.47 -1.30
CA ARG B 12 13.80 -11.11 -1.43
C ARG B 12 13.09 -10.65 -2.70
N ARG B 13 11.97 -11.27 -3.00
CA ARG B 13 11.22 -10.89 -4.18
C ARG B 13 10.13 -9.94 -3.80
N TYR B 14 10.51 -8.70 -3.73
CA TYR B 14 9.60 -7.65 -3.41
C TYR B 14 8.72 -7.40 -4.60
N TYR B 15 7.44 -7.37 -4.37
CA TYR B 15 6.50 -7.15 -5.42
C TYR B 15 6.16 -5.68 -5.41
N TYR B 16 6.56 -4.99 -6.44
CA TYR B 16 6.44 -3.54 -6.51
C TYR B 16 5.22 -3.11 -7.30
N ASP B 17 4.59 -4.05 -8.01
CA ASP B 17 3.47 -3.66 -8.87
C ASP B 17 2.24 -3.36 -8.03
N TYR B 18 1.90 -2.08 -8.02
CA TYR B 18 0.82 -1.53 -7.22
C TYR B 18 0.28 -0.27 -7.85
N ASP B 19 -0.99 -0.03 -7.66
CA ASP B 19 -1.64 1.19 -8.10
C ASP B 19 -2.44 1.70 -6.95
N TYR B 20 -2.69 2.96 -6.89
CA TYR B 20 -3.55 3.51 -5.87
C TYR B 20 -4.68 4.28 -6.51
N ALA B 21 -5.75 4.39 -5.80
CA ALA B 21 -6.85 5.19 -6.19
C ALA B 21 -7.36 5.90 -4.98
N THR B 22 -7.78 7.10 -5.15
CA THR B 22 -8.25 7.87 -4.05
C THR B 22 -8.98 9.09 -4.58
N ARG B 23 -9.63 9.78 -3.69
CA ARG B 23 -10.33 10.97 -4.04
C ARG B 23 -9.59 12.16 -3.45
N THR B 24 -8.49 11.88 -2.79
CA THR B 24 -7.67 12.92 -2.22
C THR B 24 -6.57 13.30 -3.19
N LYS B 25 -6.05 14.50 -3.02
CA LYS B 25 -4.96 14.99 -3.82
C LYS B 25 -3.82 15.35 -2.90
N LYS B 26 -3.93 14.92 -1.67
CA LYS B 26 -2.93 15.21 -0.69
C LYS B 26 -1.90 14.12 -0.66
N SER B 27 -0.71 14.44 -1.08
CA SER B 27 0.39 13.49 -1.13
C SER B 27 0.94 13.13 0.27
N TRP B 28 0.33 13.66 1.30
CA TRP B 28 0.65 13.30 2.66
C TRP B 28 -0.40 12.33 3.19
N LEU B 29 -1.29 11.95 2.30
CA LEU B 29 -2.34 10.98 2.60
C LEU B 29 -2.17 9.79 1.64
N ILE B 30 -1.54 10.05 0.51
CA ILE B 30 -1.29 9.04 -0.50
C ILE B 30 0.10 8.42 -0.28
N PRO B 31 0.23 7.08 -0.49
CA PRO B 31 1.51 6.40 -0.38
C PRO B 31 2.49 6.84 -1.46
N SER B 32 3.76 6.82 -1.12
CA SER B 32 4.79 7.20 -2.05
C SER B 32 5.50 5.97 -2.62
N ARG B 33 5.44 4.86 -1.91
CA ARG B 33 6.12 3.65 -2.33
C ARG B 33 5.38 2.47 -1.76
N VAL B 34 5.08 1.48 -2.55
CA VAL B 34 4.40 0.31 -2.04
C VAL B 34 5.05 -0.93 -2.62
N TYR B 35 5.40 -1.88 -1.78
CA TYR B 35 5.94 -3.16 -2.21
C TYR B 35 5.81 -4.19 -1.09
N ASP B 36 5.47 -5.39 -1.42
CA ASP B 36 5.37 -6.45 -0.41
C ASP B 36 6.43 -7.47 -0.62
N ASP B 37 6.59 -8.27 0.38
CA ASP B 37 7.42 -9.42 0.31
C ASP B 37 6.72 -10.54 1.01
N GLY B 38 6.31 -11.53 0.23
CA GLY B 38 5.64 -12.71 0.73
C GLY B 38 4.25 -12.44 1.31
N LYS B 39 4.22 -11.66 2.35
CA LYS B 39 3.08 -11.36 3.13
C LYS B 39 3.17 -9.92 3.58
N PHE B 40 4.33 -9.51 3.97
CA PHE B 40 4.50 -8.22 4.56
C PHE B 40 4.48 -7.18 3.50
N THR B 41 3.51 -6.35 3.57
CA THR B 41 3.32 -5.33 2.59
C THR B 41 3.87 -4.04 3.16
N TYR B 42 4.88 -3.52 2.55
CA TYR B 42 5.54 -2.31 2.99
C TYR B 42 5.00 -1.13 2.23
N ILE B 43 4.27 -0.31 2.91
CA ILE B 43 3.67 0.85 2.32
C ILE B 43 4.32 2.09 2.89
N ASN B 44 5.15 2.72 2.13
CA ASN B 44 5.78 3.95 2.55
C ASN B 44 4.83 5.06 2.30
N MET B 45 4.41 5.68 3.35
CA MET B 45 3.46 6.75 3.25
C MET B 45 3.99 7.91 4.01
N ASP B 46 3.28 9.00 4.03
CA ASP B 46 3.76 10.18 4.71
C ASP B 46 3.26 10.15 6.15
N LEU B 47 3.62 9.08 6.84
CA LEU B 47 3.22 8.87 8.23
C LEU B 47 3.98 9.80 9.13
N THR B 48 4.96 10.42 8.56
CA THR B 48 5.83 11.37 9.19
C THR B 48 5.09 12.66 9.55
N ARG B 49 3.89 12.79 9.04
CA ARG B 49 3.05 13.94 9.35
C ARG B 49 2.28 13.68 10.64
N PHE B 50 2.31 12.45 11.08
CA PHE B 50 1.54 12.04 12.24
C PHE B 50 2.44 11.65 13.40
N PRO B 51 2.66 12.58 14.33
CA PRO B 51 3.43 12.34 15.52
C PRO B 51 2.53 11.91 16.70
N THR B 52 3.16 11.57 17.83
CA THR B 52 2.47 11.22 19.08
C THR B 52 1.68 9.89 18.93
N GLY B 53 2.02 9.11 17.91
CA GLY B 53 1.33 7.88 17.66
C GLY B 53 -0.03 8.09 17.01
N ASN B 54 -0.26 9.28 16.48
CA ASN B 54 -1.54 9.64 15.81
C ASN B 54 -1.58 9.12 14.38
N PHE B 55 -1.10 7.90 14.21
CA PHE B 55 -0.98 7.24 12.93
C PHE B 55 -2.35 6.89 12.34
N PRO B 56 -2.42 6.78 11.00
CA PRO B 56 -3.65 6.44 10.29
C PRO B 56 -4.05 4.97 10.43
N ALA B 57 -5.25 4.68 10.00
CA ALA B 57 -5.77 3.36 10.06
C ALA B 57 -5.53 2.69 8.72
N VAL B 58 -5.29 1.43 8.73
CA VAL B 58 -5.08 0.71 7.51
C VAL B 58 -5.96 -0.53 7.52
N PHE B 59 -6.52 -0.82 6.40
CA PHE B 59 -7.37 -1.93 6.23
C PHE B 59 -6.93 -2.70 5.01
N ALA B 60 -7.36 -3.91 4.93
CA ALA B 60 -7.07 -4.75 3.81
C ALA B 60 -8.36 -5.20 3.19
N ARG B 61 -8.32 -5.58 1.94
CA ARG B 61 -9.49 -6.14 1.26
C ARG B 61 -9.12 -7.38 0.47
N GLU B 62 -10.02 -8.34 0.43
CA GLU B 62 -9.79 -9.58 -0.30
C GLU B 62 -10.42 -9.53 -1.70
N LYS B 63 -10.94 -8.37 -2.07
CA LYS B 63 -11.53 -8.11 -3.36
C LYS B 63 -11.68 -6.60 -3.42
N GLU B 64 -11.97 -6.06 -4.60
CA GLU B 64 -12.14 -4.62 -4.79
C GLU B 64 -13.17 -4.09 -3.81
N HIS B 65 -14.26 -4.78 -3.77
CA HIS B 65 -15.40 -4.37 -2.96
C HIS B 65 -15.65 -5.32 -1.80
N ALA B 66 -14.60 -5.98 -1.35
CA ALA B 66 -14.72 -6.83 -0.18
C ALA B 66 -14.76 -5.99 1.08
N GLU B 67 -14.86 -6.64 2.22
CA GLU B 67 -14.87 -5.96 3.48
C GLU B 67 -13.46 -5.42 3.75
N ASP B 68 -13.38 -4.36 4.47
CA ASP B 68 -12.13 -3.77 4.83
C ASP B 68 -11.74 -4.26 6.22
N PHE B 69 -10.67 -5.00 6.26
CA PHE B 69 -10.19 -5.68 7.45
C PHE B 69 -9.22 -4.80 8.18
N LEU B 70 -9.26 -4.82 9.50
CA LEU B 70 -8.41 -4.00 10.34
C LEU B 70 -6.92 -4.40 10.22
N VAL B 71 -6.72 -5.67 9.92
CA VAL B 71 -5.43 -6.38 9.75
C VAL B 71 -4.33 -6.12 10.80
N ASN B 72 -3.29 -6.91 10.71
CA ASN B 72 -2.14 -6.76 11.54
C ASN B 72 -1.14 -5.93 10.79
N THR B 73 -0.77 -4.83 11.35
CA THR B 73 0.15 -3.95 10.70
C THR B 73 1.13 -3.40 11.72
N THR B 74 2.36 -3.29 11.32
CA THR B 74 3.37 -2.71 12.13
C THR B 74 3.75 -1.38 11.48
N VAL B 75 3.96 -0.39 12.27
CA VAL B 75 4.32 0.91 11.79
C VAL B 75 5.76 1.17 12.11
N GLU B 76 6.59 1.23 11.12
CA GLU B 76 7.96 1.52 11.32
C GLU B 76 8.35 2.71 10.49
N GLY B 77 8.68 3.79 11.18
CA GLY B 77 9.07 5.03 10.54
C GLY B 77 7.95 5.66 9.77
N ASN B 78 7.86 5.34 8.53
CA ASN B 78 6.86 5.87 7.64
C ASN B 78 6.28 4.75 6.81
N THR B 79 6.53 3.54 7.23
CA THR B 79 6.12 2.41 6.48
C THR B 79 5.07 1.61 7.25
N LEU B 80 3.96 1.34 6.61
CA LEU B 80 2.96 0.48 7.17
C LEU B 80 3.24 -0.89 6.67
N ILE B 81 3.60 -1.76 7.55
CA ILE B 81 3.89 -3.13 7.21
C ILE B 81 2.67 -3.97 7.50
N VAL B 82 1.91 -4.25 6.49
CA VAL B 82 0.72 -5.06 6.63
C VAL B 82 1.10 -6.52 6.57
N HIS B 83 0.86 -7.22 7.62
CA HIS B 83 1.21 -8.59 7.66
C HIS B 83 0.15 -9.40 6.97
N GLY B 84 0.44 -9.76 5.76
CA GLY B 84 -0.44 -10.57 4.95
C GLY B 84 -0.66 -9.92 3.62
N THR B 85 -0.59 -10.68 2.57
CA THR B 85 -0.77 -10.14 1.24
C THR B 85 -2.21 -10.27 0.77
N TYR B 86 -2.77 -9.16 0.42
CA TYR B 86 -4.14 -9.07 -0.02
C TYR B 86 -4.12 -8.43 -1.39
N PRO B 87 -5.09 -8.76 -2.25
CA PRO B 87 -5.16 -8.16 -3.59
C PRO B 87 -5.45 -6.67 -3.55
N PHE B 88 -6.07 -6.20 -2.47
CA PHE B 88 -6.40 -4.80 -2.32
C PHE B 88 -6.18 -4.38 -0.89
N LEU B 89 -5.73 -3.19 -0.72
CA LEU B 89 -5.53 -2.62 0.59
C LEU B 89 -6.21 -1.28 0.62
N VAL B 90 -6.55 -0.80 1.77
CA VAL B 90 -7.22 0.48 1.91
C VAL B 90 -6.63 1.21 3.09
N VAL B 91 -6.05 2.31 2.88
CA VAL B 91 -5.49 3.08 3.96
C VAL B 91 -6.41 4.25 4.22
N ARG B 92 -6.54 4.64 5.46
CA ARG B 92 -7.43 5.67 5.83
C ARG B 92 -6.70 6.69 6.65
N HIS B 93 -6.64 7.87 6.15
CA HIS B 93 -6.10 8.97 6.86
C HIS B 93 -7.24 9.91 7.15
N GLY B 94 -7.74 9.85 8.37
CA GLY B 94 -8.85 10.69 8.78
C GLY B 94 -10.11 10.42 7.98
N ASP B 95 -10.45 11.35 7.11
CA ASP B 95 -11.64 11.27 6.28
C ASP B 95 -11.34 10.72 4.93
N ASN B 96 -10.08 10.75 4.55
CA ASN B 96 -9.70 10.39 3.20
C ASN B 96 -9.07 9.03 3.18
N VAL B 97 -9.43 8.25 2.20
CA VAL B 97 -8.95 6.88 2.09
C VAL B 97 -8.29 6.64 0.74
N VAL B 98 -7.35 5.75 0.72
CA VAL B 98 -6.63 5.41 -0.49
C VAL B 98 -6.71 3.90 -0.68
N GLY B 99 -7.11 3.48 -1.84
CA GLY B 99 -7.21 2.08 -2.13
C GLY B 99 -6.07 1.66 -2.99
N LEU B 100 -5.39 0.67 -2.55
CA LEU B 100 -4.22 0.17 -3.21
C LEU B 100 -4.53 -1.15 -3.84
N ARG B 101 -4.20 -1.26 -5.08
CA ARG B 101 -4.40 -2.46 -5.82
C ARG B 101 -3.10 -3.17 -5.95
N ARG B 102 -3.02 -4.34 -5.38
CA ARG B 102 -1.87 -5.15 -5.58
C ARG B 102 -2.11 -5.82 -6.87
N ASN B 103 -1.28 -5.55 -7.81
CA ASN B 103 -1.50 -6.05 -9.13
C ASN B 103 -1.37 -7.54 -9.21
N LYS B 104 -2.16 -8.12 -10.12
CA LYS B 104 -2.18 -9.55 -10.35
C LYS B 104 -0.77 -10.03 -10.62
N GLN B 105 -0.45 -11.22 -10.18
CA GLN B 105 0.89 -11.70 -10.30
C GLN B 105 1.15 -12.19 -11.71
N LYS B 106 1.76 -11.34 -12.45
CA LYS B 106 2.09 -11.53 -13.82
C LYS B 106 3.54 -11.97 -13.96
#